data_2JXG
# 
_entry.id   2JXG 
# 
_audit_conform.dict_name       mmcif_pdbx.dic 
_audit_conform.dict_version    5.392 
_audit_conform.dict_location   http://mmcif.pdb.org/dictionaries/ascii/mmcif_pdbx.dic 
# 
loop_
_database_2.database_id 
_database_2.database_code 
_database_2.pdbx_database_accession 
_database_2.pdbx_DOI 
PDB   2JXG         pdb_00002jxg 10.2210/pdb2jxg/pdb 
RCSB  RCSB100412   ?            ?                   
WWPDB D_1000100412 ?            ?                   
# 
loop_
_pdbx_audit_revision_history.ordinal 
_pdbx_audit_revision_history.data_content_type 
_pdbx_audit_revision_history.major_revision 
_pdbx_audit_revision_history.minor_revision 
_pdbx_audit_revision_history.revision_date 
1 'Structure model' 1 0 2008-02-19 
2 'Structure model' 1 1 2011-07-13 
3 'Structure model' 1 2 2022-03-16 
4 'Structure model' 1 3 2024-05-29 
# 
_pdbx_audit_revision_details.ordinal             1 
_pdbx_audit_revision_details.revision_ordinal    1 
_pdbx_audit_revision_details.data_content_type   'Structure model' 
_pdbx_audit_revision_details.provider            repository 
_pdbx_audit_revision_details.type                'Initial release' 
_pdbx_audit_revision_details.description         ? 
_pdbx_audit_revision_details.details             ? 
# 
loop_
_pdbx_audit_revision_group.ordinal 
_pdbx_audit_revision_group.revision_ordinal 
_pdbx_audit_revision_group.data_content_type 
_pdbx_audit_revision_group.group 
1 2 'Structure model' 'Version format compliance' 
2 3 'Structure model' 'Data collection'           
3 3 'Structure model' 'Database references'       
4 3 'Structure model' 'Derived calculations'      
5 4 'Structure model' 'Data collection'           
# 
loop_
_pdbx_audit_revision_category.ordinal 
_pdbx_audit_revision_category.revision_ordinal 
_pdbx_audit_revision_category.data_content_type 
_pdbx_audit_revision_category.category 
1 3 'Structure model' database_2            
2 3 'Structure model' pdbx_nmr_spectrometer 
3 3 'Structure model' pdbx_struct_assembly  
4 3 'Structure model' pdbx_struct_oper_list 
5 4 'Structure model' chem_comp_atom        
6 4 'Structure model' chem_comp_bond        
# 
loop_
_pdbx_audit_revision_item.ordinal 
_pdbx_audit_revision_item.revision_ordinal 
_pdbx_audit_revision_item.data_content_type 
_pdbx_audit_revision_item.item 
1 3 'Structure model' '_database_2.pdbx_DOI'                
2 3 'Structure model' '_database_2.pdbx_database_accession' 
3 3 'Structure model' '_pdbx_nmr_spectrometer.model'        
# 
_pdbx_database_status.deposit_site                    BMRB 
_pdbx_database_status.entry_id                        2JXG 
_pdbx_database_status.process_site                    RCSB 
_pdbx_database_status.recvd_initial_deposition_date   2007-11-19 
_pdbx_database_status.SG_entry                        ? 
_pdbx_database_status.status_code                     REL 
_pdbx_database_status.status_code_mr                  ? 
_pdbx_database_status.status_code_sf                  ? 
_pdbx_database_status.pdb_format_compatible           Y 
_pdbx_database_status.status_code_cs                  ? 
_pdbx_database_status.status_code_nmr_data            ? 
_pdbx_database_status.methods_development_category    ? 
# 
loop_
_pdbx_database_related.db_name 
_pdbx_database_related.db_id 
_pdbx_database_related.details 
_pdbx_database_related.content_type 
PDB 2JXH . unspecified 
PDB 2JXI . unspecified 
# 
loop_
_audit_author.name 
_audit_author.pdbx_ordinal 
'Halouska, S.' 1 
'Zhou, Y.'     2 
'Becker, D.'   3 
'Powers, R.'   4 
# 
_citation.id                        primary 
_citation.title                     'Solution structure of the Pseudomonas putida protein PpPutA45 and its DNA complex' 
_citation.journal_abbrev            Proteins 
_citation.journal_volume            75 
_citation.page_first                12 
_citation.page_last                 27 
_citation.year                      2008 
_citation.journal_id_ASTM           PSFGEY 
_citation.country                   US 
_citation.journal_id_ISSN           0887-3585 
_citation.journal_id_CSD            0867 
_citation.book_publisher            ? 
_citation.pdbx_database_id_PubMed   18767154 
_citation.pdbx_database_id_DOI      10.1002/prot.22217 
# 
loop_
_citation_author.citation_id 
_citation_author.name 
_citation_author.ordinal 
_citation_author.identifier_ORCID 
primary 'Halouska, S.' 1 ? 
primary 'Zhou, Y.'     2 ? 
primary 'Becker, D.F.' 3 ? 
primary 'Powers, R.'   4 ? 
# 
_entity.id                         1 
_entity.type                       polymer 
_entity.src_method                 nat 
_entity.pdbx_description           'Proline dehydrogenase' 
_entity.formula_weight             5191.998 
_entity.pdbx_number_of_molecules   2 
_entity.pdbx_ec                    ? 
_entity.pdbx_mutation              ? 
_entity.pdbx_fragment              'residues 1-45' 
_entity.details                    ? 
# 
_entity_poly.entity_id                      1 
_entity_poly.type                           'polypeptide(L)' 
_entity_poly.nstd_linkage                   no 
_entity_poly.nstd_monomer                   no 
_entity_poly.pdbx_seq_one_letter_code       MATTTLGVKLDDPTRERLKAAAQSIDRTPHWLIKQAIFNYLEKLE 
_entity_poly.pdbx_seq_one_letter_code_can   MATTTLGVKLDDPTRERLKAAAQSIDRTPHWLIKQAIFNYLEKLE 
_entity_poly.pdbx_strand_id                 A,B 
_entity_poly.pdbx_target_identifier         ? 
# 
loop_
_entity_poly_seq.entity_id 
_entity_poly_seq.num 
_entity_poly_seq.mon_id 
_entity_poly_seq.hetero 
1 1  MET n 
1 2  ALA n 
1 3  THR n 
1 4  THR n 
1 5  THR n 
1 6  LEU n 
1 7  GLY n 
1 8  VAL n 
1 9  LYS n 
1 10 LEU n 
1 11 ASP n 
1 12 ASP n 
1 13 PRO n 
1 14 THR n 
1 15 ARG n 
1 16 GLU n 
1 17 ARG n 
1 18 LEU n 
1 19 LYS n 
1 20 ALA n 
1 21 ALA n 
1 22 ALA n 
1 23 GLN n 
1 24 SER n 
1 25 ILE n 
1 26 ASP n 
1 27 ARG n 
1 28 THR n 
1 29 PRO n 
1 30 HIS n 
1 31 TRP n 
1 32 LEU n 
1 33 ILE n 
1 34 LYS n 
1 35 GLN n 
1 36 ALA n 
1 37 ILE n 
1 38 PHE n 
1 39 ASN n 
1 40 TYR n 
1 41 LEU n 
1 42 GLU n 
1 43 LYS n 
1 44 LEU n 
1 45 GLU n 
# 
_entity_src_nat.entity_id                  1 
_entity_src_nat.pdbx_src_id                1 
_entity_src_nat.pdbx_alt_source_flag       sample 
_entity_src_nat.pdbx_beg_seq_num           ? 
_entity_src_nat.pdbx_end_seq_num           ? 
_entity_src_nat.common_name                ? 
_entity_src_nat.pdbx_organism_scientific   'Pseudomonas putida' 
_entity_src_nat.pdbx_ncbi_taxonomy_id      303 
_entity_src_nat.genus                      Pseudomonas 
_entity_src_nat.species                    ? 
_entity_src_nat.strain                     ? 
_entity_src_nat.tissue                     ? 
_entity_src_nat.tissue_fraction            ? 
_entity_src_nat.pdbx_secretion             ? 
_entity_src_nat.pdbx_fragment              ? 
_entity_src_nat.pdbx_variant               ? 
_entity_src_nat.pdbx_cell_line             ? 
_entity_src_nat.pdbx_atcc                  ? 
_entity_src_nat.pdbx_cellular_location     ? 
_entity_src_nat.pdbx_organ                 ? 
_entity_src_nat.pdbx_organelle             ? 
_entity_src_nat.pdbx_cell                  ? 
_entity_src_nat.pdbx_plasmid_name          ? 
_entity_src_nat.pdbx_plasmid_details       ? 
_entity_src_nat.details                    ? 
# 
loop_
_chem_comp.id 
_chem_comp.type 
_chem_comp.mon_nstd_flag 
_chem_comp.name 
_chem_comp.pdbx_synonyms 
_chem_comp.formula 
_chem_comp.formula_weight 
ALA 'L-peptide linking' y ALANINE         ? 'C3 H7 N O2'     89.093  
ARG 'L-peptide linking' y ARGININE        ? 'C6 H15 N4 O2 1' 175.209 
ASN 'L-peptide linking' y ASPARAGINE      ? 'C4 H8 N2 O3'    132.118 
ASP 'L-peptide linking' y 'ASPARTIC ACID' ? 'C4 H7 N O4'     133.103 
GLN 'L-peptide linking' y GLUTAMINE       ? 'C5 H10 N2 O3'   146.144 
GLU 'L-peptide linking' y 'GLUTAMIC ACID' ? 'C5 H9 N O4'     147.129 
GLY 'peptide linking'   y GLYCINE         ? 'C2 H5 N O2'     75.067  
HIS 'L-peptide linking' y HISTIDINE       ? 'C6 H10 N3 O2 1' 156.162 
ILE 'L-peptide linking' y ISOLEUCINE      ? 'C6 H13 N O2'    131.173 
LEU 'L-peptide linking' y LEUCINE         ? 'C6 H13 N O2'    131.173 
LYS 'L-peptide linking' y LYSINE          ? 'C6 H15 N2 O2 1' 147.195 
MET 'L-peptide linking' y METHIONINE      ? 'C5 H11 N O2 S'  149.211 
PHE 'L-peptide linking' y PHENYLALANINE   ? 'C9 H11 N O2'    165.189 
PRO 'L-peptide linking' y PROLINE         ? 'C5 H9 N O2'     115.130 
SER 'L-peptide linking' y SERINE          ? 'C3 H7 N O3'     105.093 
THR 'L-peptide linking' y THREONINE       ? 'C4 H9 N O3'     119.119 
TRP 'L-peptide linking' y TRYPTOPHAN      ? 'C11 H12 N2 O2'  204.225 
TYR 'L-peptide linking' y TYROSINE        ? 'C9 H11 N O3'    181.189 
VAL 'L-peptide linking' y VALINE          ? 'C5 H11 N O2'    117.146 
# 
loop_
_pdbx_poly_seq_scheme.asym_id 
_pdbx_poly_seq_scheme.entity_id 
_pdbx_poly_seq_scheme.seq_id 
_pdbx_poly_seq_scheme.mon_id 
_pdbx_poly_seq_scheme.ndb_seq_num 
_pdbx_poly_seq_scheme.pdb_seq_num 
_pdbx_poly_seq_scheme.auth_seq_num 
_pdbx_poly_seq_scheme.pdb_mon_id 
_pdbx_poly_seq_scheme.auth_mon_id 
_pdbx_poly_seq_scheme.pdb_strand_id 
_pdbx_poly_seq_scheme.pdb_ins_code 
_pdbx_poly_seq_scheme.hetero 
A 1 1  MET 1  1  1  MET MET A . n 
A 1 2  ALA 2  2  2  ALA ALA A . n 
A 1 3  THR 3  3  3  THR THR A . n 
A 1 4  THR 4  4  4  THR THR A . n 
A 1 5  THR 5  5  5  THR THR A . n 
A 1 6  LEU 6  6  6  LEU LEU A . n 
A 1 7  GLY 7  7  7  GLY GLY A . n 
A 1 8  VAL 8  8  8  VAL VAL A . n 
A 1 9  LYS 9  9  9  LYS LYS A . n 
A 1 10 LEU 10 10 10 LEU LEU A . n 
A 1 11 ASP 11 11 11 ASP ASP A . n 
A 1 12 ASP 12 12 12 ASP ASP A . n 
A 1 13 PRO 13 13 13 PRO PRO A . n 
A 1 14 THR 14 14 14 THR THR A . n 
A 1 15 ARG 15 15 15 ARG ARG A . n 
A 1 16 GLU 16 16 16 GLU GLU A . n 
A 1 17 ARG 17 17 17 ARG ARG A . n 
A 1 18 LEU 18 18 18 LEU LEU A . n 
A 1 19 LYS 19 19 19 LYS LYS A . n 
A 1 20 ALA 20 20 20 ALA ALA A . n 
A 1 21 ALA 21 21 21 ALA ALA A . n 
A 1 22 ALA 22 22 22 ALA ALA A . n 
A 1 23 GLN 23 23 23 GLN GLN A . n 
A 1 24 SER 24 24 24 SER SER A . n 
A 1 25 ILE 25 25 25 ILE ILE A . n 
A 1 26 ASP 26 26 26 ASP ASP A . n 
A 1 27 ARG 27 27 27 ARG ARG A . n 
A 1 28 THR 28 28 28 THR THR A . n 
A 1 29 PRO 29 29 29 PRO PRO A . n 
A 1 30 HIS 30 30 30 HIS HIS A . n 
A 1 31 TRP 31 31 31 TRP TRP A . n 
A 1 32 LEU 32 32 32 LEU LEU A . n 
A 1 33 ILE 33 33 33 ILE ILE A . n 
A 1 34 LYS 34 34 34 LYS LYS A . n 
A 1 35 GLN 35 35 35 GLN GLN A . n 
A 1 36 ALA 36 36 36 ALA ALA A . n 
A 1 37 ILE 37 37 37 ILE ILE A . n 
A 1 38 PHE 38 38 38 PHE PHE A . n 
A 1 39 ASN 39 39 39 ASN ASN A . n 
A 1 40 TYR 40 40 40 TYR TYR A . n 
A 1 41 LEU 41 41 41 LEU LEU A . n 
A 1 42 GLU 42 42 42 GLU GLU A . n 
A 1 43 LYS 43 43 43 LYS LYS A . n 
A 1 44 LEU 44 44 44 LEU LEU A . n 
A 1 45 GLU 45 45 45 GLU GLU A . n 
B 1 1  MET 1  46 46 MET MET B . n 
B 1 2  ALA 2  47 47 ALA ALA B . n 
B 1 3  THR 3  48 48 THR THR B . n 
B 1 4  THR 4  49 49 THR THR B . n 
B 1 5  THR 5  50 50 THR THR B . n 
B 1 6  LEU 6  51 51 LEU LEU B . n 
B 1 7  GLY 7  52 52 GLY GLY B . n 
B 1 8  VAL 8  53 53 VAL VAL B . n 
B 1 9  LYS 9  54 54 LYS LYS B . n 
B 1 10 LEU 10 55 55 LEU LEU B . n 
B 1 11 ASP 11 56 56 ASP ASP B . n 
B 1 12 ASP 12 57 57 ASP ASP B . n 
B 1 13 PRO 13 58 58 PRO PRO B . n 
B 1 14 THR 14 59 59 THR THR B . n 
B 1 15 ARG 15 60 60 ARG ARG B . n 
B 1 16 GLU 16 61 61 GLU GLU B . n 
B 1 17 ARG 17 62 62 ARG ARG B . n 
B 1 18 LEU 18 63 63 LEU LEU B . n 
B 1 19 LYS 19 64 64 LYS LYS B . n 
B 1 20 ALA 20 65 65 ALA ALA B . n 
B 1 21 ALA 21 66 66 ALA ALA B . n 
B 1 22 ALA 22 67 67 ALA ALA B . n 
B 1 23 GLN 23 68 68 GLN GLN B . n 
B 1 24 SER 24 69 69 SER SER B . n 
B 1 25 ILE 25 70 70 ILE ILE B . n 
B 1 26 ASP 26 71 71 ASP ASP B . n 
B 1 27 ARG 27 72 72 ARG ARG B . n 
B 1 28 THR 28 73 73 THR THR B . n 
B 1 29 PRO 29 74 74 PRO PRO B . n 
B 1 30 HIS 30 75 75 HIS HIS B . n 
B 1 31 TRP 31 76 76 TRP TRP B . n 
B 1 32 LEU 32 77 77 LEU LEU B . n 
B 1 33 ILE 33 78 78 ILE ILE B . n 
B 1 34 LYS 34 79 79 LYS LYS B . n 
B 1 35 GLN 35 80 80 GLN GLN B . n 
B 1 36 ALA 36 81 81 ALA ALA B . n 
B 1 37 ILE 37 82 82 ILE ILE B . n 
B 1 38 PHE 38 83 83 PHE PHE B . n 
B 1 39 ASN 39 84 84 ASN ASN B . n 
B 1 40 TYR 40 85 85 TYR TYR B . n 
B 1 41 LEU 41 86 86 LEU LEU B . n 
B 1 42 GLU 42 87 87 GLU GLU B . n 
B 1 43 LYS 43 88 88 LYS LYS B . n 
B 1 44 LEU 44 89 89 LEU LEU B . n 
B 1 45 GLU 45 90 90 GLU GLU B . n 
# 
_exptl.absorpt_coefficient_mu     ? 
_exptl.absorpt_correction_T_max   ? 
_exptl.absorpt_correction_T_min   ? 
_exptl.absorpt_correction_type    ? 
_exptl.absorpt_process_details    ? 
_exptl.crystals_number            ? 
_exptl.details                    ? 
_exptl.entry_id                   2JXG 
_exptl.method                     'SOLUTION NMR' 
_exptl.method_details             ? 
# 
_struct.entry_id                  2JXG 
_struct.title                     'Solution Structure of the DNA Binding domain of Proline Utilization A (PutA)' 
_struct.pdbx_model_details        ? 
_struct.pdbx_CASP_flag            ? 
_struct.pdbx_model_type_details   'minimized average' 
# 
_struct_keywords.entry_id        2JXG 
_struct_keywords.pdbx_keywords   'DNA BINDING PROTEIN' 
_struct_keywords.text            'PutA, Proline, Utilization, DNA, DNA BINDING PROTEIN' 
# 
loop_
_struct_asym.id 
_struct_asym.pdbx_blank_PDB_chainid_flag 
_struct_asym.pdbx_modified 
_struct_asym.entity_id 
_struct_asym.details 
A N N 1 ? 
B N N 1 ? 
# 
_struct_ref.id                         1 
_struct_ref.db_name                    UNP 
_struct_ref.db_code                    Q9R9T7_PSEPU 
_struct_ref.pdbx_db_accession          Q9R9T7 
_struct_ref.entity_id                  1 
_struct_ref.pdbx_seq_one_letter_code   MATTTLGVKLDDPTRERLKAAAQSIDRTPHWLIKQAIFNYLEKLE 
_struct_ref.pdbx_align_begin           1 
_struct_ref.pdbx_db_isoform            ? 
# 
loop_
_struct_ref_seq.align_id 
_struct_ref_seq.ref_id 
_struct_ref_seq.pdbx_PDB_id_code 
_struct_ref_seq.pdbx_strand_id 
_struct_ref_seq.seq_align_beg 
_struct_ref_seq.pdbx_seq_align_beg_ins_code 
_struct_ref_seq.seq_align_end 
_struct_ref_seq.pdbx_seq_align_end_ins_code 
_struct_ref_seq.pdbx_db_accession 
_struct_ref_seq.db_align_beg 
_struct_ref_seq.pdbx_db_align_beg_ins_code 
_struct_ref_seq.db_align_end 
_struct_ref_seq.pdbx_db_align_end_ins_code 
_struct_ref_seq.pdbx_auth_seq_align_beg 
_struct_ref_seq.pdbx_auth_seq_align_end 
1 1 2JXG A 1 ? 45 ? Q9R9T7 1 ? 45 ? 1  45 
2 1 2JXG B 1 ? 45 ? Q9R9T7 1 ? 45 ? 46 90 
# 
_pdbx_struct_assembly.id                   1 
_pdbx_struct_assembly.details              author_defined_assembly 
_pdbx_struct_assembly.method_details       ? 
_pdbx_struct_assembly.oligomeric_details   dimeric 
_pdbx_struct_assembly.oligomeric_count     2 
# 
_pdbx_struct_assembly_gen.assembly_id       1 
_pdbx_struct_assembly_gen.oper_expression   1 
_pdbx_struct_assembly_gen.asym_id_list      A,B 
# 
_pdbx_struct_oper_list.id                   1 
_pdbx_struct_oper_list.type                 'identity operation' 
_pdbx_struct_oper_list.name                 1_555 
_pdbx_struct_oper_list.symmetry_operation   x,y,z 
_pdbx_struct_oper_list.matrix[1][1]         1.0000000000 
_pdbx_struct_oper_list.matrix[1][2]         0.0000000000 
_pdbx_struct_oper_list.matrix[1][3]         0.0000000000 
_pdbx_struct_oper_list.vector[1]            0.0000000000 
_pdbx_struct_oper_list.matrix[2][1]         0.0000000000 
_pdbx_struct_oper_list.matrix[2][2]         1.0000000000 
_pdbx_struct_oper_list.matrix[2][3]         0.0000000000 
_pdbx_struct_oper_list.vector[2]            0.0000000000 
_pdbx_struct_oper_list.matrix[3][1]         0.0000000000 
_pdbx_struct_oper_list.matrix[3][2]         0.0000000000 
_pdbx_struct_oper_list.matrix[3][3]         1.0000000000 
_pdbx_struct_oper_list.vector[3]            0.0000000000 
# 
_struct_biol.id        1 
_struct_biol.details   ? 
# 
loop_
_struct_conf.conf_type_id 
_struct_conf.id 
_struct_conf.pdbx_PDB_helix_id 
_struct_conf.beg_label_comp_id 
_struct_conf.beg_label_asym_id 
_struct_conf.beg_label_seq_id 
_struct_conf.pdbx_beg_PDB_ins_code 
_struct_conf.end_label_comp_id 
_struct_conf.end_label_asym_id 
_struct_conf.end_label_seq_id 
_struct_conf.pdbx_end_PDB_ins_code 
_struct_conf.beg_auth_comp_id 
_struct_conf.beg_auth_asym_id 
_struct_conf.beg_auth_seq_id 
_struct_conf.end_auth_comp_id 
_struct_conf.end_auth_asym_id 
_struct_conf.end_auth_seq_id 
_struct_conf.pdbx_PDB_helix_class 
_struct_conf.details 
_struct_conf.pdbx_PDB_helix_length 
HELX_P HELX_P1 1 ASP A 11 ? ASP A 26 ? ASP A 11 ASP A 26 1 ? 16 
HELX_P HELX_P2 2 THR A 28 ? GLU A 45 ? THR A 28 GLU A 45 1 ? 18 
HELX_P HELX_P3 3 ASP B 11 ? ASP B 26 ? ASP B 56 ASP B 71 1 ? 16 
HELX_P HELX_P4 4 THR B 28 ? GLU B 45 ? THR B 73 GLU B 90 1 ? 18 
# 
_struct_conf_type.id          HELX_P 
_struct_conf_type.criteria    ? 
_struct_conf_type.reference   ? 
# 
loop_
_pdbx_validate_close_contact.id 
_pdbx_validate_close_contact.PDB_model_num 
_pdbx_validate_close_contact.auth_atom_id_1 
_pdbx_validate_close_contact.auth_asym_id_1 
_pdbx_validate_close_contact.auth_comp_id_1 
_pdbx_validate_close_contact.auth_seq_id_1 
_pdbx_validate_close_contact.PDB_ins_code_1 
_pdbx_validate_close_contact.label_alt_id_1 
_pdbx_validate_close_contact.auth_atom_id_2 
_pdbx_validate_close_contact.auth_asym_id_2 
_pdbx_validate_close_contact.auth_comp_id_2 
_pdbx_validate_close_contact.auth_seq_id_2 
_pdbx_validate_close_contact.PDB_ins_code_2 
_pdbx_validate_close_contact.label_alt_id_2 
_pdbx_validate_close_contact.dist 
1 1 H A VAL 8  ? ? O B LEU 51 ? ? 1.43 
2 1 O A LEU 6  ? ? H B VAL 53 ? ? 1.43 
3 1 O B ASP 56 ? ? H B ARG 60 ? ? 1.46 
4 1 O A ASP 11 ? ? H A ARG 15 ? ? 1.46 
5 1 O A MET 1  ? ? H A THR 3  ? ? 1.57 
6 1 O B MET 46 ? ? H B THR 48 ? ? 1.57 
# 
loop_
_pdbx_validate_torsion.id 
_pdbx_validate_torsion.PDB_model_num 
_pdbx_validate_torsion.auth_comp_id 
_pdbx_validate_torsion.auth_asym_id 
_pdbx_validate_torsion.auth_seq_id 
_pdbx_validate_torsion.PDB_ins_code 
_pdbx_validate_torsion.label_alt_id 
_pdbx_validate_torsion.phi 
_pdbx_validate_torsion.psi 
1 1 ALA A 2  ? ? -65.17 60.58 
2 1 ASP A 26 ? ? 76.38  47.55 
3 1 ALA B 47 ? ? -65.11 60.56 
4 1 ASP B 71 ? ? 71.03  50.30 
# 
_pdbx_nmr_ensemble.average_constraint_violations_per_residue     ? 
_pdbx_nmr_ensemble.average_constraints_per_residue               ? 
_pdbx_nmr_ensemble.average_distance_constraint_violation         ? 
_pdbx_nmr_ensemble.average_torsion_angle_constraint_violation    ? 
_pdbx_nmr_ensemble.conformer_selection_criteria                  'structures with the lowest energy' 
_pdbx_nmr_ensemble.conformers_calculated_total_number            100 
_pdbx_nmr_ensemble.conformers_submitted_total_number             1 
_pdbx_nmr_ensemble.distance_constraint_violation_method          ? 
_pdbx_nmr_ensemble.entry_id                                      2JXG 
_pdbx_nmr_ensemble.maximum_distance_constraint_violation         ? 
_pdbx_nmr_ensemble.maximum_lower_distance_constraint_violation   ? 
_pdbx_nmr_ensemble.maximum_torsion_angle_constraint_violation    ? 
_pdbx_nmr_ensemble.maximum_upper_distance_constraint_violation   ? 
_pdbx_nmr_ensemble.torsion_angle_constraint_violation_method     ? 
# 
_pdbx_nmr_representative.conformer_id         1 
_pdbx_nmr_representative.entry_id             2JXG 
_pdbx_nmr_representative.selection_criteria   'minimized average structure' 
# 
_pdbx_nmr_sample_details.contents         '2.2 mM [U-99% 13C; U-99% 15N] PutA45, 200 mM sodium chloride, 90% H2O/10% D2O' 
_pdbx_nmr_sample_details.solution_id      1 
_pdbx_nmr_sample_details.solvent_system   '90% H2O/10% D2O' 
# 
loop_
_pdbx_nmr_exptl_sample.component 
_pdbx_nmr_exptl_sample.concentration 
_pdbx_nmr_exptl_sample.concentration_units 
_pdbx_nmr_exptl_sample.isotopic_labeling 
_pdbx_nmr_exptl_sample.solution_id 
PutA45            2.2 mM '[U-99% 13C; U-99% 15N]' 1 
'sodium chloride' 200 mM ?                        1 
# 
_pdbx_nmr_exptl_sample_conditions.conditions_id       1 
_pdbx_nmr_exptl_sample_conditions.ionic_strength      '200mM NaCl' 
_pdbx_nmr_exptl_sample_conditions.pH                  6.2 
_pdbx_nmr_exptl_sample_conditions.pressure            ambient 
_pdbx_nmr_exptl_sample_conditions.pressure_units      ? 
_pdbx_nmr_exptl_sample_conditions.temperature         298 
_pdbx_nmr_exptl_sample_conditions.temperature_units   K 
# 
loop_
_pdbx_nmr_exptl.conditions_id 
_pdbx_nmr_exptl.experiment_id 
_pdbx_nmr_exptl.solution_id 
_pdbx_nmr_exptl.type 
1 1 1 '2D 1H-15N HSQC' 
1 2 1 '3D CBCA(CO)NH'  
1 3 1 '3D HNCO'        
1 4 1 '3D HNCA'        
1 5 1 '3D HNCACB'      
1 6 1 '3D HBHA(CO)NH'  
1 7 1 '3D HN(CO)CA'    
1 8 1 '3D HNHA'        
# 
_pdbx_nmr_refine.entry_id           2JXG 
_pdbx_nmr_refine.method             'simulated annealing' 
_pdbx_nmr_refine.details            ? 
_pdbx_nmr_refine.software_ordinal   1 
# 
_pdbx_nmr_software.authors          Brunger 
_pdbx_nmr_software.classification   refinement 
_pdbx_nmr_software.name             CNS 
_pdbx_nmr_software.version          ? 
_pdbx_nmr_software.ordinal          1 
# 
loop_
_chem_comp_atom.comp_id 
_chem_comp_atom.atom_id 
_chem_comp_atom.type_symbol 
_chem_comp_atom.pdbx_aromatic_flag 
_chem_comp_atom.pdbx_stereo_config 
_chem_comp_atom.pdbx_ordinal 
ALA N    N N N 1   
ALA CA   C N S 2   
ALA C    C N N 3   
ALA O    O N N 4   
ALA CB   C N N 5   
ALA OXT  O N N 6   
ALA H    H N N 7   
ALA H2   H N N 8   
ALA HA   H N N 9   
ALA HB1  H N N 10  
ALA HB2  H N N 11  
ALA HB3  H N N 12  
ALA HXT  H N N 13  
ARG N    N N N 14  
ARG CA   C N S 15  
ARG C    C N N 16  
ARG O    O N N 17  
ARG CB   C N N 18  
ARG CG   C N N 19  
ARG CD   C N N 20  
ARG NE   N N N 21  
ARG CZ   C N N 22  
ARG NH1  N N N 23  
ARG NH2  N N N 24  
ARG OXT  O N N 25  
ARG H    H N N 26  
ARG H2   H N N 27  
ARG HA   H N N 28  
ARG HB2  H N N 29  
ARG HB3  H N N 30  
ARG HG2  H N N 31  
ARG HG3  H N N 32  
ARG HD2  H N N 33  
ARG HD3  H N N 34  
ARG HE   H N N 35  
ARG HH11 H N N 36  
ARG HH12 H N N 37  
ARG HH21 H N N 38  
ARG HH22 H N N 39  
ARG HXT  H N N 40  
ASN N    N N N 41  
ASN CA   C N S 42  
ASN C    C N N 43  
ASN O    O N N 44  
ASN CB   C N N 45  
ASN CG   C N N 46  
ASN OD1  O N N 47  
ASN ND2  N N N 48  
ASN OXT  O N N 49  
ASN H    H N N 50  
ASN H2   H N N 51  
ASN HA   H N N 52  
ASN HB2  H N N 53  
ASN HB3  H N N 54  
ASN HD21 H N N 55  
ASN HD22 H N N 56  
ASN HXT  H N N 57  
ASP N    N N N 58  
ASP CA   C N S 59  
ASP C    C N N 60  
ASP O    O N N 61  
ASP CB   C N N 62  
ASP CG   C N N 63  
ASP OD1  O N N 64  
ASP OD2  O N N 65  
ASP OXT  O N N 66  
ASP H    H N N 67  
ASP H2   H N N 68  
ASP HA   H N N 69  
ASP HB2  H N N 70  
ASP HB3  H N N 71  
ASP HD2  H N N 72  
ASP HXT  H N N 73  
GLN N    N N N 74  
GLN CA   C N S 75  
GLN C    C N N 76  
GLN O    O N N 77  
GLN CB   C N N 78  
GLN CG   C N N 79  
GLN CD   C N N 80  
GLN OE1  O N N 81  
GLN NE2  N N N 82  
GLN OXT  O N N 83  
GLN H    H N N 84  
GLN H2   H N N 85  
GLN HA   H N N 86  
GLN HB2  H N N 87  
GLN HB3  H N N 88  
GLN HG2  H N N 89  
GLN HG3  H N N 90  
GLN HE21 H N N 91  
GLN HE22 H N N 92  
GLN HXT  H N N 93  
GLU N    N N N 94  
GLU CA   C N S 95  
GLU C    C N N 96  
GLU O    O N N 97  
GLU CB   C N N 98  
GLU CG   C N N 99  
GLU CD   C N N 100 
GLU OE1  O N N 101 
GLU OE2  O N N 102 
GLU OXT  O N N 103 
GLU H    H N N 104 
GLU H2   H N N 105 
GLU HA   H N N 106 
GLU HB2  H N N 107 
GLU HB3  H N N 108 
GLU HG2  H N N 109 
GLU HG3  H N N 110 
GLU HE2  H N N 111 
GLU HXT  H N N 112 
GLY N    N N N 113 
GLY CA   C N N 114 
GLY C    C N N 115 
GLY O    O N N 116 
GLY OXT  O N N 117 
GLY H    H N N 118 
GLY H2   H N N 119 
GLY HA2  H N N 120 
GLY HA3  H N N 121 
GLY HXT  H N N 122 
HIS N    N N N 123 
HIS CA   C N S 124 
HIS C    C N N 125 
HIS O    O N N 126 
HIS CB   C N N 127 
HIS CG   C Y N 128 
HIS ND1  N Y N 129 
HIS CD2  C Y N 130 
HIS CE1  C Y N 131 
HIS NE2  N Y N 132 
HIS OXT  O N N 133 
HIS H    H N N 134 
HIS H2   H N N 135 
HIS HA   H N N 136 
HIS HB2  H N N 137 
HIS HB3  H N N 138 
HIS HD1  H N N 139 
HIS HD2  H N N 140 
HIS HE1  H N N 141 
HIS HE2  H N N 142 
HIS HXT  H N N 143 
ILE N    N N N 144 
ILE CA   C N S 145 
ILE C    C N N 146 
ILE O    O N N 147 
ILE CB   C N S 148 
ILE CG1  C N N 149 
ILE CG2  C N N 150 
ILE CD1  C N N 151 
ILE OXT  O N N 152 
ILE H    H N N 153 
ILE H2   H N N 154 
ILE HA   H N N 155 
ILE HB   H N N 156 
ILE HG12 H N N 157 
ILE HG13 H N N 158 
ILE HG21 H N N 159 
ILE HG22 H N N 160 
ILE HG23 H N N 161 
ILE HD11 H N N 162 
ILE HD12 H N N 163 
ILE HD13 H N N 164 
ILE HXT  H N N 165 
LEU N    N N N 166 
LEU CA   C N S 167 
LEU C    C N N 168 
LEU O    O N N 169 
LEU CB   C N N 170 
LEU CG   C N N 171 
LEU CD1  C N N 172 
LEU CD2  C N N 173 
LEU OXT  O N N 174 
LEU H    H N N 175 
LEU H2   H N N 176 
LEU HA   H N N 177 
LEU HB2  H N N 178 
LEU HB3  H N N 179 
LEU HG   H N N 180 
LEU HD11 H N N 181 
LEU HD12 H N N 182 
LEU HD13 H N N 183 
LEU HD21 H N N 184 
LEU HD22 H N N 185 
LEU HD23 H N N 186 
LEU HXT  H N N 187 
LYS N    N N N 188 
LYS CA   C N S 189 
LYS C    C N N 190 
LYS O    O N N 191 
LYS CB   C N N 192 
LYS CG   C N N 193 
LYS CD   C N N 194 
LYS CE   C N N 195 
LYS NZ   N N N 196 
LYS OXT  O N N 197 
LYS H    H N N 198 
LYS H2   H N N 199 
LYS HA   H N N 200 
LYS HB2  H N N 201 
LYS HB3  H N N 202 
LYS HG2  H N N 203 
LYS HG3  H N N 204 
LYS HD2  H N N 205 
LYS HD3  H N N 206 
LYS HE2  H N N 207 
LYS HE3  H N N 208 
LYS HZ1  H N N 209 
LYS HZ2  H N N 210 
LYS HZ3  H N N 211 
LYS HXT  H N N 212 
MET N    N N N 213 
MET CA   C N S 214 
MET C    C N N 215 
MET O    O N N 216 
MET CB   C N N 217 
MET CG   C N N 218 
MET SD   S N N 219 
MET CE   C N N 220 
MET OXT  O N N 221 
MET H    H N N 222 
MET H2   H N N 223 
MET HA   H N N 224 
MET HB2  H N N 225 
MET HB3  H N N 226 
MET HG2  H N N 227 
MET HG3  H N N 228 
MET HE1  H N N 229 
MET HE2  H N N 230 
MET HE3  H N N 231 
MET HXT  H N N 232 
PHE N    N N N 233 
PHE CA   C N S 234 
PHE C    C N N 235 
PHE O    O N N 236 
PHE CB   C N N 237 
PHE CG   C Y N 238 
PHE CD1  C Y N 239 
PHE CD2  C Y N 240 
PHE CE1  C Y N 241 
PHE CE2  C Y N 242 
PHE CZ   C Y N 243 
PHE OXT  O N N 244 
PHE H    H N N 245 
PHE H2   H N N 246 
PHE HA   H N N 247 
PHE HB2  H N N 248 
PHE HB3  H N N 249 
PHE HD1  H N N 250 
PHE HD2  H N N 251 
PHE HE1  H N N 252 
PHE HE2  H N N 253 
PHE HZ   H N N 254 
PHE HXT  H N N 255 
PRO N    N N N 256 
PRO CA   C N S 257 
PRO C    C N N 258 
PRO O    O N N 259 
PRO CB   C N N 260 
PRO CG   C N N 261 
PRO CD   C N N 262 
PRO OXT  O N N 263 
PRO H    H N N 264 
PRO HA   H N N 265 
PRO HB2  H N N 266 
PRO HB3  H N N 267 
PRO HG2  H N N 268 
PRO HG3  H N N 269 
PRO HD2  H N N 270 
PRO HD3  H N N 271 
PRO HXT  H N N 272 
SER N    N N N 273 
SER CA   C N S 274 
SER C    C N N 275 
SER O    O N N 276 
SER CB   C N N 277 
SER OG   O N N 278 
SER OXT  O N N 279 
SER H    H N N 280 
SER H2   H N N 281 
SER HA   H N N 282 
SER HB2  H N N 283 
SER HB3  H N N 284 
SER HG   H N N 285 
SER HXT  H N N 286 
THR N    N N N 287 
THR CA   C N S 288 
THR C    C N N 289 
THR O    O N N 290 
THR CB   C N R 291 
THR OG1  O N N 292 
THR CG2  C N N 293 
THR OXT  O N N 294 
THR H    H N N 295 
THR H2   H N N 296 
THR HA   H N N 297 
THR HB   H N N 298 
THR HG1  H N N 299 
THR HG21 H N N 300 
THR HG22 H N N 301 
THR HG23 H N N 302 
THR HXT  H N N 303 
TRP N    N N N 304 
TRP CA   C N S 305 
TRP C    C N N 306 
TRP O    O N N 307 
TRP CB   C N N 308 
TRP CG   C Y N 309 
TRP CD1  C Y N 310 
TRP CD2  C Y N 311 
TRP NE1  N Y N 312 
TRP CE2  C Y N 313 
TRP CE3  C Y N 314 
TRP CZ2  C Y N 315 
TRP CZ3  C Y N 316 
TRP CH2  C Y N 317 
TRP OXT  O N N 318 
TRP H    H N N 319 
TRP H2   H N N 320 
TRP HA   H N N 321 
TRP HB2  H N N 322 
TRP HB3  H N N 323 
TRP HD1  H N N 324 
TRP HE1  H N N 325 
TRP HE3  H N N 326 
TRP HZ2  H N N 327 
TRP HZ3  H N N 328 
TRP HH2  H N N 329 
TRP HXT  H N N 330 
TYR N    N N N 331 
TYR CA   C N S 332 
TYR C    C N N 333 
TYR O    O N N 334 
TYR CB   C N N 335 
TYR CG   C Y N 336 
TYR CD1  C Y N 337 
TYR CD2  C Y N 338 
TYR CE1  C Y N 339 
TYR CE2  C Y N 340 
TYR CZ   C Y N 341 
TYR OH   O N N 342 
TYR OXT  O N N 343 
TYR H    H N N 344 
TYR H2   H N N 345 
TYR HA   H N N 346 
TYR HB2  H N N 347 
TYR HB3  H N N 348 
TYR HD1  H N N 349 
TYR HD2  H N N 350 
TYR HE1  H N N 351 
TYR HE2  H N N 352 
TYR HH   H N N 353 
TYR HXT  H N N 354 
VAL N    N N N 355 
VAL CA   C N S 356 
VAL C    C N N 357 
VAL O    O N N 358 
VAL CB   C N N 359 
VAL CG1  C N N 360 
VAL CG2  C N N 361 
VAL OXT  O N N 362 
VAL H    H N N 363 
VAL H2   H N N 364 
VAL HA   H N N 365 
VAL HB   H N N 366 
VAL HG11 H N N 367 
VAL HG12 H N N 368 
VAL HG13 H N N 369 
VAL HG21 H N N 370 
VAL HG22 H N N 371 
VAL HG23 H N N 372 
VAL HXT  H N N 373 
# 
loop_
_chem_comp_bond.comp_id 
_chem_comp_bond.atom_id_1 
_chem_comp_bond.atom_id_2 
_chem_comp_bond.value_order 
_chem_comp_bond.pdbx_aromatic_flag 
_chem_comp_bond.pdbx_stereo_config 
_chem_comp_bond.pdbx_ordinal 
ALA N   CA   sing N N 1   
ALA N   H    sing N N 2   
ALA N   H2   sing N N 3   
ALA CA  C    sing N N 4   
ALA CA  CB   sing N N 5   
ALA CA  HA   sing N N 6   
ALA C   O    doub N N 7   
ALA C   OXT  sing N N 8   
ALA CB  HB1  sing N N 9   
ALA CB  HB2  sing N N 10  
ALA CB  HB3  sing N N 11  
ALA OXT HXT  sing N N 12  
ARG N   CA   sing N N 13  
ARG N   H    sing N N 14  
ARG N   H2   sing N N 15  
ARG CA  C    sing N N 16  
ARG CA  CB   sing N N 17  
ARG CA  HA   sing N N 18  
ARG C   O    doub N N 19  
ARG C   OXT  sing N N 20  
ARG CB  CG   sing N N 21  
ARG CB  HB2  sing N N 22  
ARG CB  HB3  sing N N 23  
ARG CG  CD   sing N N 24  
ARG CG  HG2  sing N N 25  
ARG CG  HG3  sing N N 26  
ARG CD  NE   sing N N 27  
ARG CD  HD2  sing N N 28  
ARG CD  HD3  sing N N 29  
ARG NE  CZ   sing N N 30  
ARG NE  HE   sing N N 31  
ARG CZ  NH1  sing N N 32  
ARG CZ  NH2  doub N N 33  
ARG NH1 HH11 sing N N 34  
ARG NH1 HH12 sing N N 35  
ARG NH2 HH21 sing N N 36  
ARG NH2 HH22 sing N N 37  
ARG OXT HXT  sing N N 38  
ASN N   CA   sing N N 39  
ASN N   H    sing N N 40  
ASN N   H2   sing N N 41  
ASN CA  C    sing N N 42  
ASN CA  CB   sing N N 43  
ASN CA  HA   sing N N 44  
ASN C   O    doub N N 45  
ASN C   OXT  sing N N 46  
ASN CB  CG   sing N N 47  
ASN CB  HB2  sing N N 48  
ASN CB  HB3  sing N N 49  
ASN CG  OD1  doub N N 50  
ASN CG  ND2  sing N N 51  
ASN ND2 HD21 sing N N 52  
ASN ND2 HD22 sing N N 53  
ASN OXT HXT  sing N N 54  
ASP N   CA   sing N N 55  
ASP N   H    sing N N 56  
ASP N   H2   sing N N 57  
ASP CA  C    sing N N 58  
ASP CA  CB   sing N N 59  
ASP CA  HA   sing N N 60  
ASP C   O    doub N N 61  
ASP C   OXT  sing N N 62  
ASP CB  CG   sing N N 63  
ASP CB  HB2  sing N N 64  
ASP CB  HB3  sing N N 65  
ASP CG  OD1  doub N N 66  
ASP CG  OD2  sing N N 67  
ASP OD2 HD2  sing N N 68  
ASP OXT HXT  sing N N 69  
GLN N   CA   sing N N 70  
GLN N   H    sing N N 71  
GLN N   H2   sing N N 72  
GLN CA  C    sing N N 73  
GLN CA  CB   sing N N 74  
GLN CA  HA   sing N N 75  
GLN C   O    doub N N 76  
GLN C   OXT  sing N N 77  
GLN CB  CG   sing N N 78  
GLN CB  HB2  sing N N 79  
GLN CB  HB3  sing N N 80  
GLN CG  CD   sing N N 81  
GLN CG  HG2  sing N N 82  
GLN CG  HG3  sing N N 83  
GLN CD  OE1  doub N N 84  
GLN CD  NE2  sing N N 85  
GLN NE2 HE21 sing N N 86  
GLN NE2 HE22 sing N N 87  
GLN OXT HXT  sing N N 88  
GLU N   CA   sing N N 89  
GLU N   H    sing N N 90  
GLU N   H2   sing N N 91  
GLU CA  C    sing N N 92  
GLU CA  CB   sing N N 93  
GLU CA  HA   sing N N 94  
GLU C   O    doub N N 95  
GLU C   OXT  sing N N 96  
GLU CB  CG   sing N N 97  
GLU CB  HB2  sing N N 98  
GLU CB  HB3  sing N N 99  
GLU CG  CD   sing N N 100 
GLU CG  HG2  sing N N 101 
GLU CG  HG3  sing N N 102 
GLU CD  OE1  doub N N 103 
GLU CD  OE2  sing N N 104 
GLU OE2 HE2  sing N N 105 
GLU OXT HXT  sing N N 106 
GLY N   CA   sing N N 107 
GLY N   H    sing N N 108 
GLY N   H2   sing N N 109 
GLY CA  C    sing N N 110 
GLY CA  HA2  sing N N 111 
GLY CA  HA3  sing N N 112 
GLY C   O    doub N N 113 
GLY C   OXT  sing N N 114 
GLY OXT HXT  sing N N 115 
HIS N   CA   sing N N 116 
HIS N   H    sing N N 117 
HIS N   H2   sing N N 118 
HIS CA  C    sing N N 119 
HIS CA  CB   sing N N 120 
HIS CA  HA   sing N N 121 
HIS C   O    doub N N 122 
HIS C   OXT  sing N N 123 
HIS CB  CG   sing N N 124 
HIS CB  HB2  sing N N 125 
HIS CB  HB3  sing N N 126 
HIS CG  ND1  sing Y N 127 
HIS CG  CD2  doub Y N 128 
HIS ND1 CE1  doub Y N 129 
HIS ND1 HD1  sing N N 130 
HIS CD2 NE2  sing Y N 131 
HIS CD2 HD2  sing N N 132 
HIS CE1 NE2  sing Y N 133 
HIS CE1 HE1  sing N N 134 
HIS NE2 HE2  sing N N 135 
HIS OXT HXT  sing N N 136 
ILE N   CA   sing N N 137 
ILE N   H    sing N N 138 
ILE N   H2   sing N N 139 
ILE CA  C    sing N N 140 
ILE CA  CB   sing N N 141 
ILE CA  HA   sing N N 142 
ILE C   O    doub N N 143 
ILE C   OXT  sing N N 144 
ILE CB  CG1  sing N N 145 
ILE CB  CG2  sing N N 146 
ILE CB  HB   sing N N 147 
ILE CG1 CD1  sing N N 148 
ILE CG1 HG12 sing N N 149 
ILE CG1 HG13 sing N N 150 
ILE CG2 HG21 sing N N 151 
ILE CG2 HG22 sing N N 152 
ILE CG2 HG23 sing N N 153 
ILE CD1 HD11 sing N N 154 
ILE CD1 HD12 sing N N 155 
ILE CD1 HD13 sing N N 156 
ILE OXT HXT  sing N N 157 
LEU N   CA   sing N N 158 
LEU N   H    sing N N 159 
LEU N   H2   sing N N 160 
LEU CA  C    sing N N 161 
LEU CA  CB   sing N N 162 
LEU CA  HA   sing N N 163 
LEU C   O    doub N N 164 
LEU C   OXT  sing N N 165 
LEU CB  CG   sing N N 166 
LEU CB  HB2  sing N N 167 
LEU CB  HB3  sing N N 168 
LEU CG  CD1  sing N N 169 
LEU CG  CD2  sing N N 170 
LEU CG  HG   sing N N 171 
LEU CD1 HD11 sing N N 172 
LEU CD1 HD12 sing N N 173 
LEU CD1 HD13 sing N N 174 
LEU CD2 HD21 sing N N 175 
LEU CD2 HD22 sing N N 176 
LEU CD2 HD23 sing N N 177 
LEU OXT HXT  sing N N 178 
LYS N   CA   sing N N 179 
LYS N   H    sing N N 180 
LYS N   H2   sing N N 181 
LYS CA  C    sing N N 182 
LYS CA  CB   sing N N 183 
LYS CA  HA   sing N N 184 
LYS C   O    doub N N 185 
LYS C   OXT  sing N N 186 
LYS CB  CG   sing N N 187 
LYS CB  HB2  sing N N 188 
LYS CB  HB3  sing N N 189 
LYS CG  CD   sing N N 190 
LYS CG  HG2  sing N N 191 
LYS CG  HG3  sing N N 192 
LYS CD  CE   sing N N 193 
LYS CD  HD2  sing N N 194 
LYS CD  HD3  sing N N 195 
LYS CE  NZ   sing N N 196 
LYS CE  HE2  sing N N 197 
LYS CE  HE3  sing N N 198 
LYS NZ  HZ1  sing N N 199 
LYS NZ  HZ2  sing N N 200 
LYS NZ  HZ3  sing N N 201 
LYS OXT HXT  sing N N 202 
MET N   CA   sing N N 203 
MET N   H    sing N N 204 
MET N   H2   sing N N 205 
MET CA  C    sing N N 206 
MET CA  CB   sing N N 207 
MET CA  HA   sing N N 208 
MET C   O    doub N N 209 
MET C   OXT  sing N N 210 
MET CB  CG   sing N N 211 
MET CB  HB2  sing N N 212 
MET CB  HB3  sing N N 213 
MET CG  SD   sing N N 214 
MET CG  HG2  sing N N 215 
MET CG  HG3  sing N N 216 
MET SD  CE   sing N N 217 
MET CE  HE1  sing N N 218 
MET CE  HE2  sing N N 219 
MET CE  HE3  sing N N 220 
MET OXT HXT  sing N N 221 
PHE N   CA   sing N N 222 
PHE N   H    sing N N 223 
PHE N   H2   sing N N 224 
PHE CA  C    sing N N 225 
PHE CA  CB   sing N N 226 
PHE CA  HA   sing N N 227 
PHE C   O    doub N N 228 
PHE C   OXT  sing N N 229 
PHE CB  CG   sing N N 230 
PHE CB  HB2  sing N N 231 
PHE CB  HB3  sing N N 232 
PHE CG  CD1  doub Y N 233 
PHE CG  CD2  sing Y N 234 
PHE CD1 CE1  sing Y N 235 
PHE CD1 HD1  sing N N 236 
PHE CD2 CE2  doub Y N 237 
PHE CD2 HD2  sing N N 238 
PHE CE1 CZ   doub Y N 239 
PHE CE1 HE1  sing N N 240 
PHE CE2 CZ   sing Y N 241 
PHE CE2 HE2  sing N N 242 
PHE CZ  HZ   sing N N 243 
PHE OXT HXT  sing N N 244 
PRO N   CA   sing N N 245 
PRO N   CD   sing N N 246 
PRO N   H    sing N N 247 
PRO CA  C    sing N N 248 
PRO CA  CB   sing N N 249 
PRO CA  HA   sing N N 250 
PRO C   O    doub N N 251 
PRO C   OXT  sing N N 252 
PRO CB  CG   sing N N 253 
PRO CB  HB2  sing N N 254 
PRO CB  HB3  sing N N 255 
PRO CG  CD   sing N N 256 
PRO CG  HG2  sing N N 257 
PRO CG  HG3  sing N N 258 
PRO CD  HD2  sing N N 259 
PRO CD  HD3  sing N N 260 
PRO OXT HXT  sing N N 261 
SER N   CA   sing N N 262 
SER N   H    sing N N 263 
SER N   H2   sing N N 264 
SER CA  C    sing N N 265 
SER CA  CB   sing N N 266 
SER CA  HA   sing N N 267 
SER C   O    doub N N 268 
SER C   OXT  sing N N 269 
SER CB  OG   sing N N 270 
SER CB  HB2  sing N N 271 
SER CB  HB3  sing N N 272 
SER OG  HG   sing N N 273 
SER OXT HXT  sing N N 274 
THR N   CA   sing N N 275 
THR N   H    sing N N 276 
THR N   H2   sing N N 277 
THR CA  C    sing N N 278 
THR CA  CB   sing N N 279 
THR CA  HA   sing N N 280 
THR C   O    doub N N 281 
THR C   OXT  sing N N 282 
THR CB  OG1  sing N N 283 
THR CB  CG2  sing N N 284 
THR CB  HB   sing N N 285 
THR OG1 HG1  sing N N 286 
THR CG2 HG21 sing N N 287 
THR CG2 HG22 sing N N 288 
THR CG2 HG23 sing N N 289 
THR OXT HXT  sing N N 290 
TRP N   CA   sing N N 291 
TRP N   H    sing N N 292 
TRP N   H2   sing N N 293 
TRP CA  C    sing N N 294 
TRP CA  CB   sing N N 295 
TRP CA  HA   sing N N 296 
TRP C   O    doub N N 297 
TRP C   OXT  sing N N 298 
TRP CB  CG   sing N N 299 
TRP CB  HB2  sing N N 300 
TRP CB  HB3  sing N N 301 
TRP CG  CD1  doub Y N 302 
TRP CG  CD2  sing Y N 303 
TRP CD1 NE1  sing Y N 304 
TRP CD1 HD1  sing N N 305 
TRP CD2 CE2  doub Y N 306 
TRP CD2 CE3  sing Y N 307 
TRP NE1 CE2  sing Y N 308 
TRP NE1 HE1  sing N N 309 
TRP CE2 CZ2  sing Y N 310 
TRP CE3 CZ3  doub Y N 311 
TRP CE3 HE3  sing N N 312 
TRP CZ2 CH2  doub Y N 313 
TRP CZ2 HZ2  sing N N 314 
TRP CZ3 CH2  sing Y N 315 
TRP CZ3 HZ3  sing N N 316 
TRP CH2 HH2  sing N N 317 
TRP OXT HXT  sing N N 318 
TYR N   CA   sing N N 319 
TYR N   H    sing N N 320 
TYR N   H2   sing N N 321 
TYR CA  C    sing N N 322 
TYR CA  CB   sing N N 323 
TYR CA  HA   sing N N 324 
TYR C   O    doub N N 325 
TYR C   OXT  sing N N 326 
TYR CB  CG   sing N N 327 
TYR CB  HB2  sing N N 328 
TYR CB  HB3  sing N N 329 
TYR CG  CD1  doub Y N 330 
TYR CG  CD2  sing Y N 331 
TYR CD1 CE1  sing Y N 332 
TYR CD1 HD1  sing N N 333 
TYR CD2 CE2  doub Y N 334 
TYR CD2 HD2  sing N N 335 
TYR CE1 CZ   doub Y N 336 
TYR CE1 HE1  sing N N 337 
TYR CE2 CZ   sing Y N 338 
TYR CE2 HE2  sing N N 339 
TYR CZ  OH   sing N N 340 
TYR OH  HH   sing N N 341 
TYR OXT HXT  sing N N 342 
VAL N   CA   sing N N 343 
VAL N   H    sing N N 344 
VAL N   H2   sing N N 345 
VAL CA  C    sing N N 346 
VAL CA  CB   sing N N 347 
VAL CA  HA   sing N N 348 
VAL C   O    doub N N 349 
VAL C   OXT  sing N N 350 
VAL CB  CG1  sing N N 351 
VAL CB  CG2  sing N N 352 
VAL CB  HB   sing N N 353 
VAL CG1 HG11 sing N N 354 
VAL CG1 HG12 sing N N 355 
VAL CG1 HG13 sing N N 356 
VAL CG2 HG21 sing N N 357 
VAL CG2 HG22 sing N N 358 
VAL CG2 HG23 sing N N 359 
VAL OXT HXT  sing N N 360 
# 
_pdbx_nmr_spectrometer.field_strength    600 
_pdbx_nmr_spectrometer.manufacturer      Bruker 
_pdbx_nmr_spectrometer.model             AVANCE 
_pdbx_nmr_spectrometer.spectrometer_id   1 
_pdbx_nmr_spectrometer.type              'Bruker Avance' 
# 
_atom_sites.entry_id                    2JXG 
_atom_sites.fract_transf_matrix[1][1]   1.000000 
_atom_sites.fract_transf_matrix[1][2]   0.000000 
_atom_sites.fract_transf_matrix[1][3]   0.000000 
_atom_sites.fract_transf_matrix[2][1]   0.000000 
_atom_sites.fract_transf_matrix[2][2]   1.000000 
_atom_sites.fract_transf_matrix[2][3]   0.000000 
_atom_sites.fract_transf_matrix[3][1]   0.000000 
_atom_sites.fract_transf_matrix[3][2]   0.000000 
_atom_sites.fract_transf_matrix[3][3]   1.000000 
_atom_sites.fract_transf_vector[1]      0.00000 
_atom_sites.fract_transf_vector[2]      0.00000 
_atom_sites.fract_transf_vector[3]      0.00000 
# 
loop_
_atom_type.symbol 
C 
H 
N 
O 
S 
# 
loop_
_atom_site.group_PDB 
_atom_site.id 
_atom_site.type_symbol 
_atom_site.label_atom_id 
_atom_site.label_alt_id 
_atom_site.label_comp_id 
_atom_site.label_asym_id 
_atom_site.label_entity_id 
_atom_site.label_seq_id 
_atom_site.pdbx_PDB_ins_code 
_atom_site.Cartn_x 
_atom_site.Cartn_y 
_atom_site.Cartn_z 
_atom_site.occupancy 
_atom_site.B_iso_or_equiv 
_atom_site.pdbx_formal_charge 
_atom_site.auth_seq_id 
_atom_site.auth_comp_id 
_atom_site.auth_asym_id 
_atom_site.auth_atom_id 
_atom_site.pdbx_PDB_model_num 
ATOM 1    N N    . MET A 1 1  ? -8.577  -11.246 -8.198  1.00 2.06 ? 1  MET A N    1 
ATOM 2    C CA   . MET A 1 1  ? -7.491  -10.600 -8.985  1.00 1.80 ? 1  MET A CA   1 
ATOM 3    C C    . MET A 1 1  ? -6.151  -11.268 -8.644  1.00 1.67 ? 1  MET A C    1 
ATOM 4    O O    . MET A 1 1  ? -6.030  -11.960 -7.654  1.00 1.86 ? 1  MET A O    1 
ATOM 5    C CB   . MET A 1 1  ? -7.439  -9.106  -8.650  1.00 2.04 ? 1  MET A CB   1 
ATOM 6    C CG   . MET A 1 1  ? -8.834  -8.498  -8.832  1.00 2.28 ? 1  MET A CG   1 
ATOM 7    S SD   . MET A 1 1  ? -8.697  -6.707  -9.072  1.00 2.83 ? 1  MET A SD   1 
ATOM 8    C CE   . MET A 1 1  ? -8.415  -6.253  -7.342  1.00 2.77 ? 1  MET A CE   1 
ATOM 9    H H1   . MET A 1 1  ? -8.238  -12.151 -7.815  1.00 2.31 ? 1  MET A H1   1 
ATOM 10   H H2   . MET A 1 1  ? -9.398  -11.416 -8.815  1.00 2.35 ? 1  MET A H2   1 
ATOM 11   H H3   . MET A 1 1  ? -8.856  -10.623 -7.413  1.00 2.50 ? 1  MET A H3   1 
ATOM 12   H HA   . MET A 1 1  ? -7.693  -10.723 -10.039 1.00 2.10 ? 1  MET A HA   1 
ATOM 13   H HB2  . MET A 1 1  ? -7.122  -8.976  -7.627  1.00 2.51 ? 1  MET A HB2  1 
ATOM 14   H HB3  . MET A 1 1  ? -6.745  -8.611  -9.310  1.00 2.23 ? 1  MET A HB3  1 
ATOM 15   H HG2  . MET A 1 1  ? -9.311  -8.941  -9.693  1.00 2.38 ? 1  MET A HG2  1 
ATOM 16   H HG3  . MET A 1 1  ? -9.428  -8.697  -7.951  1.00 2.71 ? 1  MET A HG3  1 
ATOM 17   H HE1  . MET A 1 1  ? -9.176  -6.706  -6.723  1.00 3.07 ? 1  MET A HE1  1 
ATOM 18   H HE2  . MET A 1 1  ? -8.462  -5.181  -7.239  1.00 3.02 ? 1  MET A HE2  1 
ATOM 19   H HE3  . MET A 1 1  ? -7.438  -6.599  -7.035  1.00 2.99 ? 1  MET A HE3  1 
ATOM 20   N N    . ALA A 1 2  ? -5.152  -11.076 -9.469  1.00 1.60 ? 2  ALA A N    1 
ATOM 21   C CA   . ALA A 1 2  ? -3.820  -11.709 -9.213  1.00 1.72 ? 2  ALA A CA   1 
ATOM 22   C C    . ALA A 1 2  ? -3.199  -11.143 -7.936  1.00 1.38 ? 2  ALA A C    1 
ATOM 23   O O    . ALA A 1 2  ? -2.133  -10.562 -7.958  1.00 1.50 ? 2  ALA A O    1 
ATOM 24   C CB   . ALA A 1 2  ? -2.892  -11.434 -10.397 1.00 2.12 ? 2  ALA A CB   1 
ATOM 25   H H    . ALA A 1 2  ? -5.281  -10.523 -10.268 1.00 1.64 ? 2  ALA A H    1 
ATOM 26   H HA   . ALA A 1 2  ? -3.943  -12.773 -9.099  1.00 1.96 ? 2  ALA A HA   1 
ATOM 27   H HB1  . ALA A 1 2  ? -1.871  -11.626 -10.105 1.00 2.43 ? 2  ALA A HB1  1 
ATOM 28   H HB2  . ALA A 1 2  ? -2.994  -10.404 -10.702 1.00 2.39 ? 2  ALA A HB2  1 
ATOM 29   H HB3  . ALA A 1 2  ? -3.159  -12.081 -11.220 1.00 2.52 ? 2  ALA A HB3  1 
ATOM 30   N N    . THR A 1 3  ? -3.853  -11.309 -6.826  1.00 1.21 ? 3  THR A N    1 
ATOM 31   C CA   . THR A 1 3  ? -3.300  -10.781 -5.552  1.00 1.05 ? 3  THR A CA   1 
ATOM 32   C C    . THR A 1 3  ? -2.247  -11.735 -4.997  1.00 0.98 ? 3  THR A C    1 
ATOM 33   O O    . THR A 1 3  ? -2.558  -12.710 -4.344  1.00 1.11 ? 3  THR A O    1 
ATOM 34   C CB   . THR A 1 3  ? -4.436  -10.628 -4.539  1.00 1.27 ? 3  THR A CB   1 
ATOM 35   O OG1  . THR A 1 3  ? -5.088  -11.878 -4.367  1.00 1.66 ? 3  THR A OG1  1 
ATOM 36   C CG2  . THR A 1 3  ? -5.435  -9.594  -5.059  1.00 1.85 ? 3  THR A CG2  1 
ATOM 37   H H    . THR A 1 3  ? -4.712  -11.783 -6.829  1.00 1.40 ? 3  THR A H    1 
ATOM 38   H HA   . THR A 1 3  ? -2.847  -9.820  -5.719  1.00 1.06 ? 3  THR A HA   1 
ATOM 39   H HB   . THR A 1 3  ? -4.035  -10.298 -3.596  1.00 1.44 ? 3  THR A HB   1 
ATOM 40   H HG1  . THR A 1 3  ? -5.630  -11.823 -3.576  1.00 2.01 ? 3  THR A HG1  1 
ATOM 41   H HG21 . THR A 1 3  ? -5.446  -9.623  -6.136  1.00 2.23 ? 3  THR A HG21 1 
ATOM 42   H HG22 . THR A 1 3  ? -5.141  -8.610  -4.731  1.00 2.47 ? 3  THR A HG22 1 
ATOM 43   H HG23 . THR A 1 3  ? -6.421  -9.822  -4.681  1.00 2.12 ? 3  THR A HG23 1 
ATOM 44   N N    . THR A 1 4  ? -0.994  -11.430 -5.210  1.00 0.89 ? 4  THR A N    1 
ATOM 45   C CA   . THR A 1 4  ? 0.077   -12.290 -4.648  1.00 0.89 ? 4  THR A CA   1 
ATOM 46   C C    . THR A 1 4  ? 0.320   -11.765 -3.248  1.00 0.74 ? 4  THR A C    1 
ATOM 47   O O    . THR A 1 4  ? 0.274   -10.569 -3.029  1.00 0.80 ? 4  THR A O    1 
ATOM 48   C CB   . THR A 1 4  ? 1.360   -12.174 -5.474  1.00 1.00 ? 4  THR A CB   1 
ATOM 49   O OG1  . THR A 1 4  ? 1.030   -12.138 -6.854  1.00 1.40 ? 4  THR A OG1  1 
ATOM 50   C CG2  . THR A 1 4  ? 2.249   -13.383 -5.191  1.00 1.27 ? 4  THR A CG2  1 
ATOM 51   H H    . THR A 1 4  ? -0.763  -10.618 -5.708  1.00 0.91 ? 4  THR A H    1 
ATOM 52   H HA   . THR A 1 4  ? -0.254  -13.317 -4.605  1.00 1.00 ? 4  THR A HA   1 
ATOM 53   H HB   . THR A 1 4  ? 1.889   -11.275 -5.201  1.00 1.18 ? 4  THR A HB   1 
ATOM 54   H HG1  . THR A 1 4  ? 0.383   -11.440 -6.986  1.00 1.55 ? 4  THR A HG1  1 
ATOM 55   H HG21 . THR A 1 4  ? 2.023   -14.169 -5.895  1.00 1.86 ? 4  THR A HG21 1 
ATOM 56   H HG22 . THR A 1 4  ? 2.066   -13.736 -4.186  1.00 1.68 ? 4  THR A HG22 1 
ATOM 57   H HG23 . THR A 1 4  ? 3.287   -13.099 -5.289  1.00 1.62 ? 4  THR A HG23 1 
ATOM 58   N N    . THR A 1 5  ? 0.517   -12.625 -2.289  1.00 0.73 ? 5  THR A N    1 
ATOM 59   C CA   . THR A 1 5  ? 0.680   -12.130 -0.903  1.00 0.67 ? 5  THR A CA   1 
ATOM 60   C C    . THR A 1 5  ? 2.128   -11.857 -0.532  1.00 0.73 ? 5  THR A C    1 
ATOM 61   O O    . THR A 1 5  ? 2.932   -12.755 -0.377  1.00 0.90 ? 5  THR A O    1 
ATOM 62   C CB   . THR A 1 5  ? 0.052   -13.119 0.072   1.00 0.76 ? 5  THR A CB   1 
ATOM 63   O OG1  . THR A 1 5  ? 0.057   -14.421 -0.498  1.00 0.93 ? 5  THR A OG1  1 
ATOM 64   C CG2  . THR A 1 5  ? -1.385  -12.669 0.339   1.00 0.76 ? 5  THR A CG2  1 
ATOM 65   H H    . THR A 1 5  ? 0.510   -13.583 -2.476  1.00 0.87 ? 5  THR A H    1 
ATOM 66   H HA   . THR A 1 5  ? 0.149   -11.217 -0.823  1.00 0.61 ? 5  THR A HA   1 
ATOM 67   H HB   . THR A 1 5  ? 0.604   -13.122 0.999   1.00 0.93 ? 5  THR A HB   1 
ATOM 68   H HG1  . THR A 1 5  ? -0.673  -14.475 -1.118  1.00 1.33 ? 5  THR A HG1  1 
ATOM 69   H HG21 . THR A 1 5  ? -1.858  -12.411 -0.600  1.00 1.35 ? 5  THR A HG21 1 
ATOM 70   H HG22 . THR A 1 5  ? -1.377  -11.802 0.984   1.00 1.30 ? 5  THR A HG22 1 
ATOM 71   H HG23 . THR A 1 5  ? -1.933  -13.467 0.811   1.00 1.20 ? 5  THR A HG23 1 
ATOM 72   N N    . LEU A 1 6  ? 2.435   -10.597 -0.340  1.00 0.70 ? 6  LEU A N    1 
ATOM 73   C CA   . LEU A 1 6  ? 3.814   -10.197 0.086   1.00 0.84 ? 6  LEU A CA   1 
ATOM 74   C C    . LEU A 1 6  ? 3.703   -9.640  1.497   1.00 0.74 ? 6  LEU A C    1 
ATOM 75   O O    . LEU A 1 6  ? 2.670   -9.148  1.883   1.00 0.82 ? 6  LEU A O    1 
ATOM 76   C CB   . LEU A 1 6  ? 4.395   -9.067  -0.775  1.00 1.02 ? 6  LEU A CB   1 
ATOM 77   C CG   . LEU A 1 6  ? 3.998   -9.178  -2.244  1.00 0.82 ? 6  LEU A CG   1 
ATOM 78   C CD1  . LEU A 1 6  ? 4.736   -8.089  -3.024  1.00 1.16 ? 6  LEU A CD1  1 
ATOM 79   C CD2  . LEU A 1 6  ? 4.413   -10.521 -2.813  1.00 1.11 ? 6  LEU A CD2  1 
ATOM 80   H H    . LEU A 1 6  ? 1.731   -9.913  -0.433  1.00 0.67 ? 6  LEU A H    1 
ATOM 81   H HA   . LEU A 1 6  ? 4.476   -11.051 0.077   1.00 0.96 ? 6  LEU A HA   1 
ATOM 82   H HB2  . LEU A 1 6  ? 4.045   -8.124  -0.388  1.00 1.43 ? 6  LEU A HB2  1 
ATOM 83   H HB3  . LEU A 1 6  ? 5.473   -9.093  -0.699  1.00 1.43 ? 6  LEU A HB3  1 
ATOM 84   H HG   . LEU A 1 6  ? 2.928   -9.054  -2.343  1.00 1.00 ? 6  LEU A HG   1 
ATOM 85   H HD11 . LEU A 1 6  ? 5.651   -8.498  -3.423  1.00 1.66 ? 6  LEU A HD11 1 
ATOM 86   H HD12 . LEU A 1 6  ? 4.974   -7.270  -2.362  1.00 1.45 ? 6  LEU A HD12 1 
ATOM 87   H HD13 . LEU A 1 6  ? 4.121   -7.734  -3.834  1.00 1.66 ? 6  LEU A HD13 1 
ATOM 88   H HD21 . LEU A 1 6  ? 4.453   -10.450 -3.892  1.00 1.65 ? 6  LEU A HD21 1 
ATOM 89   H HD22 . LEU A 1 6  ? 3.694   -11.267 -2.529  1.00 1.58 ? 6  LEU A HD22 1 
ATOM 90   H HD23 . LEU A 1 6  ? 5.387   -10.782 -2.433  1.00 1.55 ? 6  LEU A HD23 1 
ATOM 91   N N    . GLY A 1 7  ? 4.743   -9.659  2.266   1.00 0.79 ? 7  GLY A N    1 
ATOM 92   C CA   . GLY A 1 7  ? 4.623   -9.065  3.620   1.00 0.72 ? 7  GLY A CA   1 
ATOM 93   C C    . GLY A 1 7  ? 4.608   -7.540  3.468   1.00 0.74 ? 7  GLY A C    1 
ATOM 94   O O    . GLY A 1 7  ? 5.439   -6.972  2.788   1.00 0.87 ? 7  GLY A O    1 
ATOM 95   H H    . GLY A 1 7  ? 5.596   -10.026 1.952   1.00 1.00 ? 7  GLY A H    1 
ATOM 96   H HA2  . GLY A 1 7  ? 3.698   -9.395  4.077   1.00 0.73 ? 7  GLY A HA2  1 
ATOM 97   H HA3  . GLY A 1 7  ? 5.459   -9.359  4.227   1.00 0.77 ? 7  GLY A HA3  1 
ATOM 98   N N    . VAL A 1 8  ? 3.673   -6.877  4.090   1.00 0.72 ? 8  VAL A N    1 
ATOM 99   C CA   . VAL A 1 8  ? 3.604   -5.391  3.977   1.00 0.82 ? 8  VAL A CA   1 
ATOM 100  C C    . VAL A 1 8  ? 4.323   -4.792  5.164   1.00 0.69 ? 8  VAL A C    1 
ATOM 101  O O    . VAL A 1 8  ? 4.747   -5.501  6.033   1.00 0.75 ? 8  VAL A O    1 
ATOM 102  C CB   . VAL A 1 8  ? 2.139   -4.930  3.971   1.00 1.05 ? 8  VAL A CB   1 
ATOM 103  C CG1  . VAL A 1 8  ? 1.674   -4.545  5.375   1.00 1.23 ? 8  VAL A CG1  1 
ATOM 104  C CG2  . VAL A 1 8  ? 1.991   -3.709  3.063   1.00 1.85 ? 8  VAL A CG2  1 
ATOM 105  H H    . VAL A 1 8  ? 3.015   -7.356  4.639   1.00 0.71 ? 8  VAL A H    1 
ATOM 106  H HA   . VAL A 1 8  ? 4.086   -5.072  3.065   1.00 1.04 ? 8  VAL A HA   1 
ATOM 107  H HB   . VAL A 1 8  ? 1.514   -5.725  3.602   1.00 1.31 ? 8  VAL A HB   1 
ATOM 108  H HG11 . VAL A 1 8  ? 0.609   -4.506  5.371   1.00 1.55 ? 8  VAL A HG11 1 
ATOM 109  H HG12 . VAL A 1 8  ? 2.068   -3.572  5.641   1.00 1.79 ? 8  VAL A HG12 1 
ATOM 110  H HG13 . VAL A 1 8  ? 1.994   -5.281  6.094   1.00 1.75 ? 8  VAL A HG13 1 
ATOM 111  H HG21 . VAL A 1 8  ? 2.217   -3.988  2.051   1.00 2.21 ? 8  VAL A HG21 1 
ATOM 112  H HG22 . VAL A 1 8  ? 2.669   -2.935  3.382   1.00 2.27 ? 8  VAL A HG22 1 
ATOM 113  H HG23 . VAL A 1 8  ? 0.978   -3.338  3.120   1.00 2.41 ? 8  VAL A HG23 1 
ATOM 114  N N    . LYS A 1 9  ? 4.428   -3.499  5.213   1.00 0.84 ? 9  LYS A N    1 
ATOM 115  C CA   . LYS A 1 9  ? 5.097   -2.827  6.357   1.00 0.86 ? 9  LYS A CA   1 
ATOM 116  C C    . LYS A 1 9  ? 4.132   -1.815  6.957   1.00 0.87 ? 9  LYS A C    1 
ATOM 117  O O    . LYS A 1 9  ? 4.250   -0.627  6.731   1.00 1.09 ? 9  LYS A O    1 
ATOM 118  C CB   . LYS A 1 9  ? 6.307   -2.100  5.829   1.00 1.18 ? 9  LYS A CB   1 
ATOM 119  C CG   . LYS A 1 9  ? 7.320   -3.111  5.284   1.00 1.73 ? 9  LYS A CG   1 
ATOM 120  C CD   . LYS A 1 9  ? 8.686   -2.862  5.927   1.00 2.41 ? 9  LYS A CD   1 
ATOM 121  C CE   . LYS A 1 9  ? 9.739   -3.720  5.230   1.00 3.23 ? 9  LYS A CE   1 
ATOM 122  N NZ   . LYS A 1 9  ? 9.068   -4.852  4.530   1.00 3.73 ? 9  LYS A NZ   1 
ATOM 123  H H    . LYS A 1 9  ? 4.054   -2.958  4.493   1.00 1.08 ? 9  LYS A H    1 
ATOM 124  H HA   . LYS A 1 9  ? 5.391   -3.542  7.110   1.00 0.82 ? 9  LYS A HA   1 
ATOM 125  H HB2  . LYS A 1 9  ? 5.976   -1.452  5.038   1.00 1.52 ? 9  LYS A HB2  1 
ATOM 126  H HB3  . LYS A 1 9  ? 6.756   -1.515  6.611   1.00 1.25 ? 9  LYS A HB3  1 
ATOM 127  H HG2  . LYS A 1 9  ? 6.991   -4.115  5.514   1.00 2.20 ? 9  LYS A HG2  1 
ATOM 128  H HG3  . LYS A 1 9  ? 7.402   -3.001  4.214   1.00 2.05 ? 9  LYS A HG3  1 
ATOM 129  H HD2  . LYS A 1 9  ? 8.950   -1.819  5.831   1.00 2.56 ? 9  LYS A HD2  1 
ATOM 130  H HD3  . LYS A 1 9  ? 8.643   -3.126  6.973   1.00 2.90 ? 9  LYS A HD3  1 
ATOM 131  H HE2  . LYS A 1 9  ? 10.277  -3.119  4.513   1.00 3.62 ? 9  LYS A HE2  1 
ATOM 132  H HE3  . LYS A 1 9  ? 10.429  -4.109  5.965   1.00 3.66 ? 9  LYS A HE3  1 
ATOM 133  H HZ1  . LYS A 1 9  ? 8.398   -4.477  3.831   1.00 3.99 ? 9  LYS A HZ1  1 
ATOM 134  H HZ2  . LYS A 1 9  ? 8.555   -5.433  5.226   1.00 4.07 ? 9  LYS A HZ2  1 
ATOM 135  H HZ3  . LYS A 1 9  ? 9.781   -5.434  4.048   1.00 3.98 ? 9  LYS A HZ3  1 
ATOM 136  N N    . LEU A 1 10 ? 3.171   -2.290  7.697   1.00 0.81 ? 10 LEU A N    1 
ATOM 137  C CA   . LEU A 1 10 ? 2.160   -1.394  8.308   1.00 0.98 ? 10 LEU A CA   1 
ATOM 138  C C    . LEU A 1 10 ? 2.308   -1.385  9.826   1.00 1.03 ? 10 LEU A C    1 
ATOM 139  O O    . LEU A 1 10 ? 2.719   -2.355  10.423  1.00 1.12 ? 10 LEU A O    1 
ATOM 140  C CB   . LEU A 1 10 ? 0.790   -1.927  7.917   1.00 1.16 ? 10 LEU A CB   1 
ATOM 141  C CG   . LEU A 1 10 ? 0.355   -1.321  6.561   1.00 0.88 ? 10 LEU A CG   1 
ATOM 142  C CD1  . LEU A 1 10 ? -0.696  -2.208  5.854   1.00 1.40 ? 10 LEU A CD1  1 
ATOM 143  C CD2  . LEU A 1 10 ? -0.235  0.084   6.783   1.00 0.86 ? 10 LEU A CD2  1 
ATOM 144  H H    . LEU A 1 10 ? 3.101   -3.254  7.835   1.00 0.78 ? 10 LEU A H    1 
ATOM 145  H HA   . LEU A 1 10 ? 2.284   -0.399  7.937   1.00 1.12 ? 10 LEU A HA   1 
ATOM 146  H HB2  . LEU A 1 10 ? 0.884   -2.993  7.829   1.00 1.62 ? 10 LEU A HB2  1 
ATOM 147  H HB3  . LEU A 1 10 ? 0.071   -1.693  8.684   1.00 1.59 ? 10 LEU A HB3  1 
ATOM 148  H HG   . LEU A 1 10 ? 1.224   -1.242  5.925   1.00 1.04 ? 10 LEU A HG   1 
ATOM 149  H HD11 . LEU A 1 10 ? -1.614  -1.687  5.773   1.00 1.61 ? 10 LEU A HD11 1 
ATOM 150  H HD12 . LEU A 1 10 ? -0.872  -3.104  6.407   1.00 1.97 ? 10 LEU A HD12 1 
ATOM 151  H HD13 . LEU A 1 10 ? -0.344  -2.450  4.860   1.00 1.95 ? 10 LEU A HD13 1 
ATOM 152  H HD21 . LEU A 1 10 ? -0.713  0.430   5.888   1.00 1.46 ? 10 LEU A HD21 1 
ATOM 153  H HD22 . LEU A 1 10 ? 0.550   0.769   7.034   1.00 1.37 ? 10 LEU A HD22 1 
ATOM 154  H HD23 . LEU A 1 10 ? -0.960  0.051   7.583   1.00 1.28 ? 10 LEU A HD23 1 
ATOM 155  N N    . ASP A 1 11 ? 1.962   -0.290  10.446  1.00 1.21 ? 11 ASP A N    1 
ATOM 156  C CA   . ASP A 1 11 ? 2.061   -0.183  11.927  1.00 1.40 ? 11 ASP A CA   1 
ATOM 157  C C    . ASP A 1 11 ? 0.655   -0.263  12.499  1.00 1.11 ? 11 ASP A C    1 
ATOM 158  O O    . ASP A 1 11 ? -0.287  0.187   11.879  1.00 0.87 ? 11 ASP A O    1 
ATOM 159  C CB   . ASP A 1 11 ? 2.670   1.164   12.299  1.00 1.89 ? 11 ASP A CB   1 
ATOM 160  C CG   . ASP A 1 11 ? 3.537   1.669   11.142  1.00 2.51 ? 11 ASP A CG   1 
ATOM 161  O OD1  . ASP A 1 11 ? 4.232   0.858   10.550  1.00 3.03 ? 11 ASP A OD1  1 
ATOM 162  O OD2  . ASP A 1 11 ? 3.491   2.856   10.866  1.00 3.02 ? 11 ASP A OD2  1 
ATOM 163  H H    . ASP A 1 11 ? 1.613   0.467   9.933   1.00 1.32 ? 11 ASP A H    1 
ATOM 164  H HA   . ASP A 1 11 ? 2.675   -0.983  12.324  1.00 1.56 ? 11 ASP A HA   1 
ATOM 165  H HB2  . ASP A 1 11 ? 1.877   1.868   12.495  1.00 2.10 ? 11 ASP A HB2  1 
ATOM 166  H HB3  . ASP A 1 11 ? 3.277   1.054   13.182  1.00 2.08 ? 11 ASP A HB3  1 
ATOM 167  N N    . ASP A 1 12 ? 0.497   -0.789  13.678  1.00 1.24 ? 12 ASP A N    1 
ATOM 168  C CA   . ASP A 1 12 ? -0.868  -0.847  14.264  1.00 1.10 ? 12 ASP A CA   1 
ATOM 169  C C    . ASP A 1 12 ? -1.469  0.557   14.172  1.00 0.93 ? 12 ASP A C    1 
ATOM 170  O O    . ASP A 1 12 ? -2.445  0.761   13.480  1.00 0.78 ? 12 ASP A O    1 
ATOM 171  C CB   . ASP A 1 12 ? -0.809  -1.339  15.712  1.00 1.30 ? 12 ASP A CB   1 
ATOM 172  C CG   . ASP A 1 12 ? -1.259  -2.799  15.763  1.00 1.44 ? 12 ASP A CG   1 
ATOM 173  O OD1  . ASP A 1 12 ? -2.456  -3.030  15.736  1.00 1.90 ? 12 ASP A OD1  1 
ATOM 174  O OD2  . ASP A 1 12 ? -0.398  -3.662  15.825  1.00 1.83 ? 12 ASP A OD2  1 
ATOM 175  H H    . ASP A 1 12 ? 1.269   -1.108  14.180  1.00 1.49 ? 12 ASP A H    1 
ATOM 176  H HA   . ASP A 1 12 ? -1.472  -1.527  13.679  1.00 1.09 ? 12 ASP A HA   1 
ATOM 177  H HB2  . ASP A 1 12 ? 0.205   -1.264  16.078  1.00 1.54 ? 12 ASP A HB2  1 
ATOM 178  H HB3  . ASP A 1 12 ? -1.469  -0.744  16.324  1.00 1.28 ? 12 ASP A HB3  1 
ATOM 179  N N    . PRO A 1 13 ? -0.866  1.542   14.794  1.00 1.05 ? 13 PRO A N    1 
ATOM 180  C CA   . PRO A 1 13 ? -1.350  2.936   14.677  1.00 1.06 ? 13 PRO A CA   1 
ATOM 181  C C    . PRO A 1 13 ? -1.727  3.264   13.226  1.00 0.86 ? 13 PRO A C    1 
ATOM 182  O O    . PRO A 1 13 ? -2.815  3.718   12.929  1.00 0.79 ? 13 PRO A O    1 
ATOM 183  C CB   . PRO A 1 13 ? -0.129  3.769   15.067  1.00 1.30 ? 13 PRO A CB   1 
ATOM 184  C CG   . PRO A 1 13 ? 0.714   2.904   15.943  1.00 1.42 ? 13 PRO A CG   1 
ATOM 185  C CD   . PRO A 1 13 ? 0.311   1.452   15.686  1.00 1.30 ? 13 PRO A CD   1 
ATOM 186  H HA   . PRO A 1 13 ? -2.168  3.129   15.350  1.00 1.14 ? 13 PRO A HA   1 
ATOM 187  H HB2  . PRO A 1 13 ? 0.426   4.036   14.179  1.00 1.31 ? 13 PRO A HB2  1 
ATOM 188  H HB3  . PRO A 1 13 ? -0.433  4.654   15.603  1.00 1.45 ? 13 PRO A HB3  1 
ATOM 189  H HG2  . PRO A 1 13 ? 1.758   3.046   15.701  1.00 1.55 ? 13 PRO A HG2  1 
ATOM 190  H HG3  . PRO A 1 13 ? 0.539   3.149   16.978  1.00 1.51 ? 13 PRO A HG3  1 
ATOM 191  H HD2  . PRO A 1 13 ? 1.120   0.918   15.214  1.00 1.37 ? 13 PRO A HD2  1 
ATOM 192  H HD3  . PRO A 1 13 ? 0.041   0.988   16.616  1.00 1.40 ? 13 PRO A HD3  1 
ATOM 193  N N    . THR A 1 14 ? -0.814  3.012   12.325  1.00 0.86 ? 14 THR A N    1 
ATOM 194  C CA   . THR A 1 14 ? -1.053  3.290   10.882  1.00 0.76 ? 14 THR A CA   1 
ATOM 195  C C    . THR A 1 14 ? -2.190  2.406   10.371  1.00 0.57 ? 14 THR A C    1 
ATOM 196  O O    . THR A 1 14 ? -3.052  2.843   9.635   1.00 0.48 ? 14 THR A O    1 
ATOM 197  C CB   . THR A 1 14 ? 0.256   2.977   10.131  1.00 1.00 ? 14 THR A CB   1 
ATOM 198  O OG1  . THR A 1 14 ? 1.236   3.940   10.489  1.00 1.91 ? 14 THR A OG1  1 
ATOM 199  C CG2  . THR A 1 14 ? 0.057   3.000   8.614   1.00 1.06 ? 14 THR A CG2  1 
ATOM 200  H H    . THR A 1 14 ? 0.044   2.625   12.602  1.00 0.99 ? 14 THR A H    1 
ATOM 201  H HA   . THR A 1 14 ? -1.310  4.330   10.746  1.00 0.81 ? 14 THR A HA   1 
ATOM 202  H HB   . THR A 1 14 ? 0.603   1.999   10.426  1.00 1.59 ? 14 THR A HB   1 
ATOM 203  H HG1  . THR A 1 14 ? 1.310   4.570   9.766   1.00 2.31 ? 14 THR A HG1  1 
ATOM 204  H HG21 . THR A 1 14 ? -0.307  3.962   8.311   1.00 1.43 ? 14 THR A HG21 1 
ATOM 205  H HG22 . THR A 1 14 ? -0.647  2.242   8.329   1.00 1.78 ? 14 THR A HG22 1 
ATOM 206  H HG23 . THR A 1 14 ? 1.004   2.803   8.127   1.00 1.61 ? 14 THR A HG23 1 
ATOM 207  N N    . ARG A 1 15 ? -2.189  1.168   10.753  1.00 0.61 ? 15 ARG A N    1 
ATOM 208  C CA   . ARG A 1 15 ? -3.251  0.238   10.297  1.00 0.60 ? 15 ARG A CA   1 
ATOM 209  C C    . ARG A 1 15 ? -4.624  0.797   10.660  1.00 0.51 ? 15 ARG A C    1 
ATOM 210  O O    . ARG A 1 15 ? -5.574  0.695   9.918   1.00 0.53 ? 15 ARG A O    1 
ATOM 211  C CB   . ARG A 1 15 ? -3.039  -1.093  10.988  1.00 0.80 ? 15 ARG A CB   1 
ATOM 212  C CG   . ARG A 1 15 ? -4.085  -2.089  10.498  1.00 0.98 ? 15 ARG A CG   1 
ATOM 213  C CD   . ARG A 1 15 ? -3.775  -3.478  11.056  1.00 1.47 ? 15 ARG A CD   1 
ATOM 214  N NE   . ARG A 1 15 ? -4.825  -4.437  10.608  1.00 1.71 ? 15 ARG A NE   1 
ATOM 215  C CZ   . ARG A 1 15 ? -4.896  -4.797  9.354   1.00 1.87 ? 15 ARG A CZ   1 
ATOM 216  N NH1  . ARG A 1 15 ? -4.040  -4.332  8.488   1.00 2.31 ? 15 ARG A NH1  1 
ATOM 217  N NH2  . ARG A 1 15 ? -5.826  -5.625  8.968   1.00 2.27 ? 15 ARG A NH2  1 
ATOM 218  H H    . ARG A 1 15 ? -1.478  0.843   11.345  1.00 0.73 ? 15 ARG A H    1 
ATOM 219  H HA   . ARG A 1 15 ? -3.183  0.099   9.228   1.00 0.62 ? 15 ARG A HA   1 
ATOM 220  H HB2  . ARG A 1 15 ? -2.057  -1.447  10.761  1.00 0.96 ? 15 ARG A HB2  1 
ATOM 221  H HB3  . ARG A 1 15 ? -3.127  -0.964  12.049  1.00 0.79 ? 15 ARG A HB3  1 
ATOM 222  H HG2  . ARG A 1 15 ? -5.064  -1.776  10.833  1.00 1.44 ? 15 ARG A HG2  1 
ATOM 223  H HG3  . ARG A 1 15 ? -4.069  -2.121  9.421   1.00 1.56 ? 15 ARG A HG3  1 
ATOM 224  H HD2  . ARG A 1 15 ? -2.812  -3.804  10.694  1.00 2.06 ? 15 ARG A HD2  1 
ATOM 225  H HD3  . ARG A 1 15 ? -3.761  -3.438  12.135  1.00 2.01 ? 15 ARG A HD3  1 
ATOM 226  H HE   . ARG A 1 15 ? -5.468  -4.794  11.256  1.00 2.24 ? 15 ARG A HE   1 
ATOM 227  H HH11 . ARG A 1 15 ? -3.325  -3.696  8.782   1.00 2.40 ? 15 ARG A HH11 1 
ATOM 228  H HH12 . ARG A 1 15 ? -4.096  -4.611  7.528   1.00 2.88 ? 15 ARG A HH12 1 
ATOM 229  H HH21 . ARG A 1 15 ? -6.483  -5.984  9.631   1.00 2.61 ? 15 ARG A HH21 1 
ATOM 230  H HH22 . ARG A 1 15 ? -5.881  -5.903  8.009   1.00 2.57 ? 15 ARG A HH22 1 
ATOM 231  N N    . GLU A 1 16 ? -4.737  1.390   11.796  1.00 0.53 ? 16 GLU A N    1 
ATOM 232  C CA   . GLU A 1 16 ? -6.061  1.970   12.192  1.00 0.60 ? 16 GLU A CA   1 
ATOM 233  C C    . GLU A 1 16 ? -6.393  3.106   11.246  1.00 0.57 ? 16 GLU A C    1 
ATOM 234  O O    . GLU A 1 16 ? -7.525  3.310   10.860  1.00 0.65 ? 16 GLU A O    1 
ATOM 235  C CB   . GLU A 1 16 ? -5.976  2.539   13.603  1.00 0.73 ? 16 GLU A CB   1 
ATOM 236  C CG   . GLU A 1 16 ? -5.590  1.437   14.573  1.00 1.21 ? 16 GLU A CG   1 
ATOM 237  C CD   . GLU A 1 16 ? -6.778  0.498   14.793  1.00 1.89 ? 16 GLU A CD   1 
ATOM 238  O OE1  . GLU A 1 16 ? -7.861  0.825   14.335  1.00 2.44 ? 16 GLU A OE1  1 
ATOM 239  O OE2  . GLU A 1 16 ? -6.584  -0.533  15.417  1.00 2.45 ? 16 GLU A OE2  1 
ATOM 240  H H    . GLU A 1 16 ? -3.948  1.468   12.381  1.00 0.58 ? 16 GLU A H    1 
ATOM 241  H HA   . GLU A 1 16 ? -6.841  1.218   12.134  1.00 0.69 ? 16 GLU A HA   1 
ATOM 242  H HB2  . GLU A 1 16 ? -5.231  3.321   13.631  1.00 1.06 ? 16 GLU A HB2  1 
ATOM 243  H HB3  . GLU A 1 16 ? -6.935  2.946   13.886  1.00 1.06 ? 16 GLU A HB3  1 
ATOM 244  H HG2  . GLU A 1 16 ? -4.762  0.881   14.159  1.00 1.53 ? 16 GLU A HG2  1 
ATOM 245  H HG3  . GLU A 1 16 ? -5.298  1.879   15.511  1.00 1.69 ? 16 GLU A HG3  1 
ATOM 246  N N    . ARG A 1 17 ? -5.410  3.864   10.885  1.00 0.54 ? 17 ARG A N    1 
ATOM 247  C CA   . ARG A 1 17 ? -5.660  4.999   9.983   1.00 0.60 ? 17 ARG A CA   1 
ATOM 248  C C    . ARG A 1 17 ? -6.125  4.449   8.628   1.00 0.53 ? 17 ARG A C    1 
ATOM 249  O O    . ARG A 1 17 ? -6.906  5.065   7.933   1.00 0.62 ? 17 ARG A O    1 
ATOM 250  C CB   . ARG A 1 17 ? -4.364  5.823   9.838   1.00 0.70 ? 17 ARG A CB   1 
ATOM 251  C CG   . ARG A 1 17 ? -4.643  7.295   9.457   1.00 0.99 ? 17 ARG A CG   1 
ATOM 252  C CD   . ARG A 1 17 ? -4.640  7.450   7.938   1.00 1.64 ? 17 ARG A CD   1 
ATOM 253  N NE   . ARG A 1 17 ? -4.956  8.867   7.593   1.00 2.27 ? 17 ARG A NE   1 
ATOM 254  C CZ   . ARG A 1 17 ? -5.496  9.167   6.441   1.00 3.01 ? 17 ARG A CZ   1 
ATOM 255  N NH1  . ARG A 1 17 ? -5.807  8.228   5.587   1.00 3.36 ? 17 ARG A NH1  1 
ATOM 256  N NH2  . ARG A 1 17 ? -5.739  10.414  6.146   1.00 3.87 ? 17 ARG A NH2  1 
ATOM 257  H H    . ARG A 1 17 ? -4.509  3.691   11.219  1.00 0.54 ? 17 ARG A H    1 
ATOM 258  H HA   . ARG A 1 17 ? -6.442  5.595   10.416  1.00 0.70 ? 17 ARG A HA   1 
ATOM 259  H HB2  . ARG A 1 17 ? -3.829  5.801   10.775  1.00 1.01 ? 17 ARG A HB2  1 
ATOM 260  H HB3  . ARG A 1 17 ? -3.749  5.374   9.073   1.00 0.87 ? 17 ARG A HB3  1 
ATOM 261  H HG2  . ARG A 1 17 ? -5.593  7.621   9.848   1.00 1.50 ? 17 ARG A HG2  1 
ATOM 262  H HG3  . ARG A 1 17 ? -3.864  7.917   9.872   1.00 1.58 ? 17 ARG A HG3  1 
ATOM 263  H HD2  . ARG A 1 17 ? -3.663  7.194   7.553   1.00 2.25 ? 17 ARG A HD2  1 
ATOM 264  H HD3  . ARG A 1 17 ? -5.380  6.798   7.510   1.00 2.13 ? 17 ARG A HD3  1 
ATOM 265  H HE   . ARG A 1 17 ? -4.747  9.580   8.231   1.00 2.61 ? 17 ARG A HE   1 
ATOM 266  H HH11 . ARG A 1 17 ? -5.636  7.272   5.809   1.00 3.13 ? 17 ARG A HH11 1 
ATOM 267  H HH12 . ARG A 1 17 ? -6.215  8.470   4.708   1.00 4.15 ? 17 ARG A HH12 1 
ATOM 268  H HH21 . ARG A 1 17 ? -5.513  11.136  6.801   1.00 4.10 ? 17 ARG A HH21 1 
ATOM 269  H HH22 . ARG A 1 17 ? -6.151  10.649  5.266   1.00 4.52 ? 17 ARG A HH22 1 
ATOM 270  N N    . LEU A 1 18 ? -5.670  3.273   8.257   1.00 0.43 ? 18 LEU A N    1 
ATOM 271  C CA   . LEU A 1 18 ? -6.119  2.689   6.955   1.00 0.43 ? 18 LEU A CA   1 
ATOM 272  C C    . LEU A 1 18 ? -7.626  2.486   7.024   1.00 0.49 ? 18 LEU A C    1 
ATOM 273  O O    . LEU A 1 18 ? -8.338  2.652   6.053   1.00 0.54 ? 18 LEU A O    1 
ATOM 274  C CB   . LEU A 1 18 ? -5.461  1.327   6.707   1.00 0.47 ? 18 LEU A CB   1 
ATOM 275  C CG   . LEU A 1 18 ? -4.161  1.458   5.908   1.00 0.46 ? 18 LEU A CG   1 
ATOM 276  C CD1  . LEU A 1 18 ? -3.106  2.216   6.716   1.00 0.46 ? 18 LEU A CD1  1 
ATOM 277  C CD2  . LEU A 1 18 ? -3.656  0.047   5.603   1.00 0.57 ? 18 LEU A CD2  1 
ATOM 278  H H    . LEU A 1 18 ? -5.058  2.772   8.842   1.00 0.42 ? 18 LEU A H    1 
ATOM 279  H HA   . LEU A 1 18 ? -5.879  3.366   6.148   1.00 0.45 ? 18 LEU A HA   1 
ATOM 280  H HB2  . LEU A 1 18 ? -5.241  0.861   7.645   1.00 0.54 ? 18 LEU A HB2  1 
ATOM 281  H HB3  . LEU A 1 18 ? -6.149  0.702   6.158   1.00 0.58 ? 18 LEU A HB3  1 
ATOM 282  H HG   . LEU A 1 18 ? -4.342  1.985   4.987   1.00 0.50 ? 18 LEU A HG   1 
ATOM 283  H HD11 . LEU A 1 18 ? -2.720  1.582   7.490   1.00 1.08 ? 18 LEU A HD11 1 
ATOM 284  H HD12 . LEU A 1 18 ? -3.549  3.086   7.160   1.00 1.16 ? 18 LEU A HD12 1 
ATOM 285  H HD13 . LEU A 1 18 ? -2.299  2.517   6.062   1.00 1.11 ? 18 LEU A HD13 1 
ATOM 286  H HD21 . LEU A 1 18 ? -3.370  -0.434  6.528   1.00 1.15 ? 18 LEU A HD21 1 
ATOM 287  H HD22 . LEU A 1 18 ? -2.814  0.101   4.935   1.00 1.12 ? 18 LEU A HD22 1 
ATOM 288  H HD23 . LEU A 1 18 ? -4.438  -0.529  5.139   1.00 1.17 ? 18 LEU A HD23 1 
ATOM 289  N N    . LYS A 1 19 ? -8.119  2.131   8.177   1.00 0.57 ? 19 LYS A N    1 
ATOM 290  C CA   . LYS A 1 19 ? -9.579  1.919   8.324   1.00 0.69 ? 19 LYS A CA   1 
ATOM 291  C C    . LYS A 1 19 ? -10.282 3.163   7.811   1.00 0.72 ? 19 LYS A C    1 
ATOM 292  O O    . LYS A 1 19 ? -11.288 3.088   7.135   1.00 0.79 ? 19 LYS A O    1 
ATOM 293  C CB   . LYS A 1 19 ? -9.904  1.690   9.807   1.00 0.85 ? 19 LYS A CB   1 
ATOM 294  C CG   . LYS A 1 19 ? -10.781 0.444   9.987   1.00 1.26 ? 19 LYS A CG   1 
ATOM 295  C CD   . LYS A 1 19 ? -12.166 0.693   9.394   1.00 1.41 ? 19 LYS A CD   1 
ATOM 296  C CE   . LYS A 1 19 ? -13.130 -0.391  9.877   1.00 2.07 ? 19 LYS A CE   1 
ATOM 297  N NZ   . LYS A 1 19 ? -12.451 -1.717  9.831   1.00 2.71 ? 19 LYS A NZ   1 
ATOM 298  H H    . LYS A 1 19 ? -7.526  2.008   8.947   1.00 0.58 ? 19 LYS A H    1 
ATOM 299  H HA   . LYS A 1 19 ? -9.884  1.078   7.738   1.00 0.73 ? 19 LYS A HA   1 
ATOM 300  H HB2  . LYS A 1 19 ? -8.983  1.548   10.351  1.00 0.97 ? 19 LYS A HB2  1 
ATOM 301  H HB3  . LYS A 1 19 ? -10.420 2.553   10.200  1.00 0.91 ? 19 LYS A HB3  1 
ATOM 302  H HG2  . LYS A 1 19 ? -10.321 -0.398  9.492   1.00 1.90 ? 19 LYS A HG2  1 
ATOM 303  H HG3  . LYS A 1 19 ? -10.880 0.228   11.040  1.00 1.83 ? 19 LYS A HG3  1 
ATOM 304  H HD2  . LYS A 1 19 ? -12.523 1.661   9.713   1.00 1.85 ? 19 LYS A HD2  1 
ATOM 305  H HD3  . LYS A 1 19 ? -12.105 0.666   8.320   1.00 1.67 ? 19 LYS A HD3  1 
ATOM 306  H HE2  . LYS A 1 19 ? -13.433 -0.178  10.891  1.00 2.37 ? 19 LYS A HE2  1 
ATOM 307  H HE3  . LYS A 1 19 ? -14.000 -0.410  9.238   1.00 2.53 ? 19 LYS A HE3  1 
ATOM 308  H HZ1  . LYS A 1 19 ? -13.112 -2.457  10.139  1.00 3.05 ? 19 LYS A HZ1  1 
ATOM 309  H HZ2  . LYS A 1 19 ? -11.624 -1.705  10.464  1.00 3.12 ? 19 LYS A HZ2  1 
ATOM 310  H HZ3  . LYS A 1 19 ? -12.141 -1.915  8.859   1.00 3.09 ? 19 LYS A HZ3  1 
ATOM 311  N N    . ALA A 1 20 ? -9.732  4.305   8.084   1.00 0.74 ? 20 ALA A N    1 
ATOM 312  C CA   . ALA A 1 20 ? -10.355 5.555   7.571   1.00 0.88 ? 20 ALA A CA   1 
ATOM 313  C C    . ALA A 1 20 ? -10.347 5.477   6.046   1.00 0.83 ? 20 ALA A C    1 
ATOM 314  O O    . ALA A 1 20 ? -11.296 5.828   5.380   1.00 0.92 ? 20 ALA A O    1 
ATOM 315  C CB   . ALA A 1 20 ? -9.548  6.771   8.030   1.00 1.00 ? 20 ALA A CB   1 
ATOM 316  H H    . ALA A 1 20 ? -8.894  4.332   8.598   1.00 0.72 ? 20 ALA A H    1 
ATOM 317  H HA   . ALA A 1 20 ? -11.376 5.631   7.932   1.00 0.99 ? 20 ALA A HA   1 
ATOM 318  H HB1  . ALA A 1 20 ? -9.492  6.781   9.109   1.00 1.37 ? 20 ALA A HB1  1 
ATOM 319  H HB2  . ALA A 1 20 ? -10.032 7.674   7.686   1.00 1.45 ? 20 ALA A HB2  1 
ATOM 320  H HB3  . ALA A 1 20 ? -8.552  6.719   7.618   1.00 1.51 ? 20 ALA A HB3  1 
ATOM 321  N N    . ALA A 1 21 ? -9.285  4.985   5.483   1.00 0.75 ? 21 ALA A N    1 
ATOM 322  C CA   . ALA A 1 21 ? -9.245  4.856   4.009   1.00 0.79 ? 21 ALA A CA   1 
ATOM 323  C C    . ALA A 1 21 ? -10.336 3.864   3.595   1.00 0.77 ? 21 ALA A C    1 
ATOM 324  O O    . ALA A 1 21 ? -11.046 4.078   2.633   1.00 0.88 ? 21 ALA A O    1 
ATOM 325  C CB   . ALA A 1 21 ? -7.858  4.363   3.581   1.00 0.78 ? 21 ALA A CB   1 
ATOM 326  H H    . ALA A 1 21 ? -8.530  4.680   6.029   1.00 0.69 ? 21 ALA A H    1 
ATOM 327  H HA   . ALA A 1 21 ? -9.449  5.814   3.554   1.00 0.92 ? 21 ALA A HA   1 
ATOM 328  H HB1  . ALA A 1 21 ? -7.730  3.335   3.884   1.00 1.21 ? 21 ALA A HB1  1 
ATOM 329  H HB2  . ALA A 1 21 ? -7.101  4.971   4.055   1.00 1.29 ? 21 ALA A HB2  1 
ATOM 330  H HB3  . ALA A 1 21 ? -7.761  4.441   2.510   1.00 1.26 ? 21 ALA A HB3  1 
ATOM 331  N N    . ALA A 1 22 ? -10.499 2.797   4.336   1.00 0.69 ? 22 ALA A N    1 
ATOM 332  C CA   . ALA A 1 22 ? -11.572 1.819   4.004   1.00 0.75 ? 22 ALA A CA   1 
ATOM 333  C C    . ALA A 1 22 ? -12.924 2.492   4.184   1.00 0.81 ? 22 ALA A C    1 
ATOM 334  O O    . ALA A 1 22 ? -13.862 2.236   3.461   1.00 0.90 ? 22 ALA A O    1 
ATOM 335  C CB   . ALA A 1 22 ? -11.472 0.604   4.927   1.00 0.76 ? 22 ALA A CB   1 
ATOM 336  H H    . ALA A 1 22 ? -9.937  2.654   5.130   1.00 0.63 ? 22 ALA A H    1 
ATOM 337  H HA   . ALA A 1 22 ? -11.475 1.509   2.985   1.00 0.85 ? 22 ALA A HA   1 
ATOM 338  H HB1  . ALA A 1 22 ? -11.794 -0.280  4.394   1.00 1.22 ? 22 ALA A HB1  1 
ATOM 339  H HB2  . ALA A 1 22 ? -12.105 0.754   5.789   1.00 1.29 ? 22 ALA A HB2  1 
ATOM 340  H HB3  . ALA A 1 22 ? -10.450 0.479   5.249   1.00 1.27 ? 22 ALA A HB3  1 
ATOM 341  N N    . GLN A 1 23 ? -13.019 3.358   5.144   1.00 0.83 ? 23 GLN A N    1 
ATOM 342  C CA   . GLN A 1 23 ? -14.300 4.070   5.393   1.00 0.96 ? 23 GLN A CA   1 
ATOM 343  C C    . GLN A 1 23 ? -14.646 4.938   4.183   1.00 1.04 ? 23 GLN A C    1 
ATOM 344  O O    . GLN A 1 23 ? -15.800 5.169   3.883   1.00 1.16 ? 23 GLN A O    1 
ATOM 345  C CB   . GLN A 1 23 ? -14.146 4.933   6.643   1.00 1.04 ? 23 GLN A CB   1 
ATOM 346  C CG   . GLN A 1 23 ? -14.155 4.042   7.884   1.00 1.74 ? 23 GLN A CG   1 
ATOM 347  C CD   . GLN A 1 23 ? -15.596 3.649   8.207   1.00 2.45 ? 23 GLN A CD   1 
ATOM 348  O OE1  . GLN A 1 23 ? -16.257 4.306   8.987   1.00 2.59 ? 23 GLN A OE1  1 
ATOM 349  N NE2  . GLN A 1 23 ? -16.120 2.604   7.626   1.00 3.25 ? 23 GLN A NE2  1 
ATOM 350  H H    . GLN A 1 23 ? -12.236 3.551   5.701   1.00 0.80 ? 23 GLN A H    1 
ATOM 351  H HA   . GLN A 1 23 ? -15.086 3.347   5.551   1.00 0.99 ? 23 GLN A HA   1 
ATOM 352  H HB2  . GLN A 1 23 ? -13.225 5.460   6.591   1.00 1.43 ? 23 GLN A HB2  1 
ATOM 353  H HB3  . GLN A 1 23 ? -14.944 5.636   6.707   1.00 1.49 ? 23 GLN A HB3  1 
ATOM 354  H HG2  . GLN A 1 23 ? -13.572 3.153   7.694   1.00 2.08 ? 23 GLN A HG2  1 
ATOM 355  H HG3  . GLN A 1 23 ? -13.734 4.582   8.719   1.00 2.07 ? 23 GLN A HG3  1 
ATOM 356  H HE21 . GLN A 1 23 ? -15.590 2.081   6.990   1.00 3.51 ? 23 GLN A HE21 1 
ATOM 357  H HE22 . GLN A 1 23 ? -17.044 2.345   7.825   1.00 3.75 ? 23 GLN A HE22 1 
ATOM 358  N N    . SER A 1 24 ? -13.654 5.418   3.483   1.00 1.04 ? 24 SER A N    1 
ATOM 359  C CA   . SER A 1 24 ? -13.934 6.267   2.294   1.00 1.20 ? 24 SER A CA   1 
ATOM 360  C C    . SER A 1 24 ? -14.794 5.487   1.303   1.00 1.24 ? 24 SER A C    1 
ATOM 361  O O    . SER A 1 24 ? -15.685 6.037   0.686   1.00 1.38 ? 24 SER A O    1 
ATOM 362  C CB   . SER A 1 24 ? -12.620 6.660   1.620   1.00 1.26 ? 24 SER A CB   1 
ATOM 363  O OG   . SER A 1 24 ? -12.884 7.620   0.605   1.00 1.76 ? 24 SER A OG   1 
ATOM 364  H H    . SER A 1 24 ? -12.729 5.220   3.738   1.00 0.97 ? 24 SER A H    1 
ATOM 365  H HA   . SER A 1 24 ? -14.460 7.159   2.602   1.00 1.32 ? 24 SER A HA   1 
ATOM 366  H HB2  . SER A 1 24 ? -11.952 7.087   2.349   1.00 1.78 ? 24 SER A HB2  1 
ATOM 367  H HB3  . SER A 1 24 ? -12.163 5.779   1.186   1.00 1.58 ? 24 SER A HB3  1 
ATOM 368  H HG   . SER A 1 24 ? -12.142 8.230   0.573   1.00 1.95 ? 24 SER A HG   1 
ATOM 369  N N    . ILE A 1 25 ? -14.535 4.207   1.152   1.00 1.14 ? 25 ILE A N    1 
ATOM 370  C CA   . ILE A 1 25 ? -15.340 3.377   0.204   1.00 1.23 ? 25 ILE A CA   1 
ATOM 371  C C    . ILE A 1 25 ? -16.234 2.440   1.004   1.00 1.11 ? 25 ILE A C    1 
ATOM 372  O O    . ILE A 1 25 ? -17.163 1.852   0.490   1.00 1.30 ? 25 ILE A O    1 
ATOM 373  C CB   . ILE A 1 25 ? -14.396 2.562   -0.678  1.00 1.37 ? 25 ILE A CB   1 
ATOM 374  C CG1  . ILE A 1 25 ? -15.221 1.734   -1.677  1.00 1.60 ? 25 ILE A CG1  1 
ATOM 375  C CG2  . ILE A 1 25 ? -13.546 1.649   0.215   1.00 1.27 ? 25 ILE A CG2  1 
ATOM 376  C CD1  . ILE A 1 25 ? -14.373 1.411   -2.902  1.00 1.84 ? 25 ILE A CD1  1 
ATOM 377  H H    . ILE A 1 25 ? -13.811 3.786   1.676   1.00 1.04 ? 25 ILE A H    1 
ATOM 378  H HA   . ILE A 1 25 ? -15.953 4.010   -0.409  1.00 1.39 ? 25 ILE A HA   1 
ATOM 379  H HB   . ILE A 1 25 ? -13.745 3.235   -1.218  1.00 1.59 ? 25 ILE A HB   1 
ATOM 380  H HG12 . ILE A 1 25 ? -15.545 0.818   -1.217  1.00 1.85 ? 25 ILE A HG12 1 
ATOM 381  H HG13 . ILE A 1 25 ? -16.087 2.299   -1.988  1.00 1.85 ? 25 ILE A HG13 1 
ATOM 382  H HG21 . ILE A 1 25 ? -14.172 0.894   0.660   1.00 1.68 ? 25 ILE A HG21 1 
ATOM 383  H HG22 . ILE A 1 25 ? -13.091 2.239   0.998   1.00 1.51 ? 25 ILE A HG22 1 
ATOM 384  H HG23 . ILE A 1 25 ? -12.772 1.178   -0.370  1.00 1.65 ? 25 ILE A HG23 1 
ATOM 385  H HD11 . ILE A 1 25 ? -13.335 1.348   -2.619  1.00 2.25 ? 25 ILE A HD11 1 
ATOM 386  H HD12 . ILE A 1 25 ? -14.498 2.192   -3.636  1.00 2.26 ? 25 ILE A HD12 1 
ATOM 387  H HD13 . ILE A 1 25 ? -14.692 0.469   -3.320  1.00 2.07 ? 25 ILE A HD13 1 
ATOM 388  N N    . ASP A 1 26 ? -15.945 2.313   2.262   1.00 1.04 ? 26 ASP A N    1 
ATOM 389  C CA   . ASP A 1 26 ? -16.747 1.432   3.150   1.00 1.03 ? 26 ASP A CA   1 
ATOM 390  C C    . ASP A 1 26 ? -16.396 -0.039  2.912   1.00 1.24 ? 26 ASP A C    1 
ATOM 391  O O    . ASP A 1 26 ? -17.278 -0.866  2.779   1.00 1.99 ? 26 ASP A O    1 
ATOM 392  C CB   . ASP A 1 26 ? -18.242 1.655   2.890   1.00 1.36 ? 26 ASP A CB   1 
ATOM 393  C CG   . ASP A 1 26 ? -19.024 1.409   4.181   1.00 1.94 ? 26 ASP A CG   1 
ATOM 394  O OD1  . ASP A 1 26 ? -19.382 0.268   4.425   1.00 2.63 ? 26 ASP A OD1  1 
ATOM 395  O OD2  . ASP A 1 26 ? -19.251 2.364   4.904   1.00 2.49 ? 26 ASP A OD2  1 
ATOM 396  H H    . ASP A 1 26 ? -15.186 2.810   2.630   1.00 1.15 ? 26 ASP A H    1 
ATOM 397  H HA   . ASP A 1 26 ? -16.526 1.684   4.172   1.00 1.13 ? 26 ASP A HA   1 
ATOM 398  H HB2  . ASP A 1 26 ? -18.401 2.671   2.560   1.00 1.74 ? 26 ASP A HB2  1 
ATOM 399  H HB3  . ASP A 1 26 ? -18.587 0.971   2.130   1.00 1.75 ? 26 ASP A HB3  1 
ATOM 400  N N    . ARG A 1 27 ? -15.117 -0.372  2.868   1.00 1.04 ? 27 ARG A N    1 
ATOM 401  C CA   . ARG A 1 27 ? -14.709 -1.798  2.645   1.00 1.49 ? 27 ARG A CA   1 
ATOM 402  C C    . ARG A 1 27 ? -13.902 -2.347  3.818   1.00 0.94 ? 27 ARG A C    1 
ATOM 403  O O    . ARG A 1 27 ? -13.744 -1.728  4.852   1.00 1.29 ? 27 ARG A O    1 
ATOM 404  C CB   . ARG A 1 27 ? -13.911 -1.939  1.351   1.00 2.55 ? 27 ARG A CB   1 
ATOM 405  C CG   . ARG A 1 27 ? -14.893 -1.919  0.177   1.00 3.33 ? 27 ARG A CG   1 
ATOM 406  C CD   . ARG A 1 27 ? -14.127 -1.997  -1.143  1.00 4.16 ? 27 ARG A CD   1 
ATOM 407  N NE   . ARG A 1 27 ? -14.779 -2.982  -2.054  1.00 4.68 ? 27 ARG A NE   1 
ATOM 408  C CZ   . ARG A 1 27 ? -14.815 -4.250  -1.733  1.00 5.32 ? 27 ARG A CZ   1 
ATOM 409  N NH1  . ARG A 1 27 ? -14.311 -4.651  -0.596  1.00 5.56 ? 27 ARG A NH1  1 
ATOM 410  N NH2  . ARG A 1 27 ? -15.360 -5.113  -2.544  1.00 6.03 ? 27 ARG A NH2  1 
ATOM 411  H H    . ARG A 1 27 ? -14.428 0.320   2.980   1.00 1.03 ? 27 ARG A H    1 
ATOM 412  H HA   . ARG A 1 27 ? -15.594 -2.405  2.558   1.00 2.08 ? 27 ARG A HA   1 
ATOM 413  H HB2  . ARG A 1 27 ? -13.208 -1.126  1.264   1.00 2.90 ? 27 ARG A HB2  1 
ATOM 414  H HB3  . ARG A 1 27 ? -13.376 -2.876  1.353   1.00 2.99 ? 27 ARG A HB3  1 
ATOM 415  H HG2  . ARG A 1 27 ? -15.561 -2.764  0.256   1.00 3.54 ? 27 ARG A HG2  1 
ATOM 416  H HG3  . ARG A 1 27 ? -15.467 -1.010  0.209   1.00 3.65 ? 27 ARG A HG3  1 
ATOM 417  H HD2  . ARG A 1 27 ? -14.117 -1.025  -1.610  1.00 4.45 ? 27 ARG A HD2  1 
ATOM 418  H HD3  . ARG A 1 27 ? -13.118 -2.307  -0.948  1.00 4.58 ? 27 ARG A HD3  1 
ATOM 419  H HE   . ARG A 1 27 ? -15.171 -2.681  -2.900  1.00 4.81 ? 27 ARG A HE   1 
ATOM 420  H HH11 . ARG A 1 27 ? -13.898 -3.989  0.029   1.00 5.31 ? 27 ARG A HH11 1 
ATOM 421  H HH12 . ARG A 1 27 ? -14.335 -5.621  -0.352  1.00 6.20 ? 27 ARG A HH12 1 
ATOM 422  H HH21 . ARG A 1 27 ? -15.753 -4.806  -3.410  1.00 6.16 ? 27 ARG A HH21 1 
ATOM 423  H HH22 . ARG A 1 27 ? -15.386 -6.082  -2.298  1.00 6.60 ? 27 ARG A HH22 1 
ATOM 424  N N    . THR A 1 28 ? -13.474 -3.558  3.655   1.00 1.12 ? 28 THR A N    1 
ATOM 425  C CA   . THR A 1 28 ? -12.750 -4.301  4.716   1.00 1.12 ? 28 THR A CA   1 
ATOM 426  C C    . THR A 1 28 ? -11.255 -3.861  4.851   1.00 0.95 ? 28 THR A C    1 
ATOM 427  O O    . THR A 1 28 ? -10.594 -3.618  3.866   1.00 1.01 ? 28 THR A O    1 
ATOM 428  C CB   . THR A 1 28 ? -12.874 -5.774  4.284   1.00 1.80 ? 28 THR A CB   1 
ATOM 429  O OG1  . THR A 1 28 ? -14.038 -6.331  4.878   1.00 2.76 ? 28 THR A OG1  1 
ATOM 430  C CG2  . THR A 1 28 ? -11.657 -6.601  4.697   1.00 2.48 ? 28 THR A CG2  1 
ATOM 431  H H    . THR A 1 28 ? -13.689 -4.024  2.820   1.00 1.72 ? 28 THR A H    1 
ATOM 432  H HA   . THR A 1 28 ? -13.274 -4.158  5.638   1.00 1.31 ? 28 THR A HA   1 
ATOM 433  H HB   . THR A 1 28 ? -12.979 -5.806  3.192   1.00 1.64 ? 28 THR A HB   1 
ATOM 434  H HG1  . THR A 1 28 ? -13.933 -6.288  5.830   1.00 3.07 ? 28 THR A HG1  1 
ATOM 435  H HG21 . THR A 1 28 ? -10.820 -6.315  4.102   1.00 2.85 ? 28 THR A HG21 1 
ATOM 436  H HG22 . THR A 1 28 ? -11.866 -7.647  4.538   1.00 2.82 ? 28 THR A HG22 1 
ATOM 437  H HG23 . THR A 1 28 ? -11.435 -6.437  5.732   1.00 2.99 ? 28 THR A HG23 1 
ATOM 438  N N    . PRO A 1 29 ? -10.707 -3.757  6.063   1.00 0.93 ? 29 PRO A N    1 
ATOM 439  C CA   . PRO A 1 29 ? -9.269  -3.363  6.263   1.00 0.99 ? 29 PRO A CA   1 
ATOM 440  C C    . PRO A 1 29 ? -8.271  -4.115  5.350   1.00 1.01 ? 29 PRO A C    1 
ATOM 441  O O    . PRO A 1 29 ? -7.616  -3.521  4.536   1.00 1.17 ? 29 PRO A O    1 
ATOM 442  C CB   . PRO A 1 29 ? -8.985  -3.719  7.720   1.00 1.30 ? 29 PRO A CB   1 
ATOM 443  C CG   . PRO A 1 29 ? -10.302 -3.684  8.417   1.00 1.24 ? 29 PRO A CG   1 
ATOM 444  C CD   . PRO A 1 29 ? -11.384 -3.959  7.369   1.00 1.09 ? 29 PRO A CD   1 
ATOM 445  H HA   . PRO A 1 29 ? -9.157  -2.297  6.132   1.00 0.97 ? 29 PRO A HA   1 
ATOM 446  H HB2  . PRO A 1 29 ? -8.552  -4.707  7.784   1.00 1.57 ? 29 PRO A HB2  1 
ATOM 447  H HB3  . PRO A 1 29 ? -8.318  -2.990  8.158   1.00 1.57 ? 29 PRO A HB3  1 
ATOM 448  H HG2  . PRO A 1 29 ? -10.329 -4.443  9.185   1.00 1.44 ? 29 PRO A HG2  1 
ATOM 449  H HG3  . PRO A 1 29 ? -10.462 -2.711  8.853   1.00 1.44 ? 29 PRO A HG3  1 
ATOM 450  H HD2  . PRO A 1 29 ? -11.753 -4.964  7.471   1.00 1.22 ? 29 PRO A HD2  1 
ATOM 451  H HD3  . PRO A 1 29 ? -12.188 -3.249  7.482   1.00 1.10 ? 29 PRO A HD3  1 
ATOM 452  N N    . HIS A 1 30 ? -8.128  -5.410  5.481   1.00 1.12 ? 30 HIS A N    1 
ATOM 453  C CA   . HIS A 1 30 ? -7.148  -6.135  4.599   1.00 1.25 ? 30 HIS A CA   1 
ATOM 454  C C    . HIS A 1 30 ? -7.403  -5.719  3.161   1.00 1.10 ? 30 HIS A C    1 
ATOM 455  O O    . HIS A 1 30 ? -6.529  -5.297  2.429   1.00 1.06 ? 30 HIS A O    1 
ATOM 456  C CB   . HIS A 1 30 ? -7.404  -7.633  4.705   1.00 1.55 ? 30 HIS A CB   1 
ATOM 457  C CG   . HIS A 1 30 ? -6.145  -8.400  4.420   1.00 2.03 ? 30 HIS A CG   1 
ATOM 458  N ND1  . HIS A 1 30 ? -5.868  -9.613  5.036   1.00 2.68 ? 30 HIS A ND1  1 
ATOM 459  C CD2  . HIS A 1 30 ? -5.087  -8.156  3.580   1.00 2.45 ? 30 HIS A CD2  1 
ATOM 460  C CE1  . HIS A 1 30 ? -4.688  -10.050 4.561   1.00 3.37 ? 30 HIS A CE1  1 
ATOM 461  N NE2  . HIS A 1 30 ? -4.172  -9.198  3.673   1.00 3.30 ? 30 HIS A NE2  1 
ATOM 462  H H    . HIS A 1 30 ? -8.649  -5.900  6.151   1.00 1.28 ? 30 HIS A H    1 
ATOM 463  H HA   . HIS A 1 30 ? -6.136  -5.906  4.881   1.00 1.32 ? 30 HIS A HA   1 
ATOM 464  H HB2  . HIS A 1 30 ? -7.750  -7.865  5.697   1.00 1.91 ? 30 HIS A HB2  1 
ATOM 465  H HB3  . HIS A 1 30 ? -8.159  -7.910  3.984   1.00 1.67 ? 30 HIS A HB3  1 
ATOM 466  H HD1  . HIS A 1 30 ? -6.432  -10.068 5.695   1.00 2.81 ? 30 HIS A HD1  1 
ATOM 467  H HD2  . HIS A 1 30 ? -4.983  -7.289  2.944   1.00 2.39 ? 30 HIS A HD2  1 
ATOM 468  H HE1  . HIS A 1 30 ? -4.219  -10.974 4.861   1.00 4.04 ? 30 HIS A HE1  1 
ATOM 469  H HE2  . HIS A 1 30 ? -3.328  -9.291  3.186   1.00 3.85 ? 30 HIS A HE2  1 
ATOM 470  N N    . TRP A 1 31 ? -8.626  -5.833  2.791   1.00 1.10 ? 31 TRP A N    1 
ATOM 471  C CA   . TRP A 1 31 ? -9.088  -5.465  1.444   1.00 1.13 ? 31 TRP A CA   1 
ATOM 472  C C    . TRP A 1 31 ? -8.750  -3.989  1.177   1.00 0.86 ? 31 TRP A C    1 
ATOM 473  O O    . TRP A 1 31 ? -8.419  -3.597  0.078   1.00 0.88 ? 31 TRP A O    1 
ATOM 474  C CB   . TRP A 1 31 ? -10.589 -5.717  1.436   1.00 1.40 ? 31 TRP A CB   1 
ATOM 475  C CG   . TRP A 1 31 ? -11.174 -5.472  0.109   1.00 1.18 ? 31 TRP A CG   1 
ATOM 476  C CD1  . TRP A 1 31 ? -11.502 -4.260  -0.349  1.00 1.41 ? 31 TRP A CD1  1 
ATOM 477  C CD2  . TRP A 1 31 ? -11.549 -6.428  -0.918  1.00 2.11 ? 31 TRP A CD2  1 
ATOM 478  N NE1  . TRP A 1 31 ? -12.070 -4.398  -1.589  1.00 2.15 ? 31 TRP A NE1  1 
ATOM 479  C CE2  . TRP A 1 31 ? -12.113 -5.717  -1.996  1.00 2.58 ? 31 TRP A CE2  1 
ATOM 480  C CE3  . TRP A 1 31 ? -11.454 -7.827  -1.018  1.00 3.04 ? 31 TRP A CE3  1 
ATOM 481  C CZ2  . TRP A 1 31 ? -12.573 -6.368  -3.141  1.00 3.69 ? 31 TRP A CZ2  1 
ATOM 482  C CZ3  . TRP A 1 31 ? -11.914 -8.489  -2.169  1.00 4.10 ? 31 TRP A CZ3  1 
ATOM 483  C CH2  . TRP A 1 31 ? -12.473 -7.759  -3.229  1.00 4.36 ? 31 TRP A CH2  1 
ATOM 484  H H    . TRP A 1 31 ? -9.267  -6.167  3.429   1.00 1.16 ? 31 TRP A H    1 
ATOM 485  H HA   . TRP A 1 31 ? -8.612  -6.088  0.718   1.00 1.32 ? 31 TRP A HA   1 
ATOM 486  H HB2  . TRP A 1 31 ? -10.782 -6.737  1.722   1.00 1.93 ? 31 TRP A HB2  1 
ATOM 487  H HB3  . TRP A 1 31 ? -11.054 -5.062  2.140   1.00 2.13 ? 31 TRP A HB3  1 
ATOM 488  H HD1  . TRP A 1 31 ? -11.354 -3.329  0.179   1.00 1.76 ? 31 TRP A HD1  1 
ATOM 489  H HE1  . TRP A 1 31 ? -12.405 -3.668  -2.121  1.00 2.70 ? 31 TRP A HE1  1 
ATOM 490  H HE3  . TRP A 1 31 ? -11.025 -8.396  -0.206  1.00 3.16 ? 31 TRP A HE3  1 
ATOM 491  H HZ2  . TRP A 1 31 ? -13.001 -5.801  -3.955  1.00 4.20 ? 31 TRP A HZ2  1 
ATOM 492  H HZ3  . TRP A 1 31 ? -11.837 -9.563  -2.236  1.00 4.87 ? 31 TRP A HZ3  1 
ATOM 493  H HH2  . TRP A 1 31 ? -12.825 -8.274  -4.111  1.00 5.26 ? 31 TRP A HH2  1 
ATOM 494  N N    . LEU A 1 32 ? -8.801  -3.162  2.175   1.00 0.71 ? 32 LEU A N    1 
ATOM 495  C CA   . LEU A 1 32 ? -8.431  -1.738  1.946   1.00 0.56 ? 32 LEU A CA   1 
ATOM 496  C C    . LEU A 1 32 ? -6.958  -1.699  1.546   1.00 0.52 ? 32 LEU A C    1 
ATOM 497  O O    . LEU A 1 32 ? -6.552  -0.970  0.665   1.00 0.57 ? 32 LEU A O    1 
ATOM 498  C CB   . LEU A 1 32 ? -8.684  -0.901  3.227   1.00 0.57 ? 32 LEU A CB   1 
ATOM 499  C CG   . LEU A 1 32 ? -8.087  0.523   3.137   1.00 0.96 ? 32 LEU A CG   1 
ATOM 500  C CD1  . LEU A 1 32 ? -6.557  0.528   3.255   1.00 1.51 ? 32 LEU A CD1  1 
ATOM 501  C CD2  . LEU A 1 32 ? -8.526  1.202   1.846   1.00 1.89 ? 32 LEU A CD2  1 
ATOM 502  H H    . LEU A 1 32 ? -9.046  -3.479  3.064   1.00 0.78 ? 32 LEU A H    1 
ATOM 503  H HA   . LEU A 1 32 ? -9.024  -1.349  1.141   1.00 0.67 ? 32 LEU A HA   1 
ATOM 504  H HB2  . LEU A 1 32 ? -9.750  -0.813  3.371   1.00 0.95 ? 32 LEU A HB2  1 
ATOM 505  H HB3  . LEU A 1 32 ? -8.271  -1.396  4.077   1.00 0.98 ? 32 LEU A HB3  1 
ATOM 506  H HG   . LEU A 1 32 ? -8.464  1.088   3.959   1.00 1.62 ? 32 LEU A HG   1 
ATOM 507  H HD11 . LEU A 1 32 ? -6.268  1.332   3.902   1.00 2.04 ? 32 LEU A HD11 1 
ATOM 508  H HD12 . LEU A 1 32 ? -6.105  0.672   2.287   1.00 2.07 ? 32 LEU A HD12 1 
ATOM 509  H HD13 . LEU A 1 32 ? -6.220  -0.403  3.672   1.00 1.92 ? 32 LEU A HD13 1 
ATOM 510  H HD21 . LEU A 1 32 ? -8.024  0.765   1.018   1.00 2.31 ? 32 LEU A HD21 1 
ATOM 511  H HD22 . LEU A 1 32 ? -8.287  2.249   1.894   1.00 2.47 ? 32 LEU A HD22 1 
ATOM 512  H HD23 . LEU A 1 32 ? -9.584  1.080   1.723   1.00 2.40 ? 32 LEU A HD23 1 
ATOM 513  N N    . ILE A 1 33 ? -6.142  -2.470  2.204   1.00 0.54 ? 33 ILE A N    1 
ATOM 514  C CA   . ILE A 1 33 ? -4.694  -2.430  1.873   1.00 0.58 ? 33 ILE A CA   1 
ATOM 515  C C    . ILE A 1 33 ? -4.514  -2.587  0.369   1.00 0.64 ? 33 ILE A C    1 
ATOM 516  O O    . ILE A 1 33 ? -3.693  -1.923  -0.233  1.00 0.65 ? 33 ILE A O    1 
ATOM 517  C CB   . ILE A 1 33 ? -3.921  -3.568  2.545   1.00 0.69 ? 33 ILE A CB   1 
ATOM 518  C CG1  . ILE A 1 33 ? -4.292  -3.667  4.022   1.00 0.84 ? 33 ILE A CG1  1 
ATOM 519  C CG2  . ILE A 1 33 ? -2.418  -3.294  2.438   1.00 1.04 ? 33 ILE A CG2  1 
ATOM 520  C CD1  . ILE A 1 33 ? -3.532  -4.831  4.663   1.00 1.19 ? 33 ILE A CD1  1 
ATOM 521  H H    . ILE A 1 33 ? -6.478  -3.043  2.920   1.00 0.60 ? 33 ILE A H    1 
ATOM 522  H HA   . ILE A 1 33 ? -4.296  -1.481  2.198   1.00 0.55 ? 33 ILE A HA   1 
ATOM 523  H HB   . ILE A 1 33 ? -4.143  -4.492  2.039   1.00 0.99 ? 33 ILE A HB   1 
ATOM 524  H HG12 . ILE A 1 33 ? -4.030  -2.748  4.521   1.00 1.20 ? 33 ILE A HG12 1 
ATOM 525  H HG13 . ILE A 1 33 ? -5.346  -3.839  4.114   1.00 1.21 ? 33 ILE A HG13 1 
ATOM 526  H HG21 . ILE A 1 33 ? -2.173  -2.982  1.434   1.00 1.45 ? 33 ILE A HG21 1 
ATOM 527  H HG22 . ILE A 1 33 ? -1.875  -4.194  2.674   1.00 1.59 ? 33 ILE A HG22 1 
ATOM 528  H HG23 . ILE A 1 33 ? -2.144  -2.515  3.134   1.00 1.59 ? 33 ILE A HG23 1 
ATOM 529  H HD11 . ILE A 1 33 ? -4.034  -5.134  5.569   1.00 1.55 ? 33 ILE A HD11 1 
ATOM 530  H HD12 . ILE A 1 33 ? -2.526  -4.517  4.900   1.00 1.66 ? 33 ILE A HD12 1 
ATOM 531  H HD13 . ILE A 1 33 ? -3.496  -5.662  3.974   1.00 1.80 ? 33 ILE A HD13 1 
ATOM 532  N N    . LYS A 1 34 ? -5.246  -3.475  -0.253  1.00 0.74 ? 34 LYS A N    1 
ATOM 533  C CA   . LYS A 1 34 ? -5.034  -3.638  -1.726  1.00 0.86 ? 34 LYS A CA   1 
ATOM 534  C C    . LYS A 1 34 ? -5.363  -2.313  -2.424  1.00 0.80 ? 34 LYS A C    1 
ATOM 535  O O    . LYS A 1 34 ? -4.661  -1.886  -3.313  1.00 0.87 ? 34 LYS A O    1 
ATOM 536  C CB   . LYS A 1 34 ? -5.856  -4.773  -2.392  1.00 1.05 ? 34 LYS A CB   1 
ATOM 537  C CG   . LYS A 1 34 ? -6.616  -5.683  -1.403  1.00 1.63 ? 34 LYS A CG   1 
ATOM 538  C CD   . LYS A 1 34 ? -7.879  -6.214  -2.082  1.00 2.07 ? 34 LYS A CD   1 
ATOM 539  C CE   . LYS A 1 34 ? -7.509  -6.865  -3.416  1.00 3.03 ? 34 LYS A CE   1 
ATOM 540  N NZ   . LYS A 1 34 ? -8.467  -7.966  -3.711  1.00 3.55 ? 34 LYS A NZ   1 
ATOM 541  H H    . LYS A 1 34 ? -5.901  -4.024  0.246   1.00 0.77 ? 34 LYS A H    1 
ATOM 542  H HA   . LYS A 1 34 ? -3.982  -3.841  -1.886  1.00 0.93 ? 34 LYS A HA   1 
ATOM 543  H HB2  . LYS A 1 34 ? -6.562  -4.332  -3.067  1.00 1.51 ? 34 LYS A HB2  1 
ATOM 544  H HG2  . LYS A 1 34 ? -6.006  -6.510  -1.119  1.00 2.12 ? 34 LYS A HG2  1 
ATOM 545  H HG3  . LYS A 1 34 ? -6.892  -5.152  -0.539  1.00 2.19 ? 34 LYS A HG3  1 
ATOM 546  H HD2  . LYS A 1 34 ? -8.347  -6.948  -1.441  1.00 2.18 ? 34 LYS A HD2  1 
ATOM 547  H HD3  . LYS A 1 34 ? -8.561  -5.398  -2.256  1.00 2.41 ? 34 LYS A HD3  1 
ATOM 548  H HE2  . LYS A 1 34 ? -7.555  -6.128  -4.203  1.00 3.55 ? 34 LYS A HE2  1 
ATOM 549  H HE3  . LYS A 1 34 ? -6.509  -7.267  -3.356  1.00 3.44 ? 34 LYS A HE3  1 
ATOM 550  H HZ1  . LYS A 1 34 ? -9.079  -7.690  -4.505  1.00 3.96 ? 34 LYS A HZ1  1 
ATOM 551  H HZ2  . LYS A 1 34 ? -9.052  -8.152  -2.870  1.00 3.87 ? 34 LYS A HZ2  1 
ATOM 552  H HZ3  . LYS A 1 34 ? -7.941  -8.826  -3.965  1.00 3.76 ? 34 LYS A HZ3  1 
ATOM 553  N N    . GLN A 1 35 ? -6.414  -1.637  -2.040  1.00 0.72 ? 35 GLN A N    1 
ATOM 554  C CA   . GLN A 1 35 ? -6.709  -0.341  -2.716  1.00 0.74 ? 35 GLN A CA   1 
ATOM 555  C C    . GLN A 1 35 ? -5.588  0.631   -2.380  1.00 0.66 ? 35 GLN A C    1 
ATOM 556  O O    . GLN A 1 35 ? -4.991  1.239   -3.244  1.00 0.74 ? 35 GLN A O    1 
ATOM 557  C CB   . GLN A 1 35 ? -8.012  0.260   -2.204  1.00 0.79 ? 35 GLN A CB   1 
ATOM 558  C CG   . GLN A 1 35 ? -9.051  -0.831  -2.015  1.00 1.54 ? 35 GLN A CG   1 
ATOM 559  C CD   . GLN A 1 35 ? -10.402 -0.177  -1.729  1.00 2.16 ? 35 GLN A CD   1 
ATOM 560  O OE1  . GLN A 1 35 ? -11.396 -0.851  -1.574  1.00 2.64 ? 35 GLN A OE1  1 
ATOM 561  N NE2  . GLN A 1 35 ? -10.479 1.125   -1.661  1.00 2.80 ? 35 GLN A NE2  1 
ATOM 562  H H    . GLN A 1 35 ? -6.987  -1.968  -1.316  1.00 0.70 ? 35 GLN A H    1 
ATOM 563  H HA   . GLN A 1 35 ? -6.764  -0.481  -3.781  1.00 0.85 ? 35 GLN A HA   1 
ATOM 564  H HB2  . GLN A 1 35 ? -7.832  0.755   -1.272  1.00 1.36 ? 35 GLN A HB2  1 
ATOM 565  H HB3  . GLN A 1 35 ? -8.381  0.977   -2.920  1.00 1.31 ? 35 GLN A HB3  1 
ATOM 566  H HG2  . GLN A 1 35 ? -9.113  -1.426  -2.912  1.00 2.06 ? 35 GLN A HG2  1 
ATOM 567  H HG3  . GLN A 1 35 ? -8.768  -1.456  -1.182  1.00 2.04 ? 35 GLN A HG3  1 
ATOM 568  H HE21 . GLN A 1 35 ? -9.676  1.672   -1.793  1.00 3.03 ? 35 GLN A HE21 1 
ATOM 569  H HE22 . GLN A 1 35 ? -11.339 1.555   -1.477  1.00 3.36 ? 35 GLN A HE22 1 
ATOM 570  N N    . ALA A 1 36 ? -5.308  0.782   -1.115  1.00 0.55 ? 36 ALA A N    1 
ATOM 571  C CA   . ALA A 1 36 ? -4.240  1.731   -0.701  1.00 0.51 ? 36 ALA A CA   1 
ATOM 572  C C    . ALA A 1 36 ? -2.980  1.499   -1.519  1.00 0.48 ? 36 ALA A C    1 
ATOM 573  O O    . ALA A 1 36 ? -2.247  2.425   -1.770  1.00 0.63 ? 36 ALA A O    1 
ATOM 574  C CB   . ALA A 1 36 ? -3.909  1.554   0.780   1.00 0.50 ? 36 ALA A CB   1 
ATOM 575  H H    . ALA A 1 36 ? -5.821  0.284   -0.434  1.00 0.54 ? 36 ALA A H    1 
ATOM 576  H HA   . ALA A 1 36 ? -4.581  2.737   -0.871  1.00 0.59 ? 36 ALA A HA   1 
ATOM 577  H HB1  . ALA A 1 36 ? -4.055  0.527   1.057   1.00 1.06 ? 36 ALA A HB1  1 
ATOM 578  H HB2  . ALA A 1 36 ? -4.552  2.185   1.373   1.00 1.17 ? 36 ALA A HB2  1 
ATOM 579  H HB3  . ALA A 1 36 ? -2.877  1.829   0.953   1.00 1.13 ? 36 ALA A HB3  1 
ATOM 580  N N    . ILE A 1 37 ? -2.709  0.285   -1.930  1.00 0.47 ? 37 ILE A N    1 
ATOM 581  C CA   . ILE A 1 37 ? -1.476  0.046   -2.734  1.00 0.51 ? 37 ILE A CA   1 
ATOM 582  C C    . ILE A 1 37 ? -1.799  0.161   -4.225  1.00 0.55 ? 37 ILE A C    1 
ATOM 583  O O    . ILE A 1 37 ? -1.166  0.910   -4.932  1.00 0.57 ? 37 ILE A O    1 
ATOM 584  C CB   . ILE A 1 37 ? -0.862  -1.341  -2.377  1.00 0.60 ? 37 ILE A CB   1 
ATOM 585  C CG1  . ILE A 1 37 ? 0.666   -1.263  -2.460  1.00 0.81 ? 37 ILE A CG1  1 
ATOM 586  C CG2  . ILE A 1 37 ? -1.341  -2.452  -3.324  1.00 0.76 ? 37 ILE A CG2  1 
ATOM 587  C CD1  . ILE A 1 37 ? 1.239   -0.768  -1.132  1.00 0.99 ? 37 ILE A CD1  1 
ATOM 588  H H    . ILE A 1 37 ? -3.311  -0.457  -1.713  1.00 0.58 ? 37 ILE A H    1 
ATOM 589  H HA   . ILE A 1 37 ? -0.759  0.816   -2.502  1.00 0.52 ? 37 ILE A HA   1 
ATOM 590  H HB   . ILE A 1 37 ? -1.142  -1.609  -1.367  1.00 0.97 ? 37 ILE A HB   1 
ATOM 591  H HG12 . ILE A 1 37 ? 1.058   -2.246  -2.664  1.00 1.49 ? 37 ILE A HG12 1 
ATOM 592  H HG13 . ILE A 1 37 ? 0.954   -0.589  -3.251  1.00 1.44 ? 37 ILE A HG13 1 
ATOM 593  H HG21 . ILE A 1 37 ? -0.962  -2.281  -4.321  1.00 1.43 ? 37 ILE A HG21 1 
ATOM 594  H HG22 . ILE A 1 37 ? -2.412  -2.479  -3.340  1.00 1.28 ? 37 ILE A HG22 1 
ATOM 595  H HG23 . ILE A 1 37 ? -0.974  -3.399  -2.966  1.00 1.26 ? 37 ILE A HG23 1 
ATOM 596  H HD11 . ILE A 1 37 ? 0.760   0.156   -0.852  1.00 1.59 ? 37 ILE A HD11 1 
ATOM 597  H HD12 . ILE A 1 37 ? 2.301   -0.604  -1.239  1.00 1.54 ? 37 ILE A HD12 1 
ATOM 598  H HD13 . ILE A 1 37 ? 1.066   -1.511  -0.369  1.00 1.49 ? 37 ILE A HD13 1 
ATOM 599  N N    . PHE A 1 38 ? -2.773  -0.552  -4.713  1.00 0.61 ? 38 PHE A N    1 
ATOM 600  C CA   . PHE A 1 38 ? -3.102  -0.461  -6.164  1.00 0.71 ? 38 PHE A CA   1 
ATOM 601  C C    . PHE A 1 38 ? -3.819  0.849   -6.449  1.00 0.68 ? 38 PHE A C    1 
ATOM 602  O O    . PHE A 1 38 ? -3.503  1.541   -7.396  1.00 0.70 ? 38 PHE A O    1 
ATOM 603  C CB   . PHE A 1 38 ? -3.960  -1.673  -6.572  1.00 0.93 ? 38 PHE A CB   1 
ATOM 604  C CG   . PHE A 1 38 ? -5.284  -1.232  -7.169  1.00 0.87 ? 38 PHE A CG   1 
ATOM 605  C CD1  . PHE A 1 38 ? -5.319  -0.587  -8.413  1.00 1.72 ? 38 PHE A CD1  1 
ATOM 606  C CD2  . PHE A 1 38 ? -6.479  -1.482  -6.480  1.00 1.80 ? 38 PHE A CD2  1 
ATOM 607  C CE1  . PHE A 1 38 ? -6.543  -0.187  -8.959  1.00 2.53 ? 38 PHE A CE1  1 
ATOM 608  C CE2  . PHE A 1 38 ? -7.702  -1.081  -7.028  1.00 2.56 ? 38 PHE A CE2  1 
ATOM 609  C CZ   . PHE A 1 38 ? -7.735  -0.435  -8.269  1.00 2.75 ? 38 PHE A CZ   1 
ATOM 610  H H    . PHE A 1 38 ? -3.297  -1.134  -4.128  1.00 0.63 ? 38 PHE A H    1 
ATOM 611  H HA   . PHE A 1 38 ? -2.179  -0.471  -6.732  1.00 0.74 ? 38 PHE A HA   1 
ATOM 612  H HB2  . PHE A 1 38 ? -3.422  -2.258  -7.303  1.00 1.63 ? 38 PHE A HB2  1 
ATOM 613  H HB3  . PHE A 1 38 ? -4.147  -2.283  -5.701  1.00 1.51 ? 38 PHE A HB3  1 
ATOM 614  H HD1  . PHE A 1 38 ? -4.400  -0.396  -8.948  1.00 2.29 ? 38 PHE A HD1  1 
ATOM 615  H HD2  . PHE A 1 38 ? -6.457  -1.985  -5.527  1.00 2.41 ? 38 PHE A HD2  1 
ATOM 616  H HE1  . PHE A 1 38 ? -6.569  0.312   -9.916  1.00 3.38 ? 38 PHE A HE1  1 
ATOM 617  H HE2  . PHE A 1 38 ? -8.622  -1.273  -6.494  1.00 3.41 ? 38 PHE A HE2  1 
ATOM 618  H HZ   . PHE A 1 38 ? -8.680  -0.126  -8.693  1.00 3.55 ? 38 PHE A HZ   1 
ATOM 619  N N    . ASN A 1 39 ? -4.778  1.209   -5.651  1.00 0.69 ? 39 ASN A N    1 
ATOM 620  C CA   . ASN A 1 39 ? -5.477  2.482   -5.917  1.00 0.75 ? 39 ASN A CA   1 
ATOM 621  C C    . ASN A 1 39 ? -4.450  3.588   -5.867  1.00 0.68 ? 39 ASN A C    1 
ATOM 622  O O    . ASN A 1 39 ? -4.521  4.557   -6.596  1.00 0.73 ? 39 ASN A O    1 
ATOM 623  C CB   . ASN A 1 39 ? -6.544  2.730   -4.865  1.00 0.84 ? 39 ASN A CB   1 
ATOM 624  C CG   . ASN A 1 39 ? -7.604  3.696   -5.411  1.00 0.93 ? 39 ASN A CG   1 
ATOM 625  O OD1  . ASN A 1 39 ? -7.568  4.073   -6.566  1.00 1.50 ? 39 ASN A OD1  1 
ATOM 626  N ND2  . ASN A 1 39 ? -8.550  4.121   -4.620  1.00 1.18 ? 39 ASN A ND2  1 
ATOM 627  H H    . ASN A 1 39 ? -5.025  0.658   -4.884  1.00 0.69 ? 39 ASN A H    1 
ATOM 628  H HA   . ASN A 1 39 ? -5.922  2.438   -6.894  1.00 0.83 ? 39 ASN A HA   1 
ATOM 629  H HB2  . ASN A 1 39 ? -6.994  1.792   -4.613  1.00 1.25 ? 39 ASN A HB2  1 
ATOM 630  H HB3  . ASN A 1 39 ? -6.091  3.163   -3.987  1.00 1.09 ? 39 ASN A HB3  1 
ATOM 631  H HD21 . ASN A 1 39 ? -8.580  3.823   -3.687  1.00 1.37 ? 39 ASN A HD21 1 
ATOM 632  H HD22 . ASN A 1 39 ? -9.230  4.741   -4.958  1.00 1.55 ? 39 ASN A HD22 1 
ATOM 633  N N    . TYR A 1 40 ? -3.474  3.442   -5.016  1.00 0.60 ? 40 TYR A N    1 
ATOM 634  C CA   . TYR A 1 40 ? -2.434  4.476   -4.939  1.00 0.60 ? 40 TYR A CA   1 
ATOM 635  C C    . TYR A 1 40 ? -1.779  4.578   -6.303  1.00 0.56 ? 40 TYR A C    1 
ATOM 636  O O    . TYR A 1 40 ? -1.429  5.647   -6.754  1.00 0.63 ? 40 TYR A O    1 
ATOM 637  C CB   . TYR A 1 40 ? -1.435  4.074   -3.859  1.00 0.58 ? 40 TYR A CB   1 
ATOM 638  C CG   . TYR A 1 40 ? -0.082  4.693   -4.082  1.00 0.64 ? 40 TYR A CG   1 
ATOM 639  C CD1  . TYR A 1 40 ? 0.157   6.017   -3.705  1.00 1.24 ? 40 TYR A CD1  1 
ATOM 640  C CD2  . TYR A 1 40 ? 0.949   3.920   -4.626  1.00 1.50 ? 40 TYR A CD2  1 
ATOM 641  C CE1  . TYR A 1 40 ? 1.430   6.569   -3.877  1.00 1.31 ? 40 TYR A CE1  1 
ATOM 642  C CE2  . TYR A 1 40 ? 2.219   4.473   -4.804  1.00 1.57 ? 40 TYR A CE2  1 
ATOM 643  C CZ   . TYR A 1 40 ? 2.461   5.798   -4.427  1.00 0.91 ? 40 TYR A CZ   1 
ATOM 644  O OH   . TYR A 1 40 ? 3.716   6.344   -4.595  1.00 1.08 ? 40 TYR A OH   1 
ATOM 645  H H    . TYR A 1 40 ? -3.417  2.639   -4.441  1.00 0.58 ? 40 TYR A H    1 
ATOM 646  H HA   . TYR A 1 40 ? -2.893  5.420   -4.688  1.00 0.70 ? 40 TYR A HA   1 
ATOM 647  H HB2  . TYR A 1 40 ? -1.811  4.402   -2.909  1.00 0.60 ? 40 TYR A HB2  1 
ATOM 648  H HB3  . TYR A 1 40 ? -1.335  3.002   -3.856  1.00 0.62 ? 40 TYR A HB3  1 
ATOM 649  H HD1  . TYR A 1 40 ? -0.640  6.612   -3.284  1.00 2.05 ? 40 TYR A HD1  1 
ATOM 650  H HD2  . TYR A 1 40 ? 0.760   2.896   -4.916  1.00 2.33 ? 40 TYR A HD2  1 
ATOM 651  H HE1  . TYR A 1 40 ? 1.618   7.588   -3.588  1.00 2.13 ? 40 TYR A HE1  1 
ATOM 652  H HE2  . TYR A 1 40 ? 3.014   3.878   -5.228  1.00 2.42 ? 40 TYR A HE2  1 
ATOM 653  H HH   . TYR A 1 40 ? 3.974   6.753   -3.765  1.00 1.45 ? 40 TYR A HH   1 
ATOM 654  N N    . LEU A 1 41 ? -1.649  3.481   -6.995  1.00 0.51 ? 41 LEU A N    1 
ATOM 655  C CA   . LEU A 1 41 ? -1.049  3.577   -8.356  1.00 0.54 ? 41 LEU A CA   1 
ATOM 656  C C    . LEU A 1 41 ? -2.044  4.296   -9.262  1.00 0.65 ? 41 LEU A C    1 
ATOM 657  O O    . LEU A 1 41 ? -1.692  5.165   -10.035 1.00 0.73 ? 41 LEU A O    1 
ATOM 658  C CB   . LEU A 1 41 ? -0.787  2.194   -8.951  1.00 0.56 ? 41 LEU A CB   1 
ATOM 659  C CG   . LEU A 1 41 ? 0.071   1.343   -8.007  1.00 0.48 ? 41 LEU A CG   1 
ATOM 660  C CD1  . LEU A 1 41 ? 0.190   -0.078  -8.568  1.00 1.21 ? 41 LEU A CD1  1 
ATOM 661  C CD2  . LEU A 1 41 ? 1.478   1.952   -7.840  1.00 1.07 ? 41 LEU A CD2  1 
ATOM 662  H H    . LEU A 1 41 ? -1.977  2.616   -6.633  1.00 0.50 ? 41 LEU A H    1 
ATOM 663  H HA   . LEU A 1 41 ? -0.137  4.136   -8.311  1.00 0.57 ? 41 LEU A HA   1 
ATOM 664  H HB2  . LEU A 1 41 ? -1.737  1.706   -9.115  1.00 0.70 ? 41 LEU A HB2  1 
ATOM 665  H HB3  . LEU A 1 41 ? -0.275  2.305   -9.896  1.00 0.70 ? 41 LEU A HB3  1 
ATOM 666  H HG   . LEU A 1 41 ? -0.410  1.301   -7.057  1.00 0.92 ? 41 LEU A HG   1 
ATOM 667  H HD11 . LEU A 1 41 ? -0.456  -0.192  -9.426  1.00 1.76 ? 41 LEU A HD11 1 
ATOM 668  H HD12 . LEU A 1 41 ? -0.101  -0.784  -7.806  1.00 1.78 ? 41 LEU A HD12 1 
ATOM 669  H HD13 . LEU A 1 41 ? 1.206   -0.270  -8.865  1.00 1.74 ? 41 LEU A HD13 1 
ATOM 670  H HD21 . LEU A 1 41 ? 1.876   2.218   -8.807  1.00 1.64 ? 41 LEU A HD21 1 
ATOM 671  H HD22 . LEU A 1 41 ? 2.132   1.230   -7.365  1.00 1.63 ? 41 LEU A HD22 1 
ATOM 672  H HD23 . LEU A 1 41 ? 1.423   2.831   -7.216  1.00 1.62 ? 41 LEU A HD23 1 
ATOM 673  N N    . GLU A 1 42 ? -3.292  3.923   -9.174  1.00 0.71 ? 42 GLU A N    1 
ATOM 674  C CA   . GLU A 1 42 ? -4.325  4.561   -10.030 1.00 0.86 ? 42 GLU A CA   1 
ATOM 675  C C    . GLU A 1 42 ? -4.445  6.043   -9.693  1.00 0.91 ? 42 GLU A C    1 
ATOM 676  O O    . GLU A 1 42 ? -4.770  6.856   -10.534 1.00 1.03 ? 42 GLU A O    1 
ATOM 677  C CB   . GLU A 1 42 ? -5.675  3.875   -9.820  1.00 0.95 ? 42 GLU A CB   1 
ATOM 678  C CG   . GLU A 1 42 ? -6.663  4.373   -10.876 1.00 1.44 ? 42 GLU A CG   1 
ATOM 679  C CD   . GLU A 1 42 ? -8.047  3.785   -10.604 1.00 2.07 ? 42 GLU A CD   1 
ATOM 680  O OE1  . GLU A 1 42 ? -8.377  3.611   -9.442  1.00 2.51 ? 42 GLU A OE1  1 
ATOM 681  O OE2  . GLU A 1 42 ? -8.756  3.521   -11.561 1.00 2.74 ? 42 GLU A OE2  1 
ATOM 682  H H    . GLU A 1 42 ? -3.547  3.214   -8.547  1.00 0.68 ? 42 GLU A H    1 
ATOM 683  H HA   . GLU A 1 42 ? -4.030  4.460   -11.059 1.00 0.92 ? 42 GLU A HA   1 
ATOM 684  H HB2  . GLU A 1 42 ? -5.553  2.806   -9.913  1.00 1.16 ? 42 GLU A HB2  1 
ATOM 685  H HB3  . GLU A 1 42 ? -6.051  4.112   -8.837  1.00 1.25 ? 42 GLU A HB3  1 
ATOM 686  H HG2  . GLU A 1 42 ? -6.716  5.452   -10.840 1.00 1.87 ? 42 GLU A HG2  1 
ATOM 687  H HG3  . GLU A 1 42 ? -6.330  4.063   -11.855 1.00 1.80 ? 42 GLU A HG3  1 
ATOM 688  N N    . LYS A 1 43 ? -4.197  6.411   -8.472  1.00 0.87 ? 43 LYS A N    1 
ATOM 689  C CA   . LYS A 1 43 ? -4.306  7.847   -8.116  1.00 0.99 ? 43 LYS A CA   1 
ATOM 690  C C    . LYS A 1 43 ? -3.208  8.627   -8.834  1.00 1.01 ? 43 LYS A C    1 
ATOM 691  O O    . LYS A 1 43 ? -3.465  9.460   -9.681  1.00 1.15 ? 43 LYS A O    1 
ATOM 692  C CB   . LYS A 1 43 ? -4.152  8.029   -6.604  1.00 1.02 ? 43 LYS A CB   1 
ATOM 693  C CG   . LYS A 1 43 ? -5.519  8.321   -5.980  1.00 1.21 ? 43 LYS A CG   1 
ATOM 694  C CD   . LYS A 1 43 ? -5.356  8.531   -4.477  1.00 1.27 ? 43 LYS A CD   1 
ATOM 695  C CE   . LYS A 1 43 ? -6.723  8.822   -3.852  1.00 1.37 ? 43 LYS A CE   1 
ATOM 696  N NZ   . LYS A 1 43 ? -7.105  7.705   -2.943  1.00 1.90 ? 43 LYS A NZ   1 
ATOM 697  H H    . LYS A 1 43 ? -3.942  5.750   -7.795  1.00 0.80 ? 43 LYS A H    1 
ATOM 698  H HA   . LYS A 1 43 ? -5.269  8.213   -8.424  1.00 1.10 ? 43 LYS A HA   1 
ATOM 699  H HB2  . LYS A 1 43 ? -3.745  7.125   -6.174  1.00 1.28 ? 43 LYS A HB2  1 
ATOM 700  H HB3  . LYS A 1 43 ? -3.484  8.854   -6.407  1.00 1.34 ? 43 LYS A HB3  1 
ATOM 701  H HG2  . LYS A 1 43 ? -5.934  9.217   -6.422  1.00 1.87 ? 43 LYS A HG2  1 
ATOM 702  H HG3  . LYS A 1 43 ? -6.183  7.490   -6.158  1.00 1.80 ? 43 LYS A HG3  1 
ATOM 703  H HD2  . LYS A 1 43 ? -4.938  7.639   -4.035  1.00 1.82 ? 43 LYS A HD2  1 
ATOM 704  H HD3  . LYS A 1 43 ? -4.696  9.365   -4.297  1.00 1.89 ? 43 LYS A HD3  1 
ATOM 705  H HE2  . LYS A 1 43 ? -6.672  9.742   -3.290  1.00 1.81 ? 43 LYS A HE2  1 
ATOM 706  H HE3  . LYS A 1 43 ? -7.462  8.917   -4.634  1.00 1.84 ? 43 LYS A HE3  1 
ATOM 707  H HZ1  . LYS A 1 43 ? -6.754  7.903   -1.985  1.00 2.22 ? 43 LYS A HZ1  1 
ATOM 708  H HZ2  . LYS A 1 43 ? -6.685  6.818   -3.290  1.00 2.39 ? 43 LYS A HZ2  1 
ATOM 709  H HZ3  . LYS A 1 43 ? -8.139  7.614   -2.919  1.00 2.37 ? 43 LYS A HZ3  1 
ATOM 710  N N    . LEU A 1 44 ? -1.984  8.364   -8.486  1.00 0.93 ? 44 LEU A N    1 
ATOM 711  C CA   . LEU A 1 44 ? -0.840  9.081   -9.117  1.00 1.03 ? 44 LEU A CA   1 
ATOM 712  C C    . LEU A 1 44 ? -0.578  8.579   -10.520 1.00 1.08 ? 44 LEU A C    1 
ATOM 713  O O    . LEU A 1 44 ? 0.339   9.020   -11.183 1.00 1.28 ? 44 LEU A O    1 
ATOM 714  C CB   . LEU A 1 44 ? 0.413   8.880   -8.275  1.00 0.99 ? 44 LEU A CB   1 
ATOM 715  C CG   . LEU A 1 44 ? 0.683   7.375   -8.138  1.00 0.77 ? 44 LEU A CG   1 
ATOM 716  C CD1  . LEU A 1 44 ? 1.953   7.019   -8.913  1.00 0.86 ? 44 LEU A CD1  1 
ATOM 717  C CD2  . LEU A 1 44 ? 0.874   7.009   -6.663  1.00 0.80 ? 44 LEU A CD2  1 
ATOM 718  H H    . LEU A 1 44 ? -1.813  7.689   -7.797  1.00 0.84 ? 44 LEU A H    1 
ATOM 719  H HA   . LEU A 1 44 ? -1.077  10.120  -9.184  1.00 1.15 ? 44 LEU A HA   1 
ATOM 720  H HB2  . LEU A 1 44 ? 1.253   9.356   -8.764  1.00 1.17 ? 44 LEU A HB2  1 
ATOM 721  H HB3  . LEU A 1 44 ? 0.269   9.317   -7.301  1.00 1.11 ? 44 LEU A HB3  1 
ATOM 722  H HG   . LEU A 1 44 ? -0.152  6.816   -8.548  1.00 0.75 ? 44 LEU A HG   1 
ATOM 723  H HD11 . LEU A 1 44 ? 1.832   7.296   -9.950  1.00 1.36 ? 44 LEU A HD11 1 
ATOM 724  H HD12 . LEU A 1 44 ? 2.132   5.957   -8.842  1.00 1.40 ? 44 LEU A HD12 1 
ATOM 725  H HD13 . LEU A 1 44 ? 2.792   7.555   -8.494  1.00 1.27 ? 44 LEU A HD13 1 
ATOM 726  H HD21 . LEU A 1 44 ? 1.773   7.477   -6.296  1.00 1.16 ? 44 LEU A HD21 1 
ATOM 727  H HD22 . LEU A 1 44 ? 0.961   5.935   -6.567  1.00 1.33 ? 44 LEU A HD22 1 
ATOM 728  H HD23 . LEU A 1 44 ? 0.028   7.350   -6.084  1.00 1.43 ? 44 LEU A HD23 1 
ATOM 729  N N    . GLU A 1 45 ? -1.358  7.677   -10.988 1.00 1.02 ? 45 GLU A N    1 
ATOM 730  C CA   . GLU A 1 45 ? -1.124  7.176   -12.351 1.00 1.15 ? 45 GLU A CA   1 
ATOM 731  C C    . GLU A 1 45 ? -1.206  8.364   -13.316 1.00 2.15 ? 45 GLU A C    1 
ATOM 732  O O    . GLU A 1 45 ? -2.099  9.183   -13.230 1.00 2.87 ? 45 GLU A O    1 
ATOM 733  C CB   . GLU A 1 45 ? -2.199  6.131   -12.651 1.00 1.69 ? 45 GLU A CB   1 
ATOM 734  C CG   . GLU A 1 45 ? -2.605  6.157   -14.117 1.00 2.46 ? 45 GLU A CG   1 
ATOM 735  C CD   . GLU A 1 45 ? -1.360  6.053   -15.004 1.00 3.39 ? 45 GLU A CD   1 
ATOM 736  O OE1  . GLU A 1 45 ? -0.572  5.147   -14.782 1.00 3.98 ? 45 GLU A OE1  1 
ATOM 737  O OE2  . GLU A 1 45 ? -1.218  6.877   -15.891 1.00 3.89 ? 45 GLU A OE2  1 
ATOM 738  H H    . GLU A 1 45 ? -2.098  7.327   -10.448 1.00 0.97 ? 45 GLU A H    1 
ATOM 739  H HA   . GLU A 1 45 ? -0.146  6.723   -12.412 1.00 1.44 ? 45 GLU A HA   1 
ATOM 740  H HB2  . GLU A 1 45 ? -1.822  5.151   -12.403 1.00 2.25 ? 45 GLU A HB2  1 
ATOM 741  H HB3  . GLU A 1 45 ? -3.062  6.340   -12.046 1.00 2.14 ? 45 GLU A HB3  1 
ATOM 742  H HG2  . GLU A 1 45 ? -3.246  5.317   -14.301 1.00 2.78 ? 45 GLU A HG2  1 
ATOM 743  H HG3  . GLU A 1 45 ? -3.143  7.068   -14.334 1.00 2.82 ? 45 GLU A HG3  1 
ATOM 744  N N    . MET B 1 1  ? 10.979  2.121   11.936  1.00 2.06 ? 46 MET B N    1 
ATOM 745  C CA   . MET B 1 1  ? 9.602   2.578   12.271  1.00 1.81 ? 46 MET B CA   1 
ATOM 746  C C    . MET B 1 1  ? 8.754   1.372   12.698  1.00 1.68 ? 46 MET B C    1 
ATOM 747  O O    . MET B 1 1  ? 9.112   0.238   12.455  1.00 1.87 ? 46 MET B O    1 
ATOM 748  C CB   . MET B 1 1  ? 8.980   3.258   11.047  1.00 2.04 ? 46 MET B CB   1 
ATOM 749  C CG   . MET B 1 1  ? 9.928   4.347   10.536  1.00 2.28 ? 46 MET B CG   1 
ATOM 750  S SD   . MET B 1 1  ? 9.002   5.556   9.554   1.00 2.83 ? 46 MET B SD   1 
ATOM 751  C CE   . MET B 1 1  ? 8.859   4.578   8.038   1.00 2.77 ? 46 MET B CE   1 
ATOM 752  H H1   . MET B 1 1  ? 11.124  1.160   12.305  1.00 2.31 ? 46 MET B H1   1 
ATOM 753  H H2   . MET B 1 1  ? 11.672  2.767   12.365  1.00 2.35 ? 46 MET B H2   1 
ATOM 754  H H3   . MET B 1 1  ? 11.101  2.115   10.903  1.00 2.50 ? 46 MET B H3   1 
ATOM 755  H HA   . MET B 1 1  ? 9.650   3.286   13.087  1.00 2.10 ? 46 MET B HA   1 
ATOM 756  H HB2  . MET B 1 1  ? 8.822   2.527   10.270  1.00 2.51 ? 46 MET B HB2  1 
ATOM 757  H HB3  . MET B 1 1  ? 8.036   3.704   11.321  1.00 2.23 ? 46 MET B HB3  1 
ATOM 758  H HG2  . MET B 1 1  ? 10.392  4.844   11.374  1.00 2.39 ? 46 MET B HG2  1 
ATOM 759  H HG3  . MET B 1 1  ? 10.691  3.895   9.919   1.00 2.71 ? 46 MET B HG3  1 
ATOM 760  H HE1  . MET B 1 1  ? 9.836   4.214   7.751   1.00 3.07 ? 46 MET B HE1  1 
ATOM 761  H HE2  . MET B 1 1  ? 8.462   5.195   7.247   1.00 3.02 ? 46 MET B HE2  1 
ATOM 762  H HE3  . MET B 1 1  ? 8.194   3.744   8.210   1.00 2.99 ? 46 MET B HE3  1 
ATOM 763  N N    . ALA B 1 2  ? 7.643   1.612   13.347  1.00 1.60 ? 47 ALA B N    1 
ATOM 764  C CA   . ALA B 1 2  ? 6.773   0.485   13.811  1.00 1.72 ? 47 ALA B CA   1 
ATOM 765  C C    . ALA B 1 2  ? 6.202   -0.275  12.614  1.00 1.38 ? 47 ALA B C    1 
ATOM 766  O O    . ALA B 1 2  ? 5.004   -0.355  12.431  1.00 1.50 ? 47 ALA B O    1 
ATOM 767  C CB   . ALA B 1 2  ? 5.626   1.045   14.653  1.00 2.12 ? 47 ALA B CB   1 
ATOM 768  H H    . ALA B 1 2  ? 7.383   2.536   13.541  1.00 1.65 ? 47 ALA B H    1 
ATOM 769  H HA   . ALA B 1 2  ? 7.352   -0.195  14.411  1.00 1.96 ? 47 ALA B HA   1 
ATOM 770  H HB1  . ALA B 1 2  ? 4.855   0.296   14.754  1.00 2.43 ? 47 ALA B HB1  1 
ATOM 771  H HB2  . ALA B 1 2  ? 5.219   1.920   14.169  1.00 2.40 ? 47 ALA B HB2  1 
ATOM 772  H HB3  . ALA B 1 2  ? 5.998   1.314   15.630  1.00 2.52 ? 47 ALA B HB3  1 
ATOM 773  N N    . THR B 1 3  ? 7.046   -0.834  11.800  1.00 1.21 ? 48 THR B N    1 
ATOM 774  C CA   . THR B 1 3  ? 6.552   -1.586  10.618  1.00 1.05 ? 48 THR B CA   1 
ATOM 775  C C    . THR B 1 3  ? 6.119   -2.991  11.026  1.00 0.98 ? 48 THR B C    1 
ATOM 776  O O    . THR B 1 3  ? 6.924   -3.892  11.140  1.00 1.11 ? 48 THR B O    1 
ATOM 777  C CB   . THR B 1 3  ? 7.671   -1.678  9.580   1.00 1.27 ? 48 THR B CB   1 
ATOM 778  O OG1  . THR B 1 3  ? 8.813   -2.283  10.169  1.00 1.67 ? 48 THR B OG1  1 
ATOM 779  C CG2  . THR B 1 3  ? 8.026   -0.271  9.101   1.00 1.85 ? 48 THR B CG2  1 
ATOM 780  H H    . THR B 1 3  ? 8.010   -0.761  11.964  1.00 1.41 ? 48 THR B H    1 
ATOM 781  H HA   . THR B 1 3  ? 5.710   -1.075  10.182  1.00 1.06 ? 48 THR B HA   1 
ATOM 782  H HB   . THR B 1 3  ? 7.341   -2.269  8.743   1.00 1.44 ? 48 THR B HB   1 
ATOM 783  H HG1  . THR B 1 3  ? 9.407   -2.544  9.461   1.00 2.01 ? 48 THR B HG1  1 
ATOM 784  H HG21 . THR B 1 3  ? 7.868   0.428   9.907   1.00 2.23 ? 48 THR B HG21 1 
ATOM 785  H HG22 . THR B 1 3  ? 7.397   -0.001  8.267   1.00 2.47 ? 48 THR B HG22 1 
ATOM 786  H HG23 . THR B 1 3  ? 9.061   -0.242  8.796   1.00 2.12 ? 48 THR B HG23 1 
ATOM 787  N N    . THR B 1 4  ? 4.840   -3.195  11.200  1.00 0.89 ? 49 THR B N    1 
ATOM 788  C CA   . THR B 1 4  ? 4.353   -4.556  11.543  1.00 0.89 ? 49 THR B CA   1 
ATOM 789  C C    . THR B 1 4  ? 4.158   -5.259  10.215  1.00 0.74 ? 49 THR B C    1 
ATOM 790  O O    . THR B 1 4  ? 3.724   -4.644  9.259   1.00 0.80 ? 49 THR B O    1 
ATOM 791  C CB   . THR B 1 4  ? 3.022   -4.487  12.294  1.00 1.01 ? 49 THR B CB   1 
ATOM 792  O OG1  . THR B 1 4  ? 3.065   -3.422  13.233  1.00 1.41 ? 49 THR B OG1  1 
ATOM 793  C CG2  . THR B 1 4  ? 2.792   -5.808  13.027  1.00 1.27 ? 49 THR B CG2  1 
ATOM 794  H H    . THR B 1 4  ? 4.202   -2.464  11.066  1.00 0.91 ? 49 THR B H    1 
ATOM 795  H HA   . THR B 1 4  ? 5.094   -5.078  12.133  1.00 1.00 ? 49 THR B HA   1 
ATOM 796  H HB   . THR B 1 4  ? 2.217   -4.325  11.595  1.00 1.19 ? 49 THR B HB   1 
ATOM 797  H HG1  . THR B 1 4  ? 3.321   -2.624  12.764  1.00 1.55 ? 49 THR B HG1  1 
ATOM 798  H HG21 . THR B 1 4  ? 3.202   -5.742  14.024  1.00 1.87 ? 49 THR B HG21 1 
ATOM 799  H HG22 . THR B 1 4  ? 3.279   -6.608  12.489  1.00 1.68 ? 49 THR B HG22 1 
ATOM 800  H HG23 . THR B 1 4  ? 1.733   -6.008  13.086  1.00 1.62 ? 49 THR B HG23 1 
ATOM 801  N N    . THR B 1 5  ? 4.524   -6.504  10.114  1.00 0.73 ? 50 THR B N    1 
ATOM 802  C CA   . THR B 1 5  ? 4.413   -7.182  8.802   1.00 0.67 ? 50 THR B CA   1 
ATOM 803  C C    . THR B 1 5  ? 3.076   -7.876  8.599   1.00 0.73 ? 50 THR B C    1 
ATOM 804  O O    . THR B 1 5  ? 2.771   -8.876  9.219   1.00 0.89 ? 50 THR B O    1 
ATOM 805  C CB   . THR B 1 5  ? 5.562   -8.167  8.635   1.00 0.76 ? 50 THR B CB   1 
ATOM 806  O OG1  . THR B 1 5  ? 6.018   -8.593  9.912   1.00 0.93 ? 50 THR B OG1  1 
ATOM 807  C CG2  . THR B 1 5  ? 6.692   -7.455  7.888   1.00 0.76 ? 50 THR B CG2  1 
ATOM 808  H H    . THR B 1 5  ? 4.911   -6.969  10.880  1.00 0.87 ? 50 THR B H    1 
ATOM 809  H HA   . THR B 1 5  ? 4.509   -6.442  8.050   1.00 0.61 ? 50 THR B HA   1 
ATOM 810  H HB   . THR B 1 5  ? 5.235   -9.020  8.060   1.00 0.93 ? 50 THR B HB   1 
ATOM 811  H HG1  . THR B 1 5  ? 6.574   -7.900  10.275  1.00 1.33 ? 50 THR B HG1  1 
ATOM 812  H HG21 . THR B 1 5  ? 6.840   -6.473  8.318   1.00 1.35 ? 50 THR B HG21 1 
ATOM 813  H HG22 . THR B 1 5  ? 6.422   -7.350  6.846   1.00 1.30 ? 50 THR B HG22 1 
ATOM 814  H HG23 . THR B 1 5  ? 7.600   -8.027  7.972   1.00 1.20 ? 50 THR B HG23 1 
ATOM 815  N N    . LEU B 1 6  ? 2.301   -7.356  7.678   1.00 0.70 ? 51 LEU B N    1 
ATOM 816  C CA   . LEU B 1 6  ? 0.981   -7.980  7.343   1.00 0.84 ? 51 LEU B CA   1 
ATOM 817  C C    . LEU B 1 6  ? 1.086   -8.524  5.927   1.00 0.74 ? 51 LEU B C    1 
ATOM 818  O O    . LEU B 1 6  ? 1.855   -8.033  5.137   1.00 0.82 ? 51 LEU B O    1 
ATOM 819  C CB   . LEU B 1 6  ? -0.162  -6.956  7.324   1.00 1.02 ? 51 LEU B CB   1 
ATOM 820  C CG   . LEU B 1 6  ? -0.014  -5.887  8.402   1.00 0.82 ? 51 LEU B CG   1 
ATOM 821  C CD1  . LEU B 1 6  ? -1.273  -5.020  8.386   1.00 1.16 ? 51 LEU B CD1  1 
ATOM 822  C CD2  . LEU B 1 6  ? 0.105   -6.514  9.778   1.00 1.11 ? 51 LEU B CD2  1 
ATOM 823  H H    . LEU B 1 6  ? 2.615   -6.569  7.173   1.00 0.67 ? 51 LEU B H    1 
ATOM 824  H HA   . LEU B 1 6  ? 0.754   -8.779  8.032   1.00 0.96 ? 51 LEU B HA   1 
ATOM 825  H HB2  . LEU B 1 6  ? -0.179  -6.477  6.357   1.00 1.43 ? 51 LEU B HB2  1 
ATOM 826  H HB3  . LEU B 1 6  ? -1.096  -7.477  7.470   1.00 1.43 ? 51 LEU B HB3  1 
ATOM 827  H HG   . LEU B 1 6  ? 0.861   -5.287  8.199   1.00 1.00 ? 51 LEU B HG   1 
ATOM 828  H HD11 . LEU B 1 6  ? -1.988  -5.421  9.087   1.00 1.66 ? 51 LEU B HD11 1 
ATOM 829  H HD12 . LEU B 1 6  ? -1.704  -5.032  7.397   1.00 1.46 ? 51 LEU B HD12 1 
ATOM 830  H HD13 . LEU B 1 6  ? -1.029  -4.008  8.664   1.00 1.66 ? 51 LEU B HD13 1 
ATOM 831  H HD21 . LEU B 1 6  ? -0.187  -5.787  10.524  1.00 1.65 ? 51 LEU B HD21 1 
ATOM 832  H HD22 . LEU B 1 6  ? 1.125   -6.809  9.947   1.00 1.58 ? 51 LEU B HD22 1 
ATOM 833  H HD23 . LEU B 1 6  ? -0.543  -7.371  9.836   1.00 1.55 ? 51 LEU B HD23 1 
ATOM 834  N N    . GLY B 1 7  ? 0.310   -9.492  5.563   1.00 0.79 ? 52 GLY B N    1 
ATOM 835  C CA   . GLY B 1 7  ? 0.399   -9.968  4.161   1.00 0.72 ? 52 GLY B CA   1 
ATOM 836  C C    . GLY B 1 7  ? -0.271  -8.920  3.267   1.00 0.74 ? 52 GLY B C    1 
ATOM 837  O O    . GLY B 1 7  ? -1.370  -8.476  3.538   1.00 0.87 ? 52 GLY B O    1 
ATOM 838  H H    . GLY B 1 7  ? -0.343  -9.878  6.184   1.00 1.00 ? 52 GLY B H    1 
ATOM 839  H HA2  . GLY B 1 7  ? 1.441   -10.073 3.882   1.00 0.73 ? 52 GLY B HA2  1 
ATOM 840  H HA3  . GLY B 1 7  ? -0.107  -10.910 4.057   1.00 0.77 ? 52 GLY B HA3  1 
ATOM 841  N N    . VAL B 1 8  ? 0.378   -8.518  2.209   1.00 0.72 ? 53 VAL B N    1 
ATOM 842  C CA   . VAL B 1 8  ? -0.219  -7.495  1.301   1.00 0.82 ? 53 VAL B CA   1 
ATOM 843  C C    . VAL B 1 8  ? -0.907  -8.216  0.163   1.00 0.69 ? 53 VAL B C    1 
ATOM 844  O O    . VAL B 1 8  ? -0.826  -9.410  0.069   1.00 0.75 ? 53 VAL B O    1 
ATOM 845  C CB   . VAL B 1 8  ? 0.886   -6.582  0.741   1.00 1.05 ? 53 VAL B CB   1 
ATOM 846  C CG1  . VAL B 1 8  ? 1.384   -7.090  -0.614  1.00 1.23 ? 53 VAL B CG1  1 
ATOM 847  C CG2  . VAL B 1 8  ? 0.338   -5.167  0.554   1.00 1.84 ? 53 VAL B CG2  1 
ATOM 848  H H    . VAL B 1 8  ? 1.264   -8.894  2.007   1.00 0.71 ? 53 VAL B H    1 
ATOM 849  H HA   . VAL B 1 8  ? -0.940  -6.901  1.844   1.00 1.04 ? 53 VAL B HA   1 
ATOM 850  H HB   . VAL B 1 8  ? 1.713   -6.557  1.431   1.00 1.31 ? 53 VAL B HB   1 
ATOM 851  H HG11 . VAL B 1 8  ? 2.316   -6.615  -0.832  1.00 1.55 ? 53 VAL B HG11 1 
ATOM 852  H HG12 . VAL B 1 8  ? 0.666   -6.843  -1.386  1.00 1.79 ? 53 VAL B HG12 1 
ATOM 853  H HG13 . VAL B 1 8  ? 1.535   -8.155  -0.583  1.00 1.74 ? 53 VAL B HG13 1 
ATOM 854  H HG21 . VAL B 1 8  ? 0.072   -4.757  1.511   1.00 2.21 ? 53 VAL B HG21 1 
ATOM 855  H HG22 . VAL B 1 8  ? -0.533  -5.195  -0.078  1.00 2.27 ? 53 VAL B HG22 1 
ATOM 856  H HG23 . VAL B 1 8  ? 1.091   -4.547  0.092   1.00 2.41 ? 53 VAL B HG23 1 
ATOM 857  N N    . LYS B 1 9  ? -1.548  -7.496  -0.704  1.00 0.84 ? 54 LYS B N    1 
ATOM 858  C CA   . LYS B 1 9  ? -2.229  -8.119  -1.869  1.00 0.86 ? 54 LYS B CA   1 
ATOM 859  C C    . LYS B 1 9  ? -1.698  -7.477  -3.143  1.00 0.87 ? 54 LYS B C    1 
ATOM 860  O O    . LYS B 1 9  ? -2.344  -6.634  -3.735  1.00 1.09 ? 54 LYS B O    1 
ATOM 861  C CB   . LYS B 1 9  ? -3.705  -7.835  -1.751  1.00 1.18 ? 54 LYS B CB   1 
ATOM 862  C CG   . LYS B 1 9  ? -4.266  -8.535  -0.509  1.00 1.73 ? 54 LYS B CG   1 
ATOM 863  C CD   . LYS B 1 9  ? -5.466  -9.397  -0.906  1.00 2.41 ? 54 LYS B CD   1 
ATOM 864  C CE   . LYS B 1 9  ? -6.154  -9.918  0.354   1.00 3.23 ? 54 LYS B CE   1 
ATOM 865  N NZ   . LYS B 1 9  ? -5.199  -9.861  1.496   1.00 3.73 ? 54 LYS B NZ   1 
ATOM 866  H H    . LYS B 1 9  ? -1.574  -6.526  -0.601  1.00 1.07 ? 54 LYS B H    1 
ATOM 867  H HA   . LYS B 1 9  ? -2.054  -9.184  -1.897  1.00 0.82 ? 54 LYS B HA   1 
ATOM 868  H HB2  . LYS B 1 9  ? -3.822  -6.771  -1.657  1.00 1.52 ? 54 LYS B HB2  1 
ATOM 869  H HB3  . LYS B 1 9  ? -4.218  -8.181  -2.630  1.00 1.25 ? 54 LYS B HB3  1 
ATOM 870  H HG2  . LYS B 1 9  ? -3.502  -9.161  -0.069  1.00 2.20 ? 54 LYS B HG2  1 
ATOM 871  H HG3  . LYS B 1 9  ? -4.579  -7.796  0.212   1.00 2.05 ? 54 LYS B HG3  1 
ATOM 872  H HD2  . LYS B 1 9  ? -6.164  -8.809  -1.482  1.00 2.56 ? 54 LYS B HD2  1 
ATOM 873  H HD3  . LYS B 1 9  ? -5.127  -10.233 -1.498  1.00 2.90 ? 54 LYS B HD3  1 
ATOM 874  H HE2  . LYS B 1 9  ? -7.016  -9.303  0.573   1.00 3.62 ? 54 LYS B HE2  1 
ATOM 875  H HE3  . LYS B 1 9  ? -6.470  -10.938 0.196   1.00 3.66 ? 54 LYS B HE3  1 
ATOM 876  H HZ1  . LYS B 1 9  ? -4.892  -8.879  1.643   1.00 3.99 ? 54 LYS B HZ1  1 
ATOM 877  H HZ2  . LYS B 1 9  ? -4.373  -10.456 1.285   1.00 4.07 ? 54 LYS B HZ2  1 
ATOM 878  H HZ3  . LYS B 1 9  ? -5.667  -10.208 2.357   1.00 3.98 ? 54 LYS B HZ3  1 
ATOM 879  N N    . LEU B 1 10 ? -0.516  -7.855  -3.544  1.00 0.81 ? 55 LEU B N    1 
ATOM 880  C CA   . LEU B 1 10 ? 0.108   -7.270  -4.757  1.00 0.98 ? 55 LEU B CA   1 
ATOM 881  C C    . LEU B 1 10 ? 0.241   -8.328  -5.851  1.00 1.03 ? 55 LEU B C    1 
ATOM 882  O O    . LEU B 1 10 ? 0.406   -9.496  -5.579  1.00 1.12 ? 55 LEU B O    1 
ATOM 883  C CB   . LEU B 1 10 ? 1.486   -6.760  -4.356  1.00 1.16 ? 55 LEU B CB   1 
ATOM 884  C CG   . LEU B 1 10 ? 1.386   -5.304  -3.837  1.00 0.88 ? 55 LEU B CG   1 
ATOM 885  C CD1  . LEU B 1 10 ? 2.585   -4.946  -2.929  1.00 1.40 ? 55 LEU B CD1  1 
ATOM 886  C CD2  . LEU B 1 10 ? 1.343   -4.331  -5.028  1.00 0.86 ? 55 LEU B CD2  1 
ATOM 887  H H    . LEU B 1 10 ? -0.020  -8.518  -3.026  1.00 0.78 ? 55 LEU B H    1 
ATOM 888  H HA   . LEU B 1 10 ? -0.492  -6.464  -5.120  1.00 1.12 ? 55 LEU B HA   1 
ATOM 889  H HB2  . LEU B 1 10 ? 1.841   -7.402  -3.572  1.00 1.62 ? 55 LEU B HB2  1 
ATOM 890  H HB3  . LEU B 1 10 ? 2.157   -6.814  -5.197  1.00 1.59 ? 55 LEU B HB3  1 
ATOM 891  H HG   . LEU B 1 10 ? 0.477   -5.204  -3.265  1.00 1.04 ? 55 LEU B HG   1 
ATOM 892  H HD11 . LEU B 1 10 ? 3.150   -4.162  -3.369  1.00 1.61 ? 55 LEU B HD11 1 
ATOM 893  H HD12 . LEU B 1 10 ? 3.230   -5.790  -2.796  1.00 1.97 ? 55 LEU B HD12 1 
ATOM 894  H HD13 . LEU B 1 10 ? 2.217   -4.612  -1.973  1.00 1.95 ? 55 LEU B HD13 1 
ATOM 895  H HD21 . LEU B 1 10 ? 1.449   -3.320  -4.685  1.00 1.46 ? 55 LEU B HD21 1 
ATOM 896  H HD22 . LEU B 1 10 ? 0.401   -4.417  -5.532  1.00 1.37 ? 55 LEU B HD22 1 
ATOM 897  H HD23 . LEU B 1 10 ? 2.147   -4.560  -5.712  1.00 1.28 ? 55 LEU B HD23 1 
ATOM 898  N N    . ASP B 1 11 ? 0.180   -7.909  -7.087  1.00 1.21 ? 56 ASP B N    1 
ATOM 899  C CA   . ASP B 1 11 ? 0.310   -8.860  -8.225  1.00 1.40 ? 56 ASP B CA   1 
ATOM 900  C C    . ASP B 1 11 ? 1.693   -8.681  -8.834  1.00 1.12 ? 56 ASP B C    1 
ATOM 901  O O    . ASP B 1 11 ? 2.221   -7.588  -8.850  1.00 0.87 ? 56 ASP B O    1 
ATOM 902  C CB   . ASP B 1 11 ? -0.740  -8.536  -9.282  1.00 1.89 ? 56 ASP B CB   1 
ATOM 903  C CG   . ASP B 1 11 ? -1.926  -7.828  -8.622  1.00 2.51 ? 56 ASP B CG   1 
ATOM 904  O OD1  . ASP B 1 11 ? -2.308  -8.238  -7.538  1.00 3.03 ? 56 ASP B OD1  1 
ATOM 905  O OD2  . ASP B 1 11 ? -2.431  -6.886  -9.211  1.00 3.02 ? 56 ASP B OD2  1 
ATOM 906  H H    . ASP B 1 11 ? 0.070   -6.954  -7.271  1.00 1.32 ? 56 ASP B H    1 
ATOM 907  H HA   . ASP B 1 11 ? 0.181   -9.878  -7.882  1.00 1.56 ? 56 ASP B HA   1 
ATOM 908  H HB2  . ASP B 1 11 ? -0.302  -7.898  -10.031 1.00 2.10 ? 56 ASP B HB2  1 
ATOM 909  H HB3  . ASP B 1 11 ? -1.079  -9.449  -9.743  1.00 2.08 ? 56 ASP B HB3  1 
ATOM 910  N N    . ASP B 1 12 ? 2.272   -9.717  -9.367  1.00 1.24 ? 57 ASP B N    1 
ATOM 911  C CA   . ASP B 1 12 ? 3.612   -9.555  -9.990  1.00 1.10 ? 57 ASP B CA   1 
ATOM 912  C C    . ASP B 1 12 ? 3.531   -8.377  -10.961 1.00 0.93 ? 57 ASP B C    1 
ATOM 913  O O    . ASP B 1 12 ? 4.183   -7.372  -10.760 1.00 0.78 ? 57 ASP B O    1 
ATOM 914  C CB   . ASP B 1 12 ? 4.031   -10.842 -10.703 1.00 1.30 ? 57 ASP B CB   1 
ATOM 915  C CG   . ASP B 1 12 ? 5.057   -11.580 -9.842  1.00 1.44 ? 57 ASP B CG   1 
ATOM 916  O OD1  . ASP B 1 12 ? 6.214   -11.194 -9.872  1.00 1.90 ? 57 ASP B OD1  1 
ATOM 917  O OD2  . ASP B 1 12 ? 4.669   -12.519 -9.167  1.00 1.83 ? 57 ASP B OD2  1 
ATOM 918  H H    . ASP B 1 12 ? 1.816   -10.579 -9.381  1.00 1.49 ? 57 ASP B H    1 
ATOM 919  H HA   . ASP B 1 12 ? 4.332   -9.322  -9.216  1.00 1.09 ? 57 ASP B HA   1 
ATOM 920  H HB2  . ASP B 1 12 ? 3.167   -11.473 -10.849 1.00 1.54 ? 57 ASP B HB2  1 
ATOM 921  H HB3  . ASP B 1 12 ? 4.479   -10.600 -11.655 1.00 1.28 ? 57 ASP B HB3  1 
ATOM 922  N N    . PRO B 1 13 ? 2.695   -8.450  -11.971 1.00 1.05 ? 58 PRO B N    1 
ATOM 923  C CA   . PRO B 1 13 ? 2.510   -7.314  -12.902 1.00 1.05 ? 58 PRO B CA   1 
ATOM 924  C C    . PRO B 1 13 ? 2.442   -5.988  -12.140 1.00 0.86 ? 58 PRO B C    1 
ATOM 925  O O    . PRO B 1 13 ? 3.159   -5.047  -12.416 1.00 0.79 ? 58 PRO B O    1 
ATOM 926  C CB   . PRO B 1 13 ? 1.143   -7.588  -13.526 1.00 1.30 ? 58 PRO B CB   1 
ATOM 927  C CG   . PRO B 1 13 ? 0.920   -9.060  -13.436 1.00 1.42 ? 58 PRO B CG   1 
ATOM 928  C CD   . PRO B 1 13 ? 1.856   -9.605  -12.357 1.00 1.30 ? 58 PRO B CD   1 
ATOM 929  H HA   . PRO B 1 13 ? 3.274   -7.295  -13.662 1.00 1.14 ? 58 PRO B HA   1 
ATOM 930  H HB2  . PRO B 1 13 ? 0.379   -7.070  -12.964 1.00 1.31 ? 58 PRO B HB2  1 
ATOM 931  H HB3  . PRO B 1 13 ? 1.130   -7.274  -14.558 1.00 1.45 ? 58 PRO B HB3  1 
ATOM 932  H HG2  . PRO B 1 13 ? -0.109  -9.257  -13.167 1.00 1.55 ? 58 PRO B HG2  1 
ATOM 933  H HG3  . PRO B 1 13 ? 1.150   -9.525  -14.381 1.00 1.51 ? 58 PRO B HG3  1 
ATOM 934  H HD2  . PRO B 1 13 ? 1.284   -9.971  -11.518 1.00 1.37 ? 58 PRO B HD2  1 
ATOM 935  H HD3  . PRO B 1 13 ? 2.463   -10.387 -12.774 1.00 1.40 ? 58 PRO B HD3  1 
ATOM 936  N N    . THR B 1 14 ? 1.578   -5.934  -11.163 1.00 0.86 ? 59 THR B N    1 
ATOM 937  C CA   . THR B 1 14 ? 1.411   -4.703  -10.348 1.00 0.76 ? 59 THR B CA   1 
ATOM 938  C C    . THR B 1 14 ? 2.700   -4.416  -9.581  1.00 0.57 ? 59 THR B C    1 
ATOM 939  O O    . THR B 1 14 ? 3.150   -3.291  -9.495  1.00 0.48 ? 59 THR B O    1 
ATOM 940  C CB   . THR B 1 14 ? 0.243   -4.952  -9.376  1.00 1.00 ? 59 THR B CB   1 
ATOM 941  O OG1  . THR B 1 14 ? -0.977  -4.947  -10.103 1.00 1.91 ? 59 THR B OG1  1 
ATOM 942  C CG2  . THR B 1 14 ? 0.184   -3.881  -8.287  1.00 1.06 ? 59 THR B CG2  1 
ATOM 943  H H    . THR B 1 14 ? 1.032   -6.724  -10.957 1.00 0.99 ? 59 THR B H    1 
ATOM 944  H HA   . THR B 1 14 ? 1.174   -3.868  -10.991 1.00 0.81 ? 59 THR B HA   1 
ATOM 945  H HB   . THR B 1 14 ? 0.370   -5.919  -8.912  1.00 1.59 ? 59 THR B HB   1 
ATOM 946  H HG1  . THR B 1 14 ? -1.438  -4.129  -9.902  1.00 2.31 ? 59 THR B HG1  1 
ATOM 947  H HG21 . THR B 1 14 ? 0.126   -2.910  -8.740  1.00 1.43 ? 59 THR B HG21 1 
ATOM 948  H HG22 . THR B 1 14 ? 1.062   -3.938  -7.674  1.00 1.78 ? 59 THR B HG22 1 
ATOM 949  H HG23 . THR B 1 14 ? -0.690  -4.046  -7.670  1.00 1.60 ? 59 THR B HG23 1 
ATOM 950  N N    . ARG B 1 15 ? 3.287   -5.426  -9.020  1.00 0.61 ? 60 ARG B N    1 
ATOM 951  C CA   . ARG B 1 15 ? 4.540   -5.233  -8.247  1.00 0.60 ? 60 ARG B CA   1 
ATOM 952  C C    . ARG B 1 15 ? 5.588   -4.554  -9.123  1.00 0.51 ? 60 ARG B C    1 
ATOM 953  O O    . ARG B 1 15 ? 6.345   -3.718  -8.686  1.00 0.53 ? 60 ARG B O    1 
ATOM 954  C CB   . ARG B 1 15 ? 5.039   -6.598  -7.815  1.00 0.80 ? 60 ARG B CB   1 
ATOM 955  C CG   . ARG B 1 15 ? 6.300   -6.436  -6.969  1.00 0.98 ? 60 ARG B CG   1 
ATOM 956  C CD   . ARG B 1 15 ? 6.727   -7.795  -6.418  1.00 1.48 ? 60 ARG B CD   1 
ATOM 957  N NE   . ARG B 1 15 ? 7.995   -7.642  -5.649  1.00 1.71 ? 60 ARG B NE   1 
ATOM 958  C CZ   . ARG B 1 15 ? 8.000   -7.018  -4.502  1.00 1.87 ? 60 ARG B CZ   1 
ATOM 959  N NH1  . ARG B 1 15 ? 6.892   -6.528  -4.018  1.00 2.31 ? 60 ARG B NH1  1 
ATOM 960  N NH2  . ARG B 1 15 ? 9.115   -6.885  -3.839  1.00 2.27 ? 60 ARG B NH2  1 
ATOM 961  H H    . ARG B 1 15 ? 2.899   -6.322  -9.102  1.00 0.73 ? 60 ARG B H    1 
ATOM 962  H HA   . ARG B 1 15 ? 4.343   -4.630  -7.374  1.00 0.62 ? 60 ARG B HA   1 
ATOM 963  H HB2  . ARG B 1 15 ? 4.273   -7.079  -7.245  1.00 0.96 ? 60 ARG B HB2  1 
ATOM 964  H HB3  . ARG B 1 15 ? 5.254   -7.192  -8.680  1.00 0.79 ? 60 ARG B HB3  1 
ATOM 965  H HG2  . ARG B 1 15 ? 7.093   -6.030  -7.581  1.00 1.44 ? 60 ARG B HG2  1 
ATOM 966  H HG3  . ARG B 1 15 ? 6.097   -5.762  -6.152  1.00 1.56 ? 60 ARG B HG3  1 
ATOM 967  H HD2  . ARG B 1 15 ? 5.954   -8.177  -5.766  1.00 2.06 ? 60 ARG B HD2  1 
ATOM 968  H HD3  . ARG B 1 15 ? 6.881   -8.483  -7.235  1.00 2.01 ? 60 ARG B HD3  1 
ATOM 969  H HE   . ARG B 1 15 ? 8.829   -8.011  -6.008  1.00 2.24 ? 60 ARG B HE   1 
ATOM 970  H HH11 . ARG B 1 15 ? 6.036   -6.628  -4.525  1.00 2.40 ? 60 ARG B HH11 1 
ATOM 971  H HH12 . ARG B 1 15 ? 6.899   -6.051  -3.138  1.00 2.89 ? 60 ARG B HH12 1 
ATOM 972  H HH21 . ARG B 1 15 ? 9.964   -7.261  -4.210  1.00 2.62 ? 60 ARG B HH21 1 
ATOM 973  H HH22 . ARG B 1 15 ? 9.119   -6.408  -2.961  1.00 2.57 ? 60 ARG B HH22 1 
ATOM 974  N N    . GLU B 1 16 ? 5.634   -4.901  -10.360 1.00 0.53 ? 61 GLU B N    1 
ATOM 975  C CA   . GLU B 1 16 ? 6.636   -4.247  -11.263 1.00 0.60 ? 61 GLU B CA   1 
ATOM 976  C C    . GLU B 1 16 ? 6.282   -2.780  -11.384 1.00 0.57 ? 61 GLU B C    1 
ATOM 977  O O    . GLU B 1 16 ? 7.133   -1.916  -11.436 1.00 0.65 ? 61 GLU B O    1 
ATOM 978  C CB   . GLU B 1 16 ? 6.564   -4.871  -12.650 1.00 0.73 ? 61 GLU B CB   1 
ATOM 979  C CG   . GLU B 1 16 ? 6.863   -6.357  -12.553 1.00 1.21 ? 61 GLU B CG   1 
ATOM 980  C CD   . GLU B 1 16 ? 8.354   -6.571  -12.288 1.00 1.89 ? 61 GLU B CD   1 
ATOM 981  O OE1  . GLU B 1 16 ? 9.095   -5.604  -12.364 1.00 2.44 ? 61 GLU B OE1  1 
ATOM 982  O OE2  . GLU B 1 16 ? 8.730   -7.699  -12.013 1.00 2.45 ? 61 GLU B OE2  1 
ATOM 983  H H    . GLU B 1 16 ? 5.002   -5.577  -10.698 1.00 0.57 ? 61 GLU B H    1 
ATOM 984  H HA   . GLU B 1 16 ? 7.637   -4.343  -10.856 1.00 0.69 ? 61 GLU B HA   1 
ATOM 985  H HB2  . GLU B 1 16 ? 5.575   -4.727  -13.059 1.00 1.06 ? 61 GLU B HB2  1 
ATOM 986  H HB3  . GLU B 1 16 ? 7.292   -4.401  -13.294 1.00 1.06 ? 61 GLU B HB3  1 
ATOM 987  H HG2  . GLU B 1 16 ? 6.287   -6.774  -11.739 1.00 1.53 ? 61 GLU B HG2  1 
ATOM 988  H HG3  . GLU B 1 16 ? 6.584   -6.833  -13.476 1.00 1.69 ? 61 GLU B HG3  1 
ATOM 989  N N    . ARG B 1 17 ? 5.022   -2.494  -11.446 1.00 0.54 ? 62 ARG B N    1 
ATOM 990  C CA   . ARG B 1 17 ? 4.599   -1.090  -11.577 1.00 0.60 ? 62 ARG B CA   1 
ATOM 991  C C    . ARG B 1 17 ? 5.020   -0.341  -10.309 1.00 0.53 ? 62 ARG B C    1 
ATOM 992  O O    . ARG B 1 17 ? 5.359   0.824   -10.348 1.00 0.62 ? 62 ARG B O    1 
ATOM 993  C CB   . ARG B 1 17 ? 3.069   -1.044  -11.775 1.00 0.70 ? 62 ARG B CB   1 
ATOM 994  C CG   . ARG B 1 17 ? 2.611   0.251   -12.482 1.00 0.99 ? 62 ARG B CG   1 
ATOM 995  C CD   . ARG B 1 17 ? 2.307   1.333   -11.448 1.00 1.64 ? 62 ARG B CD   1 
ATOM 996  N NE   . ARG B 1 17 ? 1.869   2.571   -12.151 1.00 2.26 ? 62 ARG B NE   1 
ATOM 997  C CZ   . ARG B 1 17 ? 2.053   3.746   -11.609 1.00 3.00 ? 62 ARG B CZ   1 
ATOM 998  N NH1  . ARG B 1 17 ? 2.651   3.861   -10.453 1.00 3.35 ? 62 ARG B NH1  1 
ATOM 999  N NH2  . ARG B 1 17 ? 1.644   4.816   -12.233 1.00 3.87 ? 62 ARG B NH2  1 
ATOM 1000 H H    . ARG B 1 17 ? 4.356   -3.207  -11.410 1.00 0.54 ? 62 ARG B H    1 
ATOM 1001 H HA   . ARG B 1 17 ? 5.104   -0.673  -12.430 1.00 0.70 ? 62 ARG B HA   1 
ATOM 1002 H HB2  . ARG B 1 17 ? 2.769   -1.892  -12.372 1.00 1.01 ? 62 ARG B HB2  1 
ATOM 1003 H HB3  . ARG B 1 17 ? 2.589   -1.109  -10.811 1.00 0.87 ? 62 ARG B HB3  1 
ATOM 1004 H HG2  . ARG B 1 17 ? 3.369   0.608   -13.160 1.00 1.50 ? 62 ARG B HG2  1 
ATOM 1005 H HG3  . ARG B 1 17 ? 1.711   0.044   -13.043 1.00 1.58 ? 62 ARG B HG3  1 
ATOM 1006 H HD2  . ARG B 1 17 ? 1.517   0.994   -10.796 1.00 2.24 ? 62 ARG B HD2  1 
ATOM 1007 H HD3  . ARG B 1 17 ? 3.191   1.537   -10.872 1.00 2.13 ? 62 ARG B HD3  1 
ATOM 1008 H HE   . ARG B 1 17 ? 1.430   2.503   -13.025 1.00 2.61 ? 62 ARG B HE   1 
ATOM 1009 H HH11 . ARG B 1 17 ? 2.974   3.050   -9.971  1.00 3.13 ? 62 ARG B HH11 1 
ATOM 1010 H HH12 . ARG B 1 17 ? 2.782   4.765   -10.048 1.00 4.15 ? 62 ARG B HH12 1 
ATOM 1011 H HH21 . ARG B 1 17 ? 1.192   4.735   -13.121 1.00 4.10 ? 62 ARG B HH21 1 
ATOM 1012 H HH22 . ARG B 1 17 ? 1.780   5.717   -11.822 1.00 4.52 ? 62 ARG B HH22 1 
ATOM 1013 N N    . LEU B 1 18 ? 5.031   -1.010  -9.180  1.00 0.43 ? 63 LEU B N    1 
ATOM 1014 C CA   . LEU B 1 18 ? 5.460   -0.324  -7.922  1.00 0.43 ? 63 LEU B CA   1 
ATOM 1015 C C    . LEU B 1 18 ? 6.899   0.142   -8.102  1.00 0.49 ? 63 LEU B C    1 
ATOM 1016 O O    . LEU B 1 18 ? 7.296   1.183   -7.622  1.00 0.54 ? 63 LEU B O    1 
ATOM 1017 C CB   . LEU B 1 18 ? 5.409   -1.286  -6.729  1.00 0.47 ? 63 LEU B CB   1 
ATOM 1018 C CG   . LEU B 1 18 ? 4.068   -1.213  -5.997  1.00 0.46 ? 63 LEU B CG   1 
ATOM 1019 C CD1  . LEU B 1 18 ? 2.934   -1.711  -6.898  1.00 0.46 ? 63 LEU B CD1  1 
ATOM 1020 C CD2  . LEU B 1 18 ? 4.166   -2.104  -4.757  1.00 0.57 ? 63 LEU B CD2  1 
ATOM 1021 H H    . LEU B 1 18 ? 4.782   -1.963  -9.167  1.00 0.42 ? 63 LEU B H    1 
ATOM 1022 H HA   . LEU B 1 18 ? 4.821   0.527   -7.735  1.00 0.45 ? 63 LEU B HA   1 
ATOM 1023 H HB2  . LEU B 1 18 ? 5.556   -2.287  -7.071  1.00 0.54 ? 63 LEU B HB2  1 
ATOM 1024 H HB3  . LEU B 1 18 ? 6.200   -1.031  -6.040  1.00 0.58 ? 63 LEU B HB3  1 
ATOM 1025 H HG   . LEU B 1 18 ? 3.860   -0.199  -5.701  1.00 0.50 ? 63 LEU B HG   1 
ATOM 1026 H HD11 . LEU B 1 18 ? 2.973   -2.782  -6.974  1.00 1.08 ? 63 LEU B HD11 1 
ATOM 1027 H HD12 . LEU B 1 18 ? 3.039   -1.282  -7.875  1.00 1.16 ? 63 LEU B HD12 1 
ATOM 1028 H HD13 . LEU B 1 18 ? 1.983   -1.417  -6.474  1.00 1.11 ? 63 LEU B HD13 1 
ATOM 1029 H HD21 . LEU B 1 18 ? 4.270   -3.132  -5.071  1.00 1.15 ? 63 LEU B HD21 1 
ATOM 1030 H HD22 . LEU B 1 18 ? 3.280   -1.986  -4.156  1.00 1.13 ? 63 LEU B HD22 1 
ATOM 1031 H HD23 . LEU B 1 18 ? 5.028   -1.828  -4.174  1.00 1.17 ? 63 LEU B HD23 1 
ATOM 1032 N N    . LYS B 1 19 ? 7.685   -0.631  -8.798  1.00 0.57 ? 64 LYS B N    1 
ATOM 1033 C CA   . LYS B 1 19 ? 9.098   -0.240  -9.017  1.00 0.69 ? 64 LYS B CA   1 
ATOM 1034 C C    . LYS B 1 19 ? 9.114   1.166   -9.588  1.00 0.72 ? 64 LYS B C    1 
ATOM 1035 O O    . LYS B 1 19 ? 9.929   1.989   -9.224  1.00 0.79 ? 64 LYS B O    1 
ATOM 1036 C CB   . LYS B 1 19 ? 9.742   -1.228  -10.001 1.00 0.84 ? 64 LYS B CB   1 
ATOM 1037 C CG   . LYS B 1 19 ? 11.085  -1.735  -9.460  1.00 1.26 ? 64 LYS B CG   1 
ATOM 1038 C CD   . LYS B 1 19 ? 12.098  -0.592  -9.431  1.00 1.41 ? 64 LYS B CD   1 
ATOM 1039 C CE   . LYS B 1 19 ? 13.504  -1.163  -9.242  1.00 2.07 ? 64 LYS B CE   1 
ATOM 1040 N NZ   . LYS B 1 19 ? 13.468  -2.244  -8.216  1.00 2.71 ? 64 LYS B NZ   1 
ATOM 1041 H H    . LYS B 1 19 ? 7.340   -1.467  -9.178  1.00 0.58 ? 64 LYS B H    1 
ATOM 1042 H HA   . LYS B 1 19 ? 9.623   -0.245  -8.085  1.00 0.73 ? 64 LYS B HA   1 
ATOM 1043 H HB2  . LYS B 1 19 ? 9.082   -2.069  -10.139 1.00 0.96 ? 64 LYS B HB2  1 
ATOM 1044 H HB3  . LYS B 1 19 ? 9.898   -0.738  -10.950 1.00 0.91 ? 64 LYS B HB3  1 
ATOM 1045 H HG2  . LYS B 1 19 ? 10.951  -2.125  -8.462  1.00 1.90 ? 64 LYS B HG2  1 
ATOM 1046 H HG3  . LYS B 1 19 ? 11.453  -2.519  -10.104 1.00 1.83 ? 64 LYS B HG3  1 
ATOM 1047 H HD2  . LYS B 1 19 ? 12.051  -0.048  -10.363 1.00 1.85 ? 64 LYS B HD2  1 
ATOM 1048 H HD3  . LYS B 1 19 ? 11.869  0.070   -8.614  1.00 1.67 ? 64 LYS B HD3  1 
ATOM 1049 H HE2  . LYS B 1 19 ? 13.856  -1.568  -10.179 1.00 2.37 ? 64 LYS B HE2  1 
ATOM 1050 H HE3  . LYS B 1 19 ? 14.171  -0.379  -8.915  1.00 2.53 ? 64 LYS B HE3  1 
ATOM 1051 H HZ1  . LYS B 1 19 ? 14.428  -2.615  -8.069  1.00 3.05 ? 64 LYS B HZ1  1 
ATOM 1052 H HZ2  . LYS B 1 19 ? 12.846  -3.011  -8.543  1.00 3.12 ? 64 LYS B HZ2  1 
ATOM 1053 H HZ3  . LYS B 1 19 ? 13.107  -1.861  -7.321  1.00 3.09 ? 64 LYS B HZ3  1 
ATOM 1054 N N    . ALA B 1 20 ? 8.188   1.463   -10.448 1.00 0.74 ? 65 ALA B N    1 
ATOM 1055 C CA   . ALA B 1 20 ? 8.133   2.840   -11.009 1.00 0.88 ? 65 ALA B CA   1 
ATOM 1056 C C    . ALA B 1 20 ? 7.897   3.798   -9.843  1.00 0.83 ? 65 ALA B C    1 
ATOM 1057 O O    . ALA B 1 20 ? 8.476   4.859   -9.757  1.00 0.92 ? 65 ALA B O    1 
ATOM 1058 C CB   . ALA B 1 20 ? 6.982   2.954   -12.012 1.00 1.00 ? 65 ALA B CB   1 
ATOM 1059 H H    . ALA B 1 20 ? 7.518   0.789   -10.695 1.00 0.71 ? 65 ALA B H    1 
ATOM 1060 H HA   . ALA B 1 20 ? 9.073   3.076   -11.495 1.00 0.99 ? 65 ALA B HA   1 
ATOM 1061 H HB1  . ALA B 1 20 ? 7.129   2.241   -12.809 1.00 1.37 ? 65 ALA B HB1  1 
ATOM 1062 H HB2  . ALA B 1 20 ? 6.961   3.953   -12.421 1.00 1.45 ? 65 ALA B HB2  1 
ATOM 1063 H HB3  . ALA B 1 20 ? 6.048   2.750   -11.513 1.00 1.51 ? 65 ALA B HB3  1 
ATOM 1064 N N    . ALA B 1 21 ? 7.067   3.419   -8.919  1.00 0.75 ? 66 ALA B N    1 
ATOM 1065 C CA   . ALA B 1 21 ? 6.835   4.300   -7.752  1.00 0.79 ? 66 ALA B CA   1 
ATOM 1066 C C    . ALA B 1 21 ? 8.155   4.423   -6.986  1.00 0.77 ? 66 ALA B C    1 
ATOM 1067 O O    . ALA B 1 21 ? 8.535   5.492   -6.552  1.00 0.88 ? 66 ALA B O    1 
ATOM 1068 C CB   . ALA B 1 21 ? 5.737   3.696   -6.869  1.00 0.78 ? 66 ALA B CB   1 
ATOM 1069 H H    . ALA B 1 21 ? 6.618   2.550   -8.981  1.00 0.69 ? 66 ALA B H    1 
ATOM 1070 H HA   . ALA B 1 21 ? 6.533   5.280   -8.091  1.00 0.92 ? 66 ALA B HA   1 
ATOM 1071 H HB1  . ALA B 1 21 ? 6.104   2.800   -6.395  1.00 1.21 ? 66 ALA B HB1  1 
ATOM 1072 H HB2  . ALA B 1 21 ? 4.881   3.450   -7.481  1.00 1.29 ? 66 ALA B HB2  1 
ATOM 1073 H HB3  . ALA B 1 21 ? 5.444   4.411   -6.116  1.00 1.26 ? 66 ALA B HB3  1 
ATOM 1074 N N    . ALA B 1 22 ? 8.881   3.339   -6.847  1.00 0.69 ? 67 ALA B N    1 
ATOM 1075 C CA   . ALA B 1 22 ? 10.194  3.410   -6.146  1.00 0.75 ? 67 ALA B CA   1 
ATOM 1076 C C    . ALA B 1 22 ? 11.143  4.276   -6.960  1.00 0.81 ? 67 ALA B C    1 
ATOM 1077 O O    . ALA B 1 22 ? 11.967  4.989   -6.430  1.00 0.89 ? 67 ALA B O    1 
ATOM 1078 C CB   . ALA B 1 22 ? 10.779  2.004   -5.996  1.00 0.76 ? 67 ALA B CB   1 
ATOM 1079 H H    . ALA B 1 22 ? 8.577   2.487   -7.229  1.00 0.63 ? 67 ALA B H    1 
ATOM 1080 H HA   . ALA B 1 22 ? 10.066  3.852   -5.181  1.00 0.85 ? 67 ALA B HA   1 
ATOM 1081 H HB1  . ALA B 1 22 ? 11.351  1.947   -5.082  1.00 1.22 ? 67 ALA B HB1  1 
ATOM 1082 H HB2  . ALA B 1 22 ? 11.424  1.791   -6.837  1.00 1.29 ? 67 ALA B HB2  1 
ATOM 1083 H HB3  . ALA B 1 22 ? 9.977   1.282   -5.966  1.00 1.27 ? 67 ALA B HB3  1 
ATOM 1084 N N    . GLN B 1 23 ? 11.021  4.220   -8.248  1.00 0.83 ? 68 GLN B N    1 
ATOM 1085 C CA   . GLN B 1 23 ? 11.901  5.034   -9.124  1.00 0.95 ? 68 GLN B CA   1 
ATOM 1086 C C    . GLN B 1 23 ? 11.639  6.519   -8.874  1.00 1.04 ? 68 GLN B C    1 
ATOM 1087 O O    . GLN B 1 23 ? 12.519  7.346   -9.007  1.00 1.16 ? 68 GLN B O    1 
ATOM 1088 C CB   . GLN B 1 23 ? 11.611  4.674   -10.580 1.00 1.04 ? 68 GLN B CB   1 
ATOM 1089 C CG   . GLN B 1 23 ? 12.212  3.308   -10.898 1.00 1.73 ? 68 GLN B CG   1 
ATOM 1090 C CD   . GLN B 1 23 ? 13.718  3.463   -11.118 1.00 2.45 ? 68 GLN B CD   1 
ATOM 1091 O OE1  . GLN B 1 23 ? 14.165  3.634   -12.235 1.00 2.58 ? 68 GLN B OE1  1 
ATOM 1092 N NE2  . GLN B 1 23 ? 14.523  3.423   -10.093 1.00 3.25 ? 68 GLN B NE2  1 
ATOM 1093 H H    . GLN B 1 23 ? 10.335  3.642   -8.645  1.00 0.79 ? 68 GLN B H    1 
ATOM 1094 H HA   . GLN B 1 23 ? 12.934  4.811   -8.899  1.00 0.98 ? 68 GLN B HA   1 
ATOM 1095 H HB2  . GLN B 1 23 ? 10.559  4.642   -10.726 1.00 1.43 ? 68 GLN B HB2  1 
ATOM 1096 H HB3  . GLN B 1 23 ? 12.029  5.405   -11.232 1.00 1.49 ? 68 GLN B HB3  1 
ATOM 1097 H HG2  . GLN B 1 23 ? 12.034  2.634   -10.072 1.00 2.08 ? 68 GLN B HG2  1 
ATOM 1098 H HG3  . GLN B 1 23 ? 11.757  2.913   -11.793 1.00 2.07 ? 68 GLN B HG3  1 
ATOM 1099 H HE21 . GLN B 1 23 ? 14.162  3.295   -9.191  1.00 3.51 ? 68 GLN B HE21 1 
ATOM 1100 H HE22 . GLN B 1 23 ? 15.490  3.525   -10.225 1.00 3.75 ? 68 GLN B HE22 1 
ATOM 1101 N N    . SER B 1 24 ? 10.434  6.866   -8.510  1.00 1.04 ? 69 SER B N    1 
ATOM 1102 C CA   . SER B 1 24 ? 10.123  8.298   -8.251  1.00 1.20 ? 69 SER B CA   1 
ATOM 1103 C C    . SER B 1 24 ? 11.039  8.831   -7.149  1.00 1.24 ? 69 SER B C    1 
ATOM 1104 O O    . SER B 1 24 ? 11.491  9.958   -7.212  1.00 1.38 ? 69 SER B O    1 
ATOM 1105 C CB   . SER B 1 24 ? 8.668   8.437   -7.805  1.00 1.26 ? 69 SER B CB   1 
ATOM 1106 O OG   . SER B 1 24 ? 8.322   9.816   -7.758  1.00 1.76 ? 69 SER B OG   1 
ATOM 1107 H H    . SER B 1 24 ? 9.737   6.184   -8.405  1.00 0.97 ? 69 SER B H    1 
ATOM 1108 H HA   . SER B 1 24 ? 10.278  8.868   -9.155  1.00 1.31 ? 69 SER B HA   1 
ATOM 1109 H HB2  . SER B 1 24 ? 8.023   7.934   -8.506  1.00 1.78 ? 69 SER B HB2  1 
ATOM 1110 H HB3  . SER B 1 24 ? 8.548   7.991   -6.826  1.00 1.58 ? 69 SER B HB3  1 
ATOM 1111 H HG   . SER B 1 24 ? 7.389   9.895   -7.964  1.00 1.95 ? 69 SER B HG   1 
ATOM 1112 N N    . ILE B 1 25 ? 11.318  8.027   -6.149  1.00 1.14 ? 70 ILE B N    1 
ATOM 1113 C CA   . ILE B 1 25 ? 12.211  8.476   -5.038  1.00 1.23 ? 70 ILE B CA   1 
ATOM 1114 C C    . ILE B 1 25 ? 13.529  7.716   -5.131  1.00 1.11 ? 70 ILE B C    1 
ATOM 1115 O O    . ILE B 1 25 ? 14.494  8.022   -4.463  1.00 1.29 ? 70 ILE B O    1 
ATOM 1116 C CB   . ILE B 1 25 ? 11.523  8.206   -3.701  1.00 1.37 ? 70 ILE B CB   1 
ATOM 1117 C CG1  . ILE B 1 25 ? 12.414  8.716   -2.560  1.00 1.60 ? 70 ILE B CG1  1 
ATOM 1118 C CG2  . ILE B 1 25 ? 11.244  6.707   -3.549  1.00 1.27 ? 70 ILE B CG2  1 
ATOM 1119 C CD1  . ILE B 1 25 ? 11.617  8.728   -1.257  1.00 1.84 ? 70 ILE B CD1  1 
ATOM 1120 H H    . ILE B 1 25 ? 10.944  7.112   -6.134  1.00 1.03 ? 70 ILE B H    1 
ATOM 1121 H HA   . ILE B 1 25 ? 12.412  9.529   -5.130  1.00 1.39 ? 70 ILE B HA   1 
ATOM 1122 H HB   . ILE B 1 25 ? 10.581  8.739   -3.679  1.00 1.59 ? 70 ILE B HB   1 
ATOM 1123 H HG12 . ILE B 1 25 ? 13.280  8.081   -2.451  1.00 1.85 ? 70 ILE B HG12 1 
ATOM 1124 H HG13 . ILE B 1 25 ? 12.738  9.720   -2.784  1.00 1.85 ? 70 ILE B HG13 1 
ATOM 1125 H HG21 . ILE B 1 25 ? 11.527  6.193   -4.454  1.00 1.68 ? 70 ILE B HG21 1 
ATOM 1126 H HG22 . ILE B 1 25 ? 10.191  6.554   -3.370  1.00 1.51 ? 70 ILE B HG22 1 
ATOM 1127 H HG23 . ILE B 1 25 ? 11.806  6.313   -2.723  1.00 1.65 ? 70 ILE B HG23 1 
ATOM 1128 H HD11 . ILE B 1 25 ? 10.968  7.867   -1.218  1.00 2.25 ? 70 ILE B HD11 1 
ATOM 1129 H HD12 . ILE B 1 25 ? 11.023  9.625   -1.213  1.00 2.26 ? 70 ILE B HD12 1 
ATOM 1130 H HD13 . ILE B 1 25 ? 12.298  8.705   -0.422  1.00 2.07 ? 70 ILE B HD13 1 
ATOM 1131 N N    . ASP B 1 26 ? 13.563  6.736   -5.982  1.00 1.03 ? 71 ASP B N    1 
ATOM 1132 C CA   . ASP B 1 26 ? 14.799  5.935   -6.178  1.00 1.03 ? 71 ASP B CA   1 
ATOM 1133 C C    . ASP B 1 26 ? 15.064  5.048   -4.960  1.00 1.24 ? 71 ASP B C    1 
ATOM 1134 O O    . ASP B 1 26 ? 16.160  5.038   -4.437  1.00 1.99 ? 71 ASP B O    1 
ATOM 1135 C CB   . ASP B 1 26 ? 15.989  6.875   -6.401  1.00 1.35 ? 71 ASP B CB   1 
ATOM 1136 C CG   . ASP B 1 26 ? 17.036  6.170   -7.265  1.00 1.94 ? 71 ASP B CG   1 
ATOM 1137 O OD1  . ASP B 1 26 ? 17.856  5.460   -6.707  1.00 2.63 ? 71 ASP B OD1  1 
ATOM 1138 O OD2  . ASP B 1 26 ? 16.998  6.351   -8.470  1.00 2.48 ? 71 ASP B OD2  1 
ATOM 1139 H H    . ASP B 1 26 ? 12.765  6.533   -6.510  1.00 1.15 ? 71 ASP B H    1 
ATOM 1140 H HA   . ASP B 1 26 ? 14.674  5.314   -7.046  1.00 1.12 ? 71 ASP B HA   1 
ATOM 1141 H HB2  . ASP B 1 26 ? 15.651  7.770   -6.903  1.00 1.74 ? 71 ASP B HB2  1 
ATOM 1142 H HB3  . ASP B 1 26 ? 16.430  7.139   -5.452  1.00 1.75 ? 71 ASP B HB3  1 
ATOM 1143 N N    . ARG B 1 27 ? 14.072  4.300   -4.514  1.00 1.04 ? 72 ARG B N    1 
ATOM 1144 C CA   . ARG B 1 27 ? 14.271  3.406   -3.328  1.00 1.49 ? 72 ARG B CA   1 
ATOM 1145 C C    . ARG B 1 27 ? 14.000  1.944   -3.669  1.00 0.94 ? 72 ARG B C    1 
ATOM 1146 O O    . ARG B 1 27 ? 13.781  1.564   -4.803  1.00 1.29 ? 72 ARG B O    1 
ATOM 1147 C CB   . ARG B 1 27 ? 13.375  3.841   -2.170  1.00 2.55 ? 72 ARG B CB   1 
ATOM 1148 C CG   . ARG B 1 27 ? 14.002  5.066   -1.480  1.00 3.33 ? 72 ARG B CG   1 
ATOM 1149 C CD   . ARG B 1 27 ? 13.168  5.471   -0.267  1.00 4.16 ? 72 ARG B CD   1 
ATOM 1150 N NE   . ARG B 1 27 ? 14.062  5.653   0.915   1.00 4.68 ? 72 ARG B NE   1 
ATOM 1151 C CZ   . ARG B 1 27 ? 14.664  4.622   1.451   1.00 5.32 ? 72 ARG B CZ   1 
ATOM 1152 N NH1  . ARG B 1 27 ? 14.485  3.429   0.958   1.00 5.56 ? 72 ARG B NH1  1 
ATOM 1153 N NH2  . ARG B 1 27 ? 15.439  4.784   2.486   1.00 6.03 ? 72 ARG B NH2  1 
ATOM 1154 H H    . ARG B 1 27 ? 13.196  4.331   -4.957  1.00 1.03 ? 72 ARG B H    1 
ATOM 1155 H HA   . ARG B 1 27 ? 15.296  3.472   -3.005  1.00 2.08 ? 72 ARG B HA   1 
ATOM 1156 H HB2  . ARG B 1 27 ? 12.397  4.087   -2.550  1.00 2.90 ? 72 ARG B HB2  1 
ATOM 1157 H HB3  . ARG B 1 27 ? 13.287  3.035   -1.464  1.00 2.99 ? 72 ARG B HB3  1 
ATOM 1158 H HG2  . ARG B 1 27 ? 15.002  4.826   -1.149  1.00 3.54 ? 72 ARG B HG2  1 
ATOM 1159 H HG3  . ARG B 1 27 ? 14.045  5.887   -2.175  1.00 3.65 ? 72 ARG B HG3  1 
ATOM 1160 H HD2  . ARG B 1 27 ? 12.654  6.395   -0.476  1.00 4.45 ? 72 ARG B HD2  1 
ATOM 1161 H HD3  . ARG B 1 27 ? 12.452  4.706   -0.056  1.00 4.58 ? 72 ARG B HD3  1 
ATOM 1162 H HE   . ARG B 1 27 ? 14.194  6.548   1.293   1.00 4.81 ? 72 ARG B HE   1 
ATOM 1163 H HH11 . ARG B 1 27 ? 13.886  3.301   0.174   1.00 5.32 ? 72 ARG B HH11 1 
ATOM 1164 H HH12 . ARG B 1 27 ? 14.948  2.643   1.366   1.00 6.20 ? 72 ARG B HH12 1 
ATOM 1165 H HH21 . ARG B 1 27 ? 15.575  5.695   2.873   1.00 6.16 ? 72 ARG B HH21 1 
ATOM 1166 H HH22 . ARG B 1 27 ? 15.898  3.994   2.894   1.00 6.60 ? 72 ARG B HH22 1 
ATOM 1167 N N    . THR B 1 28 ? 14.108  1.129   -2.666  1.00 1.12 ? 73 THR B N    1 
ATOM 1168 C CA   . THR B 1 28 ? 13.969  -0.341  -2.808  1.00 1.12 ? 73 THR B CA   1 
ATOM 1169 C C    . THR B 1 28 ? 12.477  -0.796  -2.939  1.00 0.95 ? 73 THR B C    1 
ATOM 1170 O O    . THR B 1 28 ? 11.615  -0.276  -2.269  1.00 1.01 ? 73 THR B O    1 
ATOM 1171 C CB   . THR B 1 28 ? 14.625  -0.899  -1.532  1.00 1.80 ? 73 THR B CB   1 
ATOM 1172 O OG1  . THR B 1 28 ? 16.003  -1.134  -1.788  1.00 2.77 ? 73 THR B OG1  1 
ATOM 1173 C CG2  . THR B 1 28 ? 13.971  -2.202  -1.073  1.00 2.48 ? 73 THR B CG2  1 
ATOM 1174 H H    . THR B 1 28 ? 14.343  1.495   -1.789  1.00 1.72 ? 73 THR B H    1 
ATOM 1175 H HA   . THR B 1 28 ? 14.538  -0.647  -3.661  1.00 1.31 ? 73 THR B HA   1 
ATOM 1176 H HB   . THR B 1 28 ? 14.532  -0.148  -0.736  1.00 1.64 ? 73 THR B HB   1 
ATOM 1177 H HG1  . THR B 1 28 ? 16.092  -1.401  -2.706  1.00 3.07 ? 73 THR B HG1  1 
ATOM 1178 H HG21 . THR B 1 28 ? 13.000  -1.992  -0.686  1.00 2.85 ? 73 THR B HG21 1 
ATOM 1179 H HG22 . THR B 1 28 ? 14.573  -2.653  -0.299  1.00 2.82 ? 73 THR B HG22 1 
ATOM 1180 H HG23 . THR B 1 28 ? 13.889  -2.882  -1.899  1.00 2.99 ? 73 THR B HG23 1 
ATOM 1181 N N    . PRO B 1 29 ? 12.161  -1.770  -3.797  1.00 0.93 ? 74 PRO B N    1 
ATOM 1182 C CA   . PRO B 1 29 ? 10.751  -2.273  -3.956  1.00 0.99 ? 74 PRO B CA   1 
ATOM 1183 C C    . PRO B 1 29 ? 10.023  -2.562  -2.621  1.00 1.00 ? 74 PRO B C    1 
ATOM 1184 O O    . PRO B 1 29 ? 9.037   -1.945  -2.312  1.00 1.17 ? 74 PRO B O    1 
ATOM 1185 C CB   . PRO B 1 29 ? 10.905  -3.576  -4.737  1.00 1.30 ? 74 PRO B CB   1 
ATOM 1186 C CG   . PRO B 1 29 ? 12.188  -3.457  -5.487  1.00 1.24 ? 74 PRO B CG   1 
ATOM 1187 C CD   . PRO B 1 29 ? 13.078  -2.471  -4.729  1.00 1.09 ? 74 PRO B CD   1 
ATOM 1188 H HA   . PRO B 1 29 ? 10.175  -1.574  -4.545  1.00 0.97 ? 74 PRO B HA   1 
ATOM 1189 H HB2  . PRO B 1 29 ? 10.944  -4.414  -4.056  1.00 1.57 ? 74 PRO B HB2  1 
ATOM 1190 H HB3  . PRO B 1 29 ? 10.084  -3.694  -5.428  1.00 1.57 ? 74 PRO B HB3  1 
ATOM 1191 H HG2  . PRO B 1 29 ? 12.669  -4.425  -5.542  1.00 1.44 ? 74 PRO B HG2  1 
ATOM 1192 H HG3  . PRO B 1 29 ? 11.999  -3.083  -6.481  1.00 1.44 ? 74 PRO B HG3  1 
ATOM 1193 H HD2  . PRO B 1 29 ? 13.851  -3.000  -4.198  1.00 1.22 ? 74 PRO B HD2  1 
ATOM 1194 H HD3  . PRO B 1 29 ? 13.512  -1.765  -5.421  1.00 1.10 ? 74 PRO B HD3  1 
ATOM 1195 N N    . HIS B 1 30 ? 10.476  -3.501  -1.830  1.00 1.12 ? 75 HIS B N    1 
ATOM 1196 C CA   . HIS B 1 30 ? 9.756   -3.782  -0.539  1.00 1.25 ? 75 HIS B CA   1 
ATOM 1197 C C    . HIS B 1 30 ? 9.549   -2.465  0.186   1.00 1.10 ? 75 HIS B C    1 
ATOM 1198 O O    . HIS B 1 30 ? 8.461   -2.087  0.575   1.00 1.06 ? 75 HIS B O    1 
ATOM 1199 C CB   . HIS B 1 30 ? 10.637  -4.665  0.336   1.00 1.55 ? 75 HIS B CB   1 
ATOM 1200 C CG   . HIS B 1 30 ? 9.792   -5.481  1.271   1.00 2.03 ? 75 HIS B CG   1 
ATOM 1201 N ND1  . HIS B 1 30 ? 10.164  -6.757  1.672   1.00 2.68 ? 75 HIS B ND1  1 
ATOM 1202 C CD2  . HIS B 1 30 ? 8.601   -5.220  1.902   1.00 2.45 ? 75 HIS B CD2  1 
ATOM 1203 C CE1  . HIS B 1 30 ? 9.215   -7.211  2.510   1.00 3.37 ? 75 HIS B CE1  1 
ATOM 1204 N NE2  . HIS B 1 30 ? 8.243   -6.314  2.682   1.00 3.30 ? 75 HIS B NE2  1 
ATOM 1205 H H    . HIS B 1 30 ? 11.271  -4.017  -2.078  1.00 1.28 ? 75 HIS B H    1 
ATOM 1206 H HA   . HIS B 1 30 ? 8.811   -4.261  -0.724  1.00 1.32 ? 75 HIS B HA   1 
ATOM 1207 H HB2  . HIS B 1 30 ? 11.219  -5.318  -0.288  1.00 1.91 ? 75 HIS B HB2  1 
ATOM 1208 H HB3  . HIS B 1 30 ? 11.296  -4.034  0.915   1.00 1.67 ? 75 HIS B HB3  1 
ATOM 1209 H HD1  . HIS B 1 30 ? 10.973  -7.237  1.398   1.00 2.81 ? 75 HIS B HD1  1 
ATOM 1210 H HD2  . HIS B 1 30 ? 8.032   -4.308  1.809   1.00 2.39 ? 75 HIS B HD2  1 
ATOM 1211 H HE1  . HIS B 1 30 ? 9.239   -8.180  2.986   1.00 4.04 ? 75 HIS B HE1  1 
ATOM 1212 H HE2  . HIS B 1 30 ? 7.444   -6.405  3.242   1.00 3.85 ? 75 HIS B HE2  1 
ATOM 1213 N N    . TRP B 1 31 ? 10.621  -1.779  0.333   1.00 1.10 ? 76 TRP B N    1 
ATOM 1214 C CA   . TRP B 1 31 ? 10.638  -0.464  0.990   1.00 1.13 ? 76 TRP B CA   1 
ATOM 1215 C C    . TRP B 1 31 ? 9.667   0.479   0.261   1.00 0.86 ? 76 TRP B C    1 
ATOM 1216 O O    . TRP B 1 31 ? 9.014   1.310   0.855   1.00 0.88 ? 76 TRP B O    1 
ATOM 1217 C CB   . TRP B 1 31 ? 12.074  0.025   0.902   1.00 1.40 ? 76 TRP B CB   1 
ATOM 1218 C CG   . TRP B 1 31 ? 12.261  1.293   1.621   1.00 1.18 ? 76 TRP B CG   1 
ATOM 1219 C CD1  . TRP B 1 31 ? 11.887  2.479   1.141   1.00 1.41 ? 76 TRP B CD1  1 
ATOM 1220 C CD2  . TRP B 1 31 ? 12.890  1.535   2.908   1.00 2.11 ? 76 TRP B CD2  1 
ATOM 1221 N NE1  . TRP B 1 31 ? 12.261  3.452   2.030   1.00 2.15 ? 76 TRP B NE1  1 
ATOM 1222 C CE2  . TRP B 1 31 ? 12.872  2.923   3.150   1.00 2.58 ? 76 TRP B CE2  1 
ATOM 1223 C CE3  . TRP B 1 31 ? 13.468  0.697   3.877   1.00 3.04 ? 76 TRP B CE3  1 
ATOM 1224 C CZ2  . TRP B 1 31 ? 13.410  3.471   4.315   1.00 3.69 ? 76 TRP B CZ2  1 
ATOM 1225 C CZ3  . TRP B 1 31 ? 14.010  1.241   5.052   1.00 4.10 ? 76 TRP B CZ3  1 
ATOM 1226 C CH2  . TRP B 1 31 ? 13.981  2.626   5.271   1.00 4.36 ? 76 TRP B CH2  1 
ATOM 1227 H H    . TRP B 1 31 ? 11.446  -2.139  -0.011  1.00 1.16 ? 76 TRP B H    1 
ATOM 1228 H HA   . TRP B 1 31 ? 10.352  -0.567  2.015   1.00 1.32 ? 76 TRP B HA   1 
ATOM 1229 H HB2  . TRP B 1 31 ? 12.733  -0.718  1.320   1.00 1.93 ? 76 TRP B HB2  1 
ATOM 1230 H HB3  . TRP B 1 31 ? 12.325  0.175   -0.125  1.00 2.13 ? 76 TRP B HB3  1 
ATOM 1231 H HD1  . TRP B 1 31 ? 11.390  2.644   0.196   1.00 1.76 ? 76 TRP B HD1  1 
ATOM 1232 H HE1  . TRP B 1 31 ? 12.120  4.395   1.900   1.00 2.70 ? 76 TRP B HE1  1 
ATOM 1233 H HE3  . TRP B 1 31 ? 13.494  -0.371  3.716   1.00 3.16 ? 76 TRP B HE3  1 
ATOM 1234 H HZ2  . TRP B 1 31 ? 13.383  4.539   4.476   1.00 4.20 ? 76 TRP B HZ2  1 
ATOM 1235 H HZ3  . TRP B 1 31 ? 14.452  0.589   5.792   1.00 4.86 ? 76 TRP B HZ3  1 
ATOM 1236 H HH2  . TRP B 1 31 ? 14.400  3.040   6.176   1.00 5.26 ? 76 TRP B HH2  1 
ATOM 1237 N N    . LEU B 1 32 ? 9.539   0.349   -1.024  1.00 0.71 ? 77 LEU B N    1 
ATOM 1238 C CA   . LEU B 1 32 ? 8.566   1.222   -1.739  1.00 0.56 ? 77 LEU B CA   1 
ATOM 1239 C C    . LEU B 1 32 ? 7.171   0.886   -1.218  1.00 0.52 ? 77 LEU B C    1 
ATOM 1240 O O    . LEU B 1 32 ? 6.349   1.749   -0.987  1.00 0.57 ? 77 LEU B O    1 
ATOM 1241 C CB   . LEU B 1 32 ? 8.661   1.001   -3.271  1.00 0.57 ? 77 LEU B CB   1 
ATOM 1242 C CG   . LEU B 1 32 ? 7.509   1.685   -4.044  1.00 0.96 ? 77 LEU B CG   1 
ATOM 1243 C CD1  . LEU B 1 32 ? 6.170   0.957   -3.868  1.00 1.51 ? 77 LEU B CD1  1 
ATOM 1244 C CD2  . LEU B 1 32 ? 7.379   3.146   -3.628  1.00 1.89 ? 77 LEU B CD2  1 
ATOM 1245 H H    . LEU B 1 32 ? 10.047  -0.332  -1.502  1.00 0.78 ? 77 LEU B H    1 
ATOM 1246 H HA   . LEU B 1 32 ? 8.789   2.246   -1.512  1.00 0.67 ? 77 LEU B HA   1 
ATOM 1247 H HB2  . LEU B 1 32 ? 9.594   1.415   -3.618  1.00 0.95 ? 77 LEU B HB2  1 
ATOM 1248 H HB3  . LEU B 1 32 ? 8.654   -0.044  -3.491  1.00 0.98 ? 77 LEU B HB3  1 
ATOM 1249 H HG   . LEU B 1 32 ? 7.747   1.650   -5.082  1.00 1.62 ? 77 LEU B HG   1 
ATOM 1250 H HD11 . LEU B 1 32 ? 5.683   0.905   -4.823  1.00 2.04 ? 77 LEU B HD11 1 
ATOM 1251 H HD12 . LEU B 1 32 ? 5.538   1.492   -3.178  1.00 2.06 ? 77 LEU B HD12 1 
ATOM 1252 H HD13 . LEU B 1 32 ? 6.339   -0.039  -3.500  1.00 1.92 ? 77 LEU B HD13 1 
ATOM 1253 H HD21 . LEU B 1 32 ? 6.982   3.211   -2.646  1.00 2.31 ? 77 LEU B HD21 1 
ATOM 1254 H HD22 . LEU B 1 32 ? 6.723   3.654   -4.312  1.00 2.47 ? 77 LEU B HD22 1 
ATOM 1255 H HD23 . LEU B 1 32 ? 8.347   3.607   -3.650  1.00 2.40 ? 77 LEU B HD23 1 
ATOM 1256 N N    . ILE B 1 33 ? 6.887   -0.371  -1.045  1.00 0.54 ? 78 ILE B N    1 
ATOM 1257 C CA   . ILE B 1 33 ? 5.525   -0.742  -0.579  1.00 0.58 ? 78 ILE B CA   1 
ATOM 1258 C C    . ILE B 1 33 ? 5.166   0.085   0.649   1.00 0.64 ? 78 ILE B C    1 
ATOM 1259 O O    . ILE B 1 33 ? 4.052   0.546   0.786   1.00 0.65 ? 78 ILE B O    1 
ATOM 1260 C CB   . ILE B 1 33 ? 5.436   -2.216  -0.173  1.00 0.69 ? 78 ILE B CB   1 
ATOM 1261 C CG1  . ILE B 1 33 ? 6.060   -3.105  -1.248  1.00 0.84 ? 78 ILE B CG1  1 
ATOM 1262 C CG2  . ILE B 1 33 ? 3.966   -2.611  -0.007  1.00 1.04 ? 78 ILE B CG2  1 
ATOM 1263 C CD1  . ILE B 1 33 ? 5.989   -4.569  -0.805  1.00 1.19 ? 78 ILE B CD1  1 
ATOM 1264 H H    . ILE B 1 33 ? 7.552   -1.058  -1.246  1.00 0.60 ? 78 ILE B H    1 
ATOM 1265 H HA   . ILE B 1 33 ? 4.827   -0.545  -1.376  1.00 0.55 ? 78 ILE B HA   1 
ATOM 1266 H HB   . ILE B 1 33 ? 5.943   -2.355  0.768   1.00 0.99 ? 78 ILE B HB   1 
ATOM 1267 H HG12 . ILE B 1 33 ? 5.520   -2.981  -2.175  1.00 1.20 ? 78 ILE B HG12 1 
ATOM 1268 H HG13 . ILE B 1 33 ? 7.086   -2.825  -1.389  1.00 1.21 ? 78 ILE B HG13 1 
ATOM 1269 H HG21 . ILE B 1 33 ? 3.451   -1.867  0.580   1.00 1.45 ? 78 ILE B HG21 1 
ATOM 1270 H HG22 . ILE B 1 33 ? 3.908   -3.564  0.496   1.00 1.59 ? 78 ILE B HG22 1 
ATOM 1271 H HG23 . ILE B 1 33 ? 3.502   -2.689  -0.978  1.00 1.59 ? 78 ILE B HG23 1 
ATOM 1272 H HD11 . ILE B 1 33 ? 6.732   -5.143  -1.338  1.00 1.55 ? 78 ILE B HD11 1 
ATOM 1273 H HD12 . ILE B 1 33 ? 5.009   -4.964  -1.020  1.00 1.66 ? 78 ILE B HD12 1 
ATOM 1274 H HD13 . ILE B 1 33 ? 6.179   -4.633  0.257   1.00 1.80 ? 78 ILE B HD13 1 
ATOM 1275 N N    . LYS B 1 34 ? 6.084   0.261   1.565   1.00 0.74 ? 79 LYS B N    1 
ATOM 1276 C CA   . LYS B 1 34 ? 5.704   1.050   2.780   1.00 0.86 ? 79 LYS B CA   1 
ATOM 1277 C C    . LYS B 1 34 ? 5.315   2.470   2.349   1.00 0.80 ? 79 LYS B C    1 
ATOM 1278 O O    . LYS B 1 34 ? 4.350   3.022   2.829   1.00 0.87 ? 79 LYS B O    1 
ATOM 1279 C CB   . LYS B 1 34 ? 6.799   1.136   3.878   1.00 1.05 ? 79 LYS B CB   1 
ATOM 1280 C CG   . LYS B 1 34 ? 8.032   0.241   3.630   1.00 1.63 ? 79 LYS B CG   1 
ATOM 1281 C CD   . LYS B 1 34 ? 9.258   0.891   4.268   1.00 2.07 ? 79 LYS B CD   1 
ATOM 1282 C CE   . LYS B 1 34 ? 8.967   1.208   5.736   1.00 3.03 ? 79 LYS B CE   1 
ATOM 1283 N NZ   . LYS B 1 34 ? 10.229  1.129   6.520   1.00 3.55 ? 79 LYS B NZ   1 
ATOM 1284 H H    . LYS B 1 34 ? 6.985   -0.131  1.455   1.00 0.77 ? 79 LYS B H    1 
ATOM 1285 H HA   . LYS B 1 34 ? 4.828   0.584   3.210   1.00 0.93 ? 79 LYS B HA   1 
ATOM 1286 H HB2  . LYS B 1 34 ? 7.123   2.154   3.958   1.00 1.51 ? 79 LYS B HB2  1 
ATOM 1287 H HB3  . LYS B 1 34 ? 6.345   0.846   4.819   1.00 1.45 ? 79 LYS B HB3  1 
ATOM 1288 H HG2  . LYS B 1 34 ? 7.885   -0.719  4.069   1.00 2.12 ? 79 LYS B HG2  1 
ATOM 1289 H HG3  . LYS B 1 34 ? 8.208   0.120   2.601   1.00 2.19 ? 79 LYS B HG3  1 
ATOM 1290 H HD2  . LYS B 1 34 ? 10.096  0.211   4.207   1.00 2.18 ? 79 LYS B HD2  1 
ATOM 1291 H HD3  . LYS B 1 34 ? 9.496   1.802   3.743   1.00 2.41 ? 79 LYS B HD3  1 
ATOM 1292 H HE2  . LYS B 1 34 ? 8.556   2.203   5.816   1.00 3.55 ? 79 LYS B HE2  1 
ATOM 1293 H HE3  . LYS B 1 34 ? 8.257   0.492   6.124   1.00 3.44 ? 79 LYS B HE3  1 
ATOM 1294 H HZ1  . LYS B 1 34 ? 10.516  2.083   6.814   1.00 3.96 ? 79 LYS B HZ1  1 
ATOM 1295 H HZ2  . LYS B 1 34 ? 10.977  0.707   5.932   1.00 3.87 ? 79 LYS B HZ2  1 
ATOM 1296 H HZ3  . LYS B 1 34 ? 10.078  0.540   7.364   1.00 3.76 ? 79 LYS B HZ3  1 
ATOM 1297 N N    . GLN B 1 35 ? 6.033   3.079   1.444   1.00 0.72 ? 80 GLN B N    1 
ATOM 1298 C CA   . GLN B 1 35 ? 5.624   4.452   1.023   1.00 0.75 ? 80 GLN B CA   1 
ATOM 1299 C C    . GLN B 1 35 ? 4.278   4.348   0.327   1.00 0.66 ? 80 GLN B C    1 
ATOM 1300 O O    . GLN B 1 35 ? 3.339   5.048   0.646   1.00 0.74 ? 80 GLN B O    1 
ATOM 1301 C CB   . GLN B 1 35 ? 6.616   5.038   0.028   1.00 0.79 ? 80 GLN B CB   1 
ATOM 1302 C CG   . GLN B 1 35 ? 8.032   4.660   0.422   1.00 1.54 ? 80 GLN B CG   1 
ATOM 1303 C CD   . GLN B 1 35 ? 9.011   5.430   -0.463  1.00 2.16 ? 80 GLN B CD   1 
ATOM 1304 O OE1  . GLN B 1 35 ? 10.202  5.247   -0.370  1.00 2.64 ? 80 GLN B OE1  1 
ATOM 1305 N NE2  . GLN B 1 35 ? 8.552   6.300   -1.323  1.00 2.80 ? 80 GLN B NE2  1 
ATOM 1306 H H    . GLN B 1 35 ? 6.812   2.642   1.040   1.00 0.70 ? 80 GLN B H    1 
ATOM 1307 H HA   . GLN B 1 35 ? 5.542   5.094   1.881   1.00 0.85 ? 80 GLN B HA   1 
ATOM 1308 H HB2  . GLN B 1 35 ? 6.400   4.665   -0.954  1.00 1.36 ? 80 GLN B HB2  1 
ATOM 1309 H HB3  . GLN B 1 35 ? 6.528   6.112   0.025   1.00 1.31 ? 80 GLN B HB3  1 
ATOM 1310 H HG2  . GLN B 1 35 ? 8.196   4.915   1.458   1.00 2.06 ? 80 GLN B HG2  1 
ATOM 1311 H HG3  . GLN B 1 35 ? 8.172   3.601   0.282   1.00 2.04 ? 80 GLN B HG3  1 
ATOM 1312 H HE21 . GLN B 1 35 ? 7.588   6.456   -1.396  1.00 3.03 ? 80 GLN B HE21 1 
ATOM 1313 H HE22 . GLN B 1 35 ? 9.172   6.799   -1.893  1.00 3.36 ? 80 GLN B HE22 1 
ATOM 1314 N N    . ALA B 1 36 ? 4.185   3.473   -0.639  1.00 0.55 ? 81 ALA B N    1 
ATOM 1315 C CA   . ALA B 1 36 ? 2.905   3.329   -1.380  1.00 0.51 ? 81 ALA B CA   1 
ATOM 1316 C C    . ALA B 1 36 ? 1.744   3.202   -0.410  1.00 0.48 ? 81 ALA B C    1 
ATOM 1317 O O    . ALA B 1 36 ? 0.658   3.634   -0.711  1.00 0.63 ? 81 ALA B O    1 
ATOM 1318 C CB   . ALA B 1 36 ? 2.940   2.092   -2.277  1.00 0.50 ? 81 ALA B CB   1 
ATOM 1319 H H    . ALA B 1 36 ? 4.968   2.927   -0.885  1.00 0.54 ? 81 ALA B H    1 
ATOM 1320 H HA   . ALA B 1 36 ? 2.754   4.204   -1.988  1.00 0.59 ? 81 ALA B HA   1 
ATOM 1321 H HB1  . ALA B 1 36 ? 3.546   1.336   -1.814  1.00 1.06 ? 81 ALA B HB1  1 
ATOM 1322 H HB2  . ALA B 1 36 ? 3.355   2.352   -3.238  1.00 1.17 ? 81 ALA B HB2  1 
ATOM 1323 H HB3  . ALA B 1 36 ? 1.934   1.716   -2.407  1.00 1.13 ? 81 ALA B HB3  1 
ATOM 1324 N N    . ILE B 1 37 ? 1.947   2.615   0.744   1.00 0.47 ? 82 ILE B N    1 
ATOM 1325 C CA   . ILE B 1 37 ? 0.815   2.487   1.708   1.00 0.51 ? 82 ILE B CA   1 
ATOM 1326 C C    . ILE B 1 37 ? 0.810   3.686   2.660   1.00 0.55 ? 82 ILE B C    1 
ATOM 1327 O O    . ILE B 1 37 ? -0.186  4.357   2.799   1.00 0.57 ? 82 ILE B O    1 
ATOM 1328 C CB   . ILE B 1 37 ? 0.909   1.135   2.477   1.00 0.60 ? 82 ILE B CB   1 
ATOM 1329 C CG1  . ILE B 1 37 ? -0.500  0.604   2.758   1.00 0.81 ? 82 ILE B CG1  1 
ATOM 1330 C CG2  . ILE B 1 37 ? 1.647   1.277   3.817   1.00 0.76 ? 82 ILE B CG2  1 
ATOM 1331 C CD1  . ILE B 1 37 ? -1.006  -0.208  1.566   1.00 0.99 ? 82 ILE B CD1  1 
ATOM 1332 H H    . ILE B 1 37 ? 2.833   2.265   0.973   1.00 0.58 ? 82 ILE B H    1 
ATOM 1333 H HA   . ILE B 1 37 ? -0.112  2.513   1.157   1.00 0.52 ? 82 ILE B HA   1 
ATOM 1334 H HB   . ILE B 1 37 ? 1.439   0.411   1.871   1.00 0.97 ? 82 ILE B HB   1 
ATOM 1335 H HG12 . ILE B 1 37 ? -0.469  -0.034  3.626   1.00 1.49 ? 82 ILE B HG12 1 
ATOM 1336 H HG13 . ILE B 1 37 ? -1.170  1.430   2.943   1.00 1.43 ? 82 ILE B HG13 1 
ATOM 1337 H HG21 . ILE B 1 37 ? 1.073   1.891   4.495   1.00 1.43 ? 82 ILE B HG21 1 
ATOM 1338 H HG22 . ILE B 1 37 ? 2.613   1.715   3.656   1.00 1.28 ? 82 ILE B HG22 1 
ATOM 1339 H HG23 . ILE B 1 37 ? 1.778   0.298   4.252   1.00 1.26 ? 82 ILE B HG23 1 
ATOM 1340 H HD11 . ILE B 1 37 ? -0.994  0.404   0.678   1.00 1.59 ? 82 ILE B HD11 1 
ATOM 1341 H HD12 . ILE B 1 37 ? -2.016  -0.538  1.759   1.00 1.54 ? 82 ILE B HD12 1 
ATOM 1342 H HD13 . ILE B 1 37 ? -0.370  -1.067  1.422   1.00 1.49 ? 82 ILE B HD13 1 
ATOM 1343 N N    . PHE B 1 38 ? 1.904   3.974   3.305   1.00 0.61 ? 83 PHE B N    1 
ATOM 1344 C CA   . PHE B 1 38 ? 1.929   5.132   4.243   1.00 0.71 ? 83 PHE B CA   1 
ATOM 1345 C C    . PHE B 1 38 ? 1.953   6.435   3.460   1.00 0.68 ? 83 PHE B C    1 
ATOM 1346 O O    . PHE B 1 38 ? 1.215   7.354   3.757   1.00 0.70 ? 83 PHE B O    1 
ATOM 1347 C CB   . PHE B 1 38 ? 3.152   5.008   5.172   1.00 0.93 ? 83 PHE B CB   1 
ATOM 1348 C CG   . PHE B 1 38 ? 4.025   6.246   5.104   1.00 0.87 ? 83 PHE B CG   1 
ATOM 1349 C CD1  . PHE B 1 38 ? 3.552   7.472   5.589   1.00 1.72 ? 83 PHE B CD1  1 
ATOM 1350 C CD2  . PHE B 1 38 ? 5.317   6.163   4.563   1.00 1.80 ? 83 PHE B CD2  1 
ATOM 1351 C CE1  . PHE B 1 38 ? 4.364   8.610   5.529   1.00 2.53 ? 83 PHE B CE1  1 
ATOM 1352 C CE2  . PHE B 1 38 ? 6.129   7.302   4.504   1.00 2.56 ? 83 PHE B CE2  1 
ATOM 1353 C CZ   . PHE B 1 38 ? 5.652   8.526   4.986   1.00 2.75 ? 83 PHE B CZ   1 
ATOM 1354 H H    . PHE B 1 38 ? 2.711   3.442   3.165   1.00 0.63 ? 83 PHE B H    1 
ATOM 1355 H HA   . PHE B 1 38 ? 1.024   5.115   4.841   1.00 0.74 ? 83 PHE B HA   1 
ATOM 1356 H HB2  . PHE B 1 38 ? 2.813   4.871   6.187   1.00 1.63 ? 83 PHE B HB2  1 
ATOM 1357 H HB3  . PHE B 1 38 ? 3.731   4.145   4.875   1.00 1.51 ? 83 PHE B HB3  1 
ATOM 1358 H HD1  . PHE B 1 38 ? 2.559   7.540   6.008   1.00 2.29 ? 83 PHE B HD1  1 
ATOM 1359 H HD2  . PHE B 1 38 ? 5.690   5.221   4.196   1.00 2.41 ? 83 PHE B HD2  1 
ATOM 1360 H HE1  . PHE B 1 38 ? 3.997   9.554   5.900   1.00 3.38 ? 83 PHE B HE1  1 
ATOM 1361 H HE2  . PHE B 1 38 ? 7.122   7.236   4.085   1.00 3.41 ? 83 PHE B HE2  1 
ATOM 1362 H HZ   . PHE B 1 38 ? 6.278   9.405   4.941   1.00 3.55 ? 83 PHE B HZ   1 
ATOM 1363 N N    . ASN B 1 39 ? 2.778   6.539   2.464   1.00 0.69 ? 84 ASN B N    1 
ATOM 1364 C CA   . ASN B 1 39 ? 2.802   7.800   1.697   1.00 0.75 ? 84 ASN B CA   1 
ATOM 1365 C C    . ASN B 1 39 ? 1.425   8.011   1.114   1.00 0.68 ? 84 ASN B C    1 
ATOM 1366 O O    . ASN B 1 39 ? 0.947   9.122   0.993   1.00 0.73 ? 84 ASN B O    1 
ATOM 1367 C CB   . ASN B 1 39 ? 3.822   7.719   0.577   1.00 0.84 ? 84 ASN B CB   1 
ATOM 1368 C CG   . ASN B 1 39 ? 4.236   9.130   0.143   1.00 0.93 ? 84 ASN B CG   1 
ATOM 1369 O OD1  . ASN B 1 39 ? 3.825   10.109  0.736   1.00 1.50 ? 84 ASN B OD1  1 
ATOM 1370 N ND2  . ASN B 1 39 ? 5.035   9.279   -0.877  1.00 1.18 ? 84 ASN B ND2  1 
ATOM 1371 H H    . ASN B 1 39 ? 3.364   5.797   2.219   1.00 0.69 ? 84 ASN B H    1 
ATOM 1372 H HA   . ASN B 1 39 ? 3.046   8.608   2.362   1.00 0.83 ? 84 ASN B HA   1 
ATOM 1373 H HB2  . ASN B 1 39 ? 4.671   7.179   0.935   1.00 1.25 ? 84 ASN B HB2  1 
ATOM 1374 H HB3  . ASN B 1 39 ? 3.393   7.201   -0.267  1.00 1.09 ? 84 ASN B HB3  1 
ATOM 1375 H HD21 . ASN B 1 39 ? 5.365   8.492   -1.359  1.00 1.37 ? 84 ASN B HD21 1 
ATOM 1376 H HD22 . ASN B 1 39 ? 5.303   10.177  -1.162  1.00 1.55 ? 84 ASN B HD22 1 
ATOM 1377 N N    . TYR B 1 40 ? 0.767   6.944   0.763   1.00 0.60 ? 85 TYR B N    1 
ATOM 1378 C CA   . TYR B 1 40 ? -0.585  7.086   0.208   1.00 0.60 ? 85 TYR B CA   1 
ATOM 1379 C C    . TYR B 1 40 ? -1.445  7.771   1.251   1.00 0.56 ? 85 TYR B C    1 
ATOM 1380 O O    . TYR B 1 40 ? -2.293  8.577   0.933   1.00 0.63 ? 85 TYR B O    1 
ATOM 1381 C CB   . TYR B 1 40 ? -1.113  5.697   -0.133  1.00 0.58 ? 85 TYR B CB   1 
ATOM 1382 C CG   . TYR B 1 40 ? -2.617  5.646   -0.139  1.00 0.64 ? 85 TYR B CG   1 
ATOM 1383 C CD1  . TYR B 1 40 ? -3.334  6.102   -1.247  1.00 1.24 ? 85 TYR B CD1  1 
ATOM 1384 C CD2  . TYR B 1 40 ? -3.291  5.096   0.957   1.00 1.50 ? 85 TYR B CD2  1 
ATOM 1385 C CE1  . TYR B 1 40 ? -4.730  6.010   -1.258  1.00 1.31 ? 85 TYR B CE1  1 
ATOM 1386 C CE2  . TYR B 1 40 ? -4.686  5.008   0.950   1.00 1.57 ? 85 TYR B CE2  1 
ATOM 1387 C CZ   . TYR B 1 40 ? -5.406  5.464   -0.160  1.00 0.91 ? 85 TYR B CZ   1 
ATOM 1388 O OH   . TYR B 1 40 ? -6.781  5.374   -0.174  1.00 1.09 ? 85 TYR B OH   1 
ATOM 1389 H H    . TYR B 1 40 ? 1.161   6.042   0.883   1.00 0.58 ? 85 TYR B H    1 
ATOM 1390 H HA   . TYR B 1 40 ? -0.539  7.696   -0.681  1.00 0.70 ? 85 TYR B HA   1 
ATOM 1391 H HB2  . TYR B 1 40 ? -0.756  5.429   -1.108  1.00 0.60 ? 85 TYR B HB2  1 
ATOM 1392 H HB3  . TYR B 1 40 ? -0.740  4.992   0.593   1.00 0.62 ? 85 TYR B HB3  1 
ATOM 1393 H HD1  . TYR B 1 40 ? -2.812  6.528   -2.091  1.00 2.05 ? 85 TYR B HD1  1 
ATOM 1394 H HD2  . TYR B 1 40 ? -2.733  4.744   1.813   1.00 2.33 ? 85 TYR B HD2  1 
ATOM 1395 H HE1  . TYR B 1 40 ? -5.286  6.360   -2.111  1.00 2.13 ? 85 TYR B HE1  1 
ATOM 1396 H HE2  . TYR B 1 40 ? -5.206  4.587   1.796   1.00 2.42 ? 85 TYR B HE2  1 
ATOM 1397 H HH   . TYR B 1 40 ? -7.045  4.988   -1.012  1.00 1.45 ? 85 TYR B HH   1 
ATOM 1398 N N    . LEU B 1 41 ? -1.212  7.499   2.504   1.00 0.51 ? 86 LEU B N    1 
ATOM 1399 C CA   . LEU B 1 41 ? -2.028  8.205   3.533   1.00 0.54 ? 86 LEU B CA   1 
ATOM 1400 C C    . LEU B 1 41 ? -1.602  9.672   3.549   1.00 0.65 ? 86 LEU B C    1 
ATOM 1401 O O    . LEU B 1 41 ? -2.419  10.572  3.599   1.00 0.73 ? 86 LEU B O    1 
ATOM 1402 C CB   . LEU B 1 41 ? -1.802  7.626   4.931   1.00 0.56 ? 86 LEU B CB   1 
ATOM 1403 C CG   . LEU B 1 41 ? -2.057  6.111   4.965   1.00 0.48 ? 86 LEU B CG   1 
ATOM 1404 C CD1  . LEU B 1 41 ? -1.648  5.569   6.339   1.00 1.21 ? 86 LEU B CD1  1 
ATOM 1405 C CD2  . LEU B 1 41 ? -3.545  5.781   4.722   1.00 1.07 ? 86 LEU B CD2  1 
ATOM 1406 H H    . LEU B 1 41 ? -0.488  6.870   2.758   1.00 0.50 ? 86 LEU B H    1 
ATOM 1407 H HA   . LEU B 1 41 ? -3.063  8.143   3.273   1.00 0.57 ? 86 LEU B HA   1 
ATOM 1408 H HB2  . LEU B 1 41 ? -0.780  7.823   5.221   1.00 0.70 ? 86 LEU B HB2  1 
ATOM 1409 H HB3  . LEU B 1 41 ? -2.468  8.114   5.626   1.00 0.70 ? 86 LEU B HB3  1 
ATOM 1410 H HG   . LEU B 1 41 ? -1.462  5.643   4.212   1.00 0.92 ? 86 LEU B HG   1 
ATOM 1411 H HD11 . LEU B 1 41 ? -1.267  6.372   6.953   1.00 1.76 ? 86 LEU B HD11 1 
ATOM 1412 H HD12 . LEU B 1 41 ? -0.882  4.820   6.213   1.00 1.78 ? 86 LEU B HD12 1 
ATOM 1413 H HD13 . LEU B 1 41 ? -2.503  5.130   6.825   1.00 1.74 ? 86 LEU B HD13 1 
ATOM 1414 H HD21 . LEU B 1 41 ? -4.156  6.350   5.405   1.00 1.64 ? 86 LEU B HD21 1 
ATOM 1415 H HD22 . LEU B 1 41 ? -3.713  4.725   4.885   1.00 1.63 ? 86 LEU B HD22 1 
ATOM 1416 H HD23 . LEU B 1 41 ? -3.817  6.022   3.706   1.00 1.62 ? 86 LEU B HD23 1 
ATOM 1417 N N    . GLU B 1 42 ? -0.319  9.915   3.517   1.00 0.71 ? 87 GLU B N    1 
ATOM 1418 C CA   . GLU B 1 42 ? 0.177   11.317  3.540   1.00 0.86 ? 87 GLU B CA   1 
ATOM 1419 C C    . GLU B 1 42 ? -0.290  12.059  2.293   1.00 0.91 ? 87 GLU B C    1 
ATOM 1420 O O    . GLU B 1 42 ? -0.488  13.257  2.309   1.00 1.03 ? 87 GLU B O    1 
ATOM 1421 C CB   . GLU B 1 42 ? 1.704   11.328  3.606   1.00 0.95 ? 87 GLU B CB   1 
ATOM 1422 C CG   . GLU B 1 42 ? 2.188   12.753  3.887   1.00 1.44 ? 87 GLU B CG   1 
ATOM 1423 C CD   . GLU B 1 42 ? 3.716   12.795  3.835   1.00 2.07 ? 87 GLU B CD   1 
ATOM 1424 O OE1  . GLU B 1 42 ? 4.283   12.061  3.042   1.00 2.51 ? 87 GLU B OE1  1 
ATOM 1425 O OE2  . GLU B 1 42 ? 4.294   13.563  4.587   1.00 2.75 ? 87 GLU B OE2  1 
ATOM 1426 H H    . GLU B 1 42 ? 0.318   9.172   3.483   1.00 0.68 ? 87 GLU B H    1 
ATOM 1427 H HA   . GLU B 1 42 ? -0.224  11.810  4.408   1.00 0.92 ? 87 GLU B HA   1 
ATOM 1428 H HB2  . GLU B 1 42 ? 2.036   10.670  4.396   1.00 1.16 ? 87 GLU B HB2  1 
ATOM 1429 H HB3  . GLU B 1 42 ? 2.108   10.992  2.663   1.00 1.25 ? 87 GLU B HB3  1 
ATOM 1430 H HG2  . GLU B 1 42 ? 1.783   13.423  3.143   1.00 1.87 ? 87 GLU B HG2  1 
ATOM 1431 H HG3  . GLU B 1 42 ? 1.855   13.058  4.867   1.00 1.81 ? 87 GLU B HG3  1 
ATOM 1432 N N    . LYS B 1 43 ? -0.467  11.369  1.206   1.00 0.87 ? 88 LYS B N    1 
ATOM 1433 C CA   . LYS B 1 43 ? -0.926  12.065  -0.020  1.00 0.99 ? 88 LYS B CA   1 
ATOM 1434 C C    . LYS B 1 43 ? -2.358  12.548  0.189   1.00 1.01 ? 88 LYS B C    1 
ATOM 1435 O O    . LYS B 1 43 ? -2.635  13.731  0.218   1.00 1.15 ? 88 LYS B O    1 
ATOM 1436 C CB   . LYS B 1 43 ? -0.880  11.113  -1.217  1.00 1.02 ? 88 LYS B CB   1 
ATOM 1437 C CG   . LYS B 1 43 ? 0.317   11.464  -2.103  1.00 1.21 ? 88 LYS B CG   1 
ATOM 1438 C CD   . LYS B 1 43 ? 0.350   10.525  -3.307  1.00 1.27 ? 88 LYS B CD   1 
ATOM 1439 C CE   . LYS B 1 43 ? 1.543   10.880  -4.196  1.00 1.37 ? 88 LYS B CE   1 
ATOM 1440 N NZ   . LYS B 1 43 ? 2.502   9.739   -4.222  1.00 1.90 ? 88 LYS B NZ   1 
ATOM 1441 H H    . LYS B 1 43 ? -0.302  10.403  1.197   1.00 0.80 ? 88 LYS B H    1 
ATOM 1442 H HA   . LYS B 1 43 ? -0.285  12.906  -0.208  1.00 1.10 ? 88 LYS B HA   1 
ATOM 1443 H HB2  . LYS B 1 43 ? -0.782  10.096  -0.863  1.00 1.28 ? 88 LYS B HB2  1 
ATOM 1444 H HB3  . LYS B 1 43 ? -1.790  11.209  -1.789  1.00 1.34 ? 88 LYS B HB3  1 
ATOM 1445 H HG2  . LYS B 1 43 ? 0.224   12.484  -2.448  1.00 1.87 ? 88 LYS B HG2  1 
ATOM 1446 H HG3  . LYS B 1 43 ? 1.229   11.354  -1.537  1.00 1.80 ? 88 LYS B HG3  1 
ATOM 1447 H HD2  . LYS B 1 43 ? 0.442   9.507   -2.964  1.00 1.82 ? 88 LYS B HD2  1 
ATOM 1448 H HD3  . LYS B 1 43 ? -0.563  10.634  -3.873  1.00 1.90 ? 88 LYS B HD3  1 
ATOM 1449 H HE2  . LYS B 1 43 ? 1.198   11.083  -5.198  1.00 1.81 ? 88 LYS B HE2  1 
ATOM 1450 H HE3  . LYS B 1 43 ? 2.037   11.756  -3.801  1.00 1.84 ? 88 LYS B HE3  1 
ATOM 1451 H HZ1  . LYS B 1 43 ? 2.231   9.076   -4.975  1.00 2.22 ? 88 LYS B HZ1  1 
ATOM 1452 H HZ2  . LYS B 1 43 ? 2.483   9.250   -3.304  1.00 2.39 ? 88 LYS B HZ2  1 
ATOM 1453 H HZ3  . LYS B 1 43 ? 3.461   10.096  -4.407  1.00 2.37 ? 88 LYS B HZ3  1 
ATOM 1454 N N    . LEU B 1 44 ? -3.268  11.631  0.324   1.00 0.93 ? 89 LEU B N    1 
ATOM 1455 C CA   . LEU B 1 44 ? -4.698  11.998  0.522   1.00 1.03 ? 89 LEU B CA   1 
ATOM 1456 C C    . LEU B 1 44 ? -4.951  12.494  1.929   1.00 1.08 ? 89 LEU B C    1 
ATOM 1457 O O    . LEU B 1 44 ? -6.072  12.768  2.304   1.00 1.28 ? 89 LEU B O    1 
ATOM 1458 C CB   . LEU B 1 44 ? -5.578  10.782  0.259   1.00 0.99 ? 89 LEU B CB   1 
ATOM 1459 C CG   . LEU B 1 44 ? -5.141  9.644   1.192   1.00 0.77 ? 89 LEU B CG   1 
ATOM 1460 C CD1  . LEU B 1 44 ? -6.242  9.386   2.223   1.00 0.86 ? 89 LEU B CD1  1 
ATOM 1461 C CD2  . LEU B 1 44 ? -4.902  8.366   0.382   1.00 0.80 ? 89 LEU B CD2  1 
ATOM 1462 H H    . LEU B 1 44 ? -3.008  10.686  0.294   1.00 0.84 ? 89 LEU B H    1 
ATOM 1463 H HA   . LEU B 1 44 ? -4.949  12.787  -0.151  1.00 1.15 ? 89 LEU B HA   1 
ATOM 1464 H HB2  . LEU B 1 44 ? -6.610  11.036  0.457   1.00 1.17 ? 89 LEU B HB2  1 
ATOM 1465 H HB3  . LEU B 1 44 ? -5.473  10.474  -0.768  1.00 1.11 ? 89 LEU B HB3  1 
ATOM 1466 H HG   . LEU B 1 44 ? -4.228  9.925   1.708   1.00 0.75 ? 89 LEU B HG   1 
ATOM 1467 H HD11 . LEU B 1 44 ? -6.450  10.299  2.762   1.00 1.36 ? 89 LEU B HD11 1 
ATOM 1468 H HD12 . LEU B 1 44 ? -5.914  8.626   2.916   1.00 1.40 ? 89 LEU B HD12 1 
ATOM 1469 H HD13 . LEU B 1 44 ? -7.137  9.054   1.719   1.00 1.27 ? 89 LEU B HD13 1 
ATOM 1470 H HD21 . LEU B 1 44 ? -5.838  8.030   -0.033  1.00 1.16 ? 89 LEU B HD21 1 
ATOM 1471 H HD22 . LEU B 1 44 ? -4.500  7.604   1.033   1.00 1.33 ? 89 LEU B HD22 1 
ATOM 1472 H HD23 . LEU B 1 44 ? -4.202  8.560   -0.418  1.00 1.43 ? 89 LEU B HD23 1 
ATOM 1473 N N    . GLU B 1 45 ? -3.942  12.623  2.711   1.00 1.02 ? 90 GLU B N    1 
ATOM 1474 C CA   . GLU B 1 45 ? -4.169  13.108  4.080   1.00 1.15 ? 90 GLU B CA   1 
ATOM 1475 C C    . GLU B 1 45 ? -4.804  14.501  3.991   1.00 2.15 ? 90 GLU B C    1 
ATOM 1476 O O    . GLU B 1 45 ? -4.407  15.322  3.188   1.00 2.87 ? 90 GLU B O    1 
ATOM 1477 C CB   . GLU B 1 45 ? -2.815  13.148  4.793   1.00 1.69 ? 90 GLU B CB   1 
ATOM 1478 C CG   . GLU B 1 45 ? -2.734  14.316  5.766   1.00 2.46 ? 90 GLU B CG   1 
ATOM 1479 C CD   . GLU B 1 45 ? -3.939  14.290  6.713   1.00 3.39 ? 90 GLU B CD   1 
ATOM 1480 O OE1  . GLU B 1 45 ? -4.087  13.309  7.423   1.00 3.98 ? 90 GLU B OE1  1 
ATOM 1481 O OE2  . GLU B 1 45 ? -4.690  15.250  6.709   1.00 3.89 ? 90 GLU B OE2  1 
ATOM 1482 H H    . GLU B 1 45 ? -3.038  12.404  2.400   1.00 0.97 ? 90 GLU B H    1 
ATOM 1483 H HA   . GLU B 1 45 ? -4.836  12.437  4.599   1.00 1.44 ? 90 GLU B HA   1 
ATOM 1484 H HB2  . GLU B 1 45 ? -2.672  12.225  5.334   1.00 2.25 ? 90 GLU B HB2  1 
ATOM 1485 H HB3  . GLU B 1 45 ? -2.037  13.250  4.059   1.00 2.14 ? 90 GLU B HB3  1 
ATOM 1486 H HG2  . GLU B 1 45 ? -1.831  14.217  6.335   1.00 2.78 ? 90 GLU B HG2  1 
ATOM 1487 H HG3  . GLU B 1 45 ? -2.708  15.249  5.221   1.00 2.83 ? 90 GLU B HG3  1 
# 
